data_3ZBY
#
_entry.id   3ZBY
#
_cell.length_a   94.051
_cell.length_b   162.847
_cell.length_c   266.443
_cell.angle_alpha   90.00
_cell.angle_beta   90.00
_cell.angle_gamma   90.00
#
_symmetry.space_group_name_H-M   'C 1 2 1'
#
loop_
_entity.id
_entity.type
_entity.pdbx_description
1 polymer 'P450 HEME-THIOLATE PROTEIN'
2 branched Cycloheptakis-(1-4)-(alpha-D-glucopyranose)
3 non-polymer 'PROTOPORPHYRIN IX CONTAINING FE'
4 non-polymer 'SULFATE ION'
5 non-polymer 1,2-ETHANEDIOL
6 water water
#
_entity_poly.entity_id   1
_entity_poly.type   'polypeptide(L)'
_entity_poly.pdbx_seq_one_letter_code
;MTQMLTRPDVDLVNGMFYADGGAREAYRWMRANEPVFRDRNGLAAATTYQAVLDAERNPELFSSTGGIRPDQPGMPYMID
MDDPQHLLRRKLVNAGFTRKRVMDKVDSIGRLCDTLIDAVCERGECDFVRDIAAPLPMAVIGDMLGVLPTERDMLLKWSD
DLVCGLSSHVDEAAIQKLMDTFAAYTEFTKDVITKRRAEPTDDLFSVLVNSEVEGQRMSDDEIVFETLLILIGGDETTRH
TLSGGTEQLLRHRDQWDALVADVDLLPGAIEEMLRWTSPVKNMCRTLTADTVFHGTELRAGEKIMLMFESANFDESVFGD
PDNFRIDRNPNSHVAFGFGTHFCLGNQLARLELRLMTERVLRRLPDLRLADDAPVPLRPANFVSGPESMPVVFTPSAPVL
AHHHHHH
;
_entity_poly.pdbx_strand_id   A,B,C,D,E,F
#
# COMPACT_ATOMS: atom_id res chain seq x y z
N THR A 2 57.48 -71.29 16.03
CA THR A 2 56.89 -71.50 14.66
C THR A 2 57.32 -70.42 13.64
N GLN A 3 57.09 -69.13 13.92
CA GLN A 3 57.70 -68.10 13.05
C GLN A 3 59.23 -67.89 13.18
N MET A 4 59.87 -67.53 12.05
CA MET A 4 61.31 -67.37 12.02
C MET A 4 61.71 -66.11 12.77
N LEU A 5 62.84 -66.22 13.46
CA LEU A 5 63.40 -65.11 14.21
C LEU A 5 63.49 -63.87 13.39
N THR A 6 63.92 -63.99 12.12
CA THR A 6 64.20 -62.80 11.30
C THR A 6 63.03 -62.40 10.43
N ARG A 7 61.87 -63.07 10.56
CA ARG A 7 60.65 -62.66 9.78
C ARG A 7 60.29 -61.20 10.08
N PRO A 8 60.15 -60.37 9.07
CA PRO A 8 59.75 -59.01 9.42
C PRO A 8 58.38 -58.97 10.14
N ASP A 9 58.24 -58.04 11.09
CA ASP A 9 57.01 -57.89 11.82
C ASP A 9 56.46 -56.53 11.39
N VAL A 10 55.62 -56.54 10.34
CA VAL A 10 55.19 -55.31 9.68
C VAL A 10 53.69 -55.30 9.39
N ASP A 11 53.16 -54.10 9.31
CA ASP A 11 51.82 -53.80 8.84
C ASP A 11 51.98 -53.09 7.49
N LEU A 12 51.59 -53.71 6.41
CA LEU A 12 51.80 -53.10 5.14
C LEU A 12 50.81 -51.96 4.84
N VAL A 13 49.84 -51.73 5.71
N VAL A 13 49.84 -51.69 5.70
CA VAL A 13 48.92 -50.60 5.54
CA VAL A 13 48.95 -50.51 5.51
C VAL A 13 49.45 -49.38 6.30
C VAL A 13 49.34 -49.45 6.53
N ASN A 14 50.54 -49.58 7.06
CA ASN A 14 51.06 -48.54 7.95
C ASN A 14 52.04 -47.68 7.11
N GLY A 15 51.74 -46.37 6.94
CA GLY A 15 52.51 -45.51 6.08
C GLY A 15 53.97 -45.43 6.49
N MET A 16 54.22 -45.59 7.78
CA MET A 16 55.64 -45.53 8.27
C MET A 16 56.53 -46.65 7.70
N PHE A 17 55.93 -47.76 7.27
CA PHE A 17 56.73 -48.87 6.72
C PHE A 17 57.43 -48.38 5.42
N TYR A 18 56.73 -47.53 4.66
CA TYR A 18 57.25 -47.07 3.34
C TYR A 18 58.19 -45.84 3.47
N ALA A 19 58.23 -45.26 4.64
CA ALA A 19 58.94 -43.99 4.90
C ALA A 19 60.17 -44.16 5.80
N ASP A 20 60.28 -45.23 6.60
CA ASP A 20 61.30 -45.17 7.65
C ASP A 20 62.63 -45.74 7.14
N GLY A 21 62.65 -46.19 5.88
CA GLY A 21 63.87 -46.73 5.29
C GLY A 21 64.12 -48.23 5.49
N GLY A 22 63.22 -48.90 6.22
CA GLY A 22 63.37 -50.38 6.45
C GLY A 22 62.67 -51.22 5.38
N ALA A 23 61.96 -50.61 4.41
CA ALA A 23 61.18 -51.42 3.46
C ALA A 23 62.02 -52.40 2.63
N ARG A 24 63.10 -51.91 2.02
CA ARG A 24 63.84 -52.74 1.08
C ARG A 24 64.48 -53.96 1.79
N GLU A 25 64.95 -53.77 3.04
CA GLU A 25 65.45 -54.88 3.83
C GLU A 25 64.28 -55.91 4.03
N ALA A 26 63.09 -55.42 4.36
CA ALA A 26 61.99 -56.32 4.62
C ALA A 26 61.61 -57.04 3.30
N TYR A 27 61.62 -56.32 2.18
CA TYR A 27 61.32 -56.96 0.85
C TYR A 27 62.38 -58.04 0.54
N ARG A 28 63.62 -57.77 0.89
CA ARG A 28 64.62 -58.79 0.60
C ARG A 28 64.27 -60.09 1.30
N TRP A 29 63.86 -59.98 2.55
CA TRP A 29 63.52 -61.21 3.32
C TRP A 29 62.30 -61.93 2.64
N MET A 30 61.26 -61.15 2.30
CA MET A 30 60.02 -61.69 1.67
C MET A 30 60.29 -62.39 0.36
N ARG A 31 61.02 -61.73 -0.57
CA ARG A 31 61.29 -62.36 -1.88
C ARG A 31 62.05 -63.68 -1.70
N ALA A 32 62.93 -63.71 -0.70
CA ALA A 32 63.80 -64.88 -0.52
C ALA A 32 63.09 -66.00 0.24
N ASN A 33 62.17 -65.68 1.15
CA ASN A 33 61.67 -66.65 2.14
C ASN A 33 60.15 -66.93 2.06
N GLU A 34 59.39 -65.95 1.60
CA GLU A 34 57.94 -66.09 1.48
C GLU A 34 57.44 -65.08 0.44
N PRO A 35 57.61 -65.46 -0.84
CA PRO A 35 57.37 -64.49 -1.93
C PRO A 35 55.96 -63.89 -1.94
N VAL A 36 54.94 -64.67 -1.57
CA VAL A 36 53.62 -64.06 -1.34
C VAL A 36 53.46 -64.01 0.16
N PHE A 37 53.78 -62.85 0.73
CA PHE A 37 54.05 -62.70 2.18
C PHE A 37 52.77 -62.31 2.90
N ARG A 38 52.49 -62.82 4.08
CA ARG A 38 51.31 -62.29 4.85
C ARG A 38 51.85 -61.40 6.01
N ASP A 39 51.41 -60.14 6.09
CA ASP A 39 51.85 -59.27 7.15
C ASP A 39 51.26 -59.65 8.50
N ARG A 40 51.50 -58.79 9.50
CA ARG A 40 51.05 -59.14 10.84
C ARG A 40 49.55 -59.23 10.97
N ASN A 41 48.81 -58.62 10.06
CA ASN A 41 47.35 -58.75 10.11
C ASN A 41 46.77 -59.72 9.06
N GLY A 42 47.64 -60.54 8.47
CA GLY A 42 47.21 -61.58 7.51
C GLY A 42 47.09 -61.05 6.07
N LEU A 43 47.46 -59.79 5.84
CA LEU A 43 47.28 -59.18 4.49
C LEU A 43 48.36 -59.74 3.54
N ALA A 44 47.93 -60.34 2.44
CA ALA A 44 48.86 -60.96 1.48
C ALA A 44 49.49 -59.91 0.57
N ALA A 45 50.74 -60.12 0.18
CA ALA A 45 51.46 -59.19 -0.67
C ALA A 45 52.34 -59.97 -1.64
N ALA A 46 52.21 -59.68 -2.92
CA ALA A 46 52.99 -60.28 -3.96
C ALA A 46 54.32 -59.49 -4.01
N THR A 47 55.45 -60.10 -3.63
CA THR A 47 56.65 -59.29 -3.49
C THR A 47 57.69 -59.53 -4.55
N THR A 48 57.60 -60.65 -5.30
CA THR A 48 58.61 -60.84 -6.33
C THR A 48 58.09 -60.30 -7.64
N TYR A 49 59.01 -60.04 -8.55
CA TYR A 49 58.64 -59.58 -9.86
C TYR A 49 57.75 -60.59 -10.56
N GLN A 50 58.09 -61.89 -10.47
CA GLN A 50 57.28 -62.89 -11.09
C GLN A 50 55.85 -62.96 -10.51
N ALA A 51 55.68 -62.89 -9.20
CA ALA A 51 54.33 -62.97 -8.62
C ALA A 51 53.51 -61.68 -9.03
N VAL A 52 54.17 -60.54 -9.12
CA VAL A 52 53.44 -59.32 -9.56
C VAL A 52 53.00 -59.45 -11.04
N LEU A 53 53.90 -59.90 -11.90
CA LEU A 53 53.55 -60.09 -13.30
C LEU A 53 52.46 -61.11 -13.49
N ASP A 54 52.62 -62.28 -12.82
CA ASP A 54 51.56 -63.36 -12.91
C ASP A 54 50.18 -62.79 -12.50
N ALA A 55 50.12 -62.00 -11.44
CA ALA A 55 48.87 -61.42 -11.00
C ALA A 55 48.31 -60.39 -12.03
N GLU A 56 49.20 -59.53 -12.54
CA GLU A 56 48.84 -58.52 -13.53
C GLU A 56 48.30 -59.16 -14.84
N ARG A 57 48.92 -60.30 -15.25
CA ARG A 57 48.52 -60.98 -16.48
C ARG A 57 47.26 -61.81 -16.28
N ASN A 58 46.77 -61.92 -15.03
CA ASN A 58 45.62 -62.80 -14.70
C ASN A 58 44.51 -62.08 -13.98
N PRO A 59 43.98 -61.00 -14.58
CA PRO A 59 42.94 -60.28 -13.90
C PRO A 59 41.62 -61.10 -13.74
N GLU A 60 41.42 -62.18 -14.53
CA GLU A 60 40.28 -63.09 -14.25
C GLU A 60 40.35 -63.62 -12.78
N LEU A 61 41.56 -63.90 -12.30
CA LEU A 61 41.75 -64.39 -10.97
C LEU A 61 42.03 -63.23 -9.95
N PHE A 62 42.74 -62.20 -10.41
CA PHE A 62 43.13 -61.06 -9.56
C PHE A 62 42.39 -59.80 -10.01
N SER A 63 41.21 -59.62 -9.47
CA SER A 63 40.30 -58.62 -10.00
C SER A 63 40.58 -57.21 -9.46
N SER A 64 40.25 -56.20 -10.24
CA SER A 64 40.37 -54.80 -9.75
C SER A 64 39.05 -54.21 -9.22
N THR A 65 37.95 -54.91 -9.45
CA THR A 65 36.62 -54.32 -9.13
C THR A 65 36.32 -54.23 -7.66
N GLY A 66 37.08 -54.94 -6.85
CA GLY A 66 37.01 -54.72 -5.38
C GLY A 66 37.67 -53.40 -4.90
N GLY A 67 38.33 -52.68 -5.81
CA GLY A 67 39.07 -51.46 -5.46
C GLY A 67 40.57 -51.77 -5.34
N ILE A 68 41.40 -50.81 -5.67
CA ILE A 68 42.86 -51.05 -5.59
C ILE A 68 43.57 -50.64 -4.29
N ARG A 69 42.77 -50.27 -3.29
CA ARG A 69 43.27 -50.03 -1.91
C ARG A 69 42.80 -51.11 -0.93
N PRO A 70 43.57 -51.35 0.13
CA PRO A 70 43.29 -52.52 0.94
C PRO A 70 42.06 -52.40 1.80
N ASP A 71 41.64 -51.20 2.17
CA ASP A 71 40.52 -51.19 3.06
C ASP A 71 39.43 -50.25 2.56
N GLN A 72 39.27 -50.18 1.22
CA GLN A 72 38.16 -49.42 0.63
C GLN A 72 37.61 -50.19 -0.55
N PRO A 73 36.31 -50.04 -0.84
CA PRO A 73 35.69 -50.68 -2.03
C PRO A 73 36.03 -49.92 -3.29
N GLY A 74 35.71 -50.47 -4.47
CA GLY A 74 35.96 -49.79 -5.75
C GLY A 74 35.19 -48.47 -5.95
N MET A 75 35.76 -47.55 -6.73
CA MET A 75 35.07 -46.36 -7.19
C MET A 75 34.68 -46.55 -8.65
N PRO A 76 33.74 -45.71 -9.13
CA PRO A 76 33.35 -45.84 -10.53
C PRO A 76 34.32 -45.14 -11.54
N TYR A 77 35.56 -45.57 -11.59
CA TYR A 77 36.46 -45.14 -12.64
C TYR A 77 37.38 -46.26 -13.08
N MET A 78 38.17 -46.03 -14.11
CA MET A 78 38.66 -47.15 -14.89
C MET A 78 39.56 -48.10 -14.06
N ILE A 79 40.27 -47.57 -13.06
CA ILE A 79 41.30 -48.37 -12.40
C ILE A 79 40.62 -49.43 -11.50
N ASP A 80 39.33 -49.21 -11.13
CA ASP A 80 38.60 -50.16 -10.32
C ASP A 80 37.63 -51.02 -11.17
N MET A 81 37.96 -51.18 -12.44
CA MET A 81 37.07 -51.95 -13.37
C MET A 81 37.92 -53.07 -13.96
N ASP A 82 37.27 -54.16 -14.34
CA ASP A 82 37.85 -55.23 -15.14
C ASP A 82 37.37 -55.10 -16.60
N ASP A 83 38.16 -55.61 -17.54
CA ASP A 83 37.67 -55.85 -18.90
C ASP A 83 36.46 -56.80 -18.92
N PRO A 84 35.51 -56.59 -19.87
CA PRO A 84 35.51 -55.65 -20.98
C PRO A 84 35.15 -54.20 -20.61
N GLN A 85 34.55 -53.99 -19.43
CA GLN A 85 34.07 -52.61 -19.07
C GLN A 85 35.30 -51.66 -19.01
N HIS A 86 36.37 -52.13 -18.38
CA HIS A 86 37.57 -51.33 -18.25
C HIS A 86 38.10 -50.90 -19.61
N LEU A 87 38.10 -51.82 -20.59
CA LEU A 87 38.75 -51.56 -21.86
C LEU A 87 38.05 -50.50 -22.63
N LEU A 88 36.72 -50.55 -22.62
CA LEU A 88 35.97 -49.53 -23.25
C LEU A 88 36.23 -48.17 -22.60
N ARG A 89 36.20 -48.13 -21.27
CA ARG A 89 36.34 -46.87 -20.52
C ARG A 89 37.76 -46.33 -20.84
N ARG A 90 38.74 -47.21 -20.84
CA ARG A 90 40.09 -46.82 -21.15
C ARG A 90 40.28 -46.27 -22.54
N LYS A 91 39.67 -46.91 -23.51
CA LYS A 91 39.74 -46.43 -24.89
C LYS A 91 39.07 -45.07 -25.03
N LEU A 92 38.00 -44.82 -24.28
CA LEU A 92 37.32 -43.51 -24.36
C LEU A 92 38.25 -42.42 -23.89
N VAL A 93 38.83 -42.67 -22.73
CA VAL A 93 39.74 -41.73 -22.05
C VAL A 93 41.08 -41.52 -22.79
N ASN A 94 41.56 -42.60 -23.43
CA ASN A 94 42.78 -42.58 -24.24
C ASN A 94 42.83 -41.46 -25.34
N ALA A 95 41.67 -40.98 -25.80
CA ALA A 95 41.65 -39.89 -26.75
C ALA A 95 42.51 -38.72 -26.20
N GLY A 96 42.55 -38.55 -24.88
CA GLY A 96 43.23 -37.45 -24.23
C GLY A 96 44.73 -37.69 -24.06
N PHE A 97 45.18 -38.91 -24.36
CA PHE A 97 46.55 -39.35 -24.12
C PHE A 97 47.19 -39.94 -25.36
N THR A 98 46.70 -39.59 -26.54
CA THR A 98 47.38 -40.08 -27.75
C THR A 98 48.81 -39.54 -27.76
N ARG A 99 49.68 -40.20 -28.52
CA ARG A 99 51.03 -39.73 -28.68
C ARG A 99 51.07 -38.29 -29.26
N LYS A 100 50.14 -37.96 -30.16
CA LYS A 100 50.08 -36.62 -30.72
C LYS A 100 49.66 -35.56 -29.65
N ARG A 101 48.72 -35.93 -28.79
CA ARG A 101 48.33 -35.01 -27.74
C ARG A 101 49.39 -34.80 -26.68
N VAL A 102 50.11 -35.86 -26.36
CA VAL A 102 51.20 -35.77 -25.43
C VAL A 102 52.32 -34.92 -26.05
N MET A 103 52.67 -35.24 -27.30
CA MET A 103 53.80 -34.57 -27.92
C MET A 103 53.47 -33.12 -28.20
N ASP A 104 52.18 -32.78 -28.39
CA ASP A 104 51.84 -31.41 -28.66
C ASP A 104 52.06 -30.51 -27.41
N LYS A 105 52.26 -31.11 -26.23
CA LYS A 105 52.52 -30.35 -25.01
C LYS A 105 54.02 -30.07 -24.75
N VAL A 106 54.91 -30.46 -25.65
CA VAL A 106 56.35 -30.25 -25.42
C VAL A 106 56.65 -28.80 -25.09
N ASP A 107 56.11 -27.87 -25.90
CA ASP A 107 56.39 -26.45 -25.71
C ASP A 107 55.82 -25.91 -24.40
N SER A 108 54.54 -26.18 -24.10
CA SER A 108 53.96 -25.60 -22.91
C SER A 108 54.62 -26.17 -21.63
N ILE A 109 54.90 -27.46 -21.64
CA ILE A 109 55.58 -28.05 -20.47
C ILE A 109 56.99 -27.54 -20.30
N GLY A 110 57.71 -27.35 -21.40
CA GLY A 110 59.09 -26.79 -21.31
C GLY A 110 59.01 -25.37 -20.83
N ARG A 111 57.95 -24.65 -21.25
CA ARG A 111 57.82 -23.29 -20.79
C ARG A 111 57.59 -23.27 -19.27
N LEU A 112 56.76 -24.18 -18.77
CA LEU A 112 56.50 -24.32 -17.35
C LEU A 112 57.79 -24.57 -16.57
N CYS A 113 58.60 -25.51 -17.09
CA CYS A 113 59.86 -25.90 -16.45
C CYS A 113 60.75 -24.67 -16.22
N ASP A 114 60.92 -23.85 -17.25
CA ASP A 114 61.69 -22.62 -17.18
C ASP A 114 61.18 -21.65 -16.21
N THR A 115 59.85 -21.47 -16.17
CA THR A 115 59.26 -20.56 -15.17
C THR A 115 59.59 -21.01 -13.77
N LEU A 116 59.59 -22.32 -13.54
CA LEU A 116 59.83 -22.82 -12.19
C LEU A 116 61.29 -22.69 -11.78
N ILE A 117 62.19 -22.96 -12.73
CA ILE A 117 63.64 -22.77 -12.50
C ILE A 117 63.95 -21.28 -12.31
N ASP A 118 63.23 -20.41 -13.04
CA ASP A 118 63.48 -18.98 -12.98
C ASP A 118 63.25 -18.47 -11.58
N ALA A 119 62.31 -19.12 -10.90
CA ALA A 119 61.89 -18.67 -9.58
C ALA A 119 62.95 -19.05 -8.48
N VAL A 120 63.89 -19.92 -8.81
CA VAL A 120 64.95 -20.20 -7.82
C VAL A 120 66.37 -19.95 -8.27
N CYS A 121 66.61 -19.77 -9.55
CA CYS A 121 67.97 -19.86 -10.07
C CYS A 121 68.94 -18.76 -9.57
N GLU A 122 68.39 -17.63 -9.16
CA GLU A 122 69.19 -16.54 -8.66
C GLU A 122 69.65 -16.80 -7.25
N ARG A 123 68.95 -17.66 -6.52
CA ARG A 123 69.16 -17.77 -5.07
C ARG A 123 70.34 -18.72 -4.76
N GLY A 124 70.55 -19.77 -5.58
CA GLY A 124 71.69 -20.64 -5.34
C GLY A 124 71.35 -21.77 -4.37
N GLU A 125 70.06 -21.87 -4.05
CA GLU A 125 69.56 -22.97 -3.24
C GLU A 125 68.04 -22.95 -3.33
N CYS A 126 67.44 -24.11 -3.09
CA CYS A 126 66.00 -24.17 -2.93
C CYS A 126 65.66 -25.51 -2.30
N ASP A 127 64.38 -25.78 -2.08
CA ASP A 127 63.91 -27.10 -1.75
C ASP A 127 63.43 -27.73 -3.03
N PHE A 128 64.11 -28.78 -3.48
CA PHE A 128 63.83 -29.34 -4.76
C PHE A 128 62.38 -29.83 -4.84
N VAL A 129 61.86 -30.38 -3.74
CA VAL A 129 60.50 -30.95 -3.72
C VAL A 129 59.53 -29.78 -3.80
N ARG A 130 59.61 -28.86 -2.83
CA ARG A 130 58.65 -27.76 -2.72
C ARG A 130 58.68 -26.84 -3.97
N ASP A 131 59.87 -26.58 -4.52
CA ASP A 131 60.02 -25.53 -5.50
C ASP A 131 60.11 -25.98 -6.94
N ILE A 132 60.40 -27.27 -7.18
CA ILE A 132 60.55 -27.78 -8.54
C ILE A 132 59.64 -28.99 -8.78
N ALA A 133 59.79 -30.06 -7.97
CA ALA A 133 59.08 -31.35 -8.22
C ALA A 133 57.58 -31.23 -7.97
N ALA A 134 57.21 -30.58 -6.87
CA ALA A 134 55.75 -30.53 -6.54
C ALA A 134 54.97 -29.65 -7.51
N PRO A 135 55.41 -28.39 -7.81
CA PRO A 135 54.55 -27.56 -8.69
C PRO A 135 54.33 -28.07 -10.10
N LEU A 136 55.35 -28.68 -10.71
CA LEU A 136 55.31 -29.16 -12.11
C LEU A 136 54.13 -30.03 -12.50
N PRO A 137 53.92 -31.22 -11.82
CA PRO A 137 52.85 -32.09 -12.32
C PRO A 137 51.43 -31.56 -12.12
N MET A 138 51.23 -30.79 -11.06
CA MET A 138 50.00 -30.08 -10.81
C MET A 138 49.74 -29.06 -11.96
N ALA A 139 50.76 -28.28 -12.33
CA ALA A 139 50.57 -27.24 -13.36
C ALA A 139 50.31 -27.91 -14.73
N VAL A 140 50.95 -29.05 -15.00
CA VAL A 140 50.71 -29.73 -16.30
C VAL A 140 49.26 -30.19 -16.34
N ILE A 141 48.80 -30.77 -15.23
CA ILE A 141 47.36 -31.17 -15.12
C ILE A 141 46.41 -30.00 -15.27
N GLY A 142 46.66 -28.87 -14.59
CA GLY A 142 45.70 -27.77 -14.78
C GLY A 142 45.70 -27.22 -16.21
N ASP A 143 46.85 -27.12 -16.82
CA ASP A 143 46.93 -26.66 -18.19
C ASP A 143 46.17 -27.66 -19.12
N MET A 144 46.41 -28.96 -18.92
CA MET A 144 45.71 -30.03 -19.68
C MET A 144 44.22 -29.92 -19.60
N LEU A 145 43.71 -29.62 -18.41
CA LEU A 145 42.28 -29.36 -18.20
C LEU A 145 41.80 -28.03 -18.71
N GLY A 146 42.74 -27.11 -19.03
CA GLY A 146 42.35 -25.76 -19.54
C GLY A 146 41.71 -24.85 -18.48
N VAL A 147 42.04 -25.12 -17.20
CA VAL A 147 41.50 -24.32 -16.08
C VAL A 147 42.50 -23.24 -15.63
N LEU A 148 42.01 -22.26 -14.87
CA LEU A 148 42.88 -21.22 -14.32
C LEU A 148 43.74 -21.81 -13.19
N PRO A 149 44.93 -21.22 -12.94
CA PRO A 149 45.70 -21.77 -11.77
C PRO A 149 44.88 -21.84 -10.44
N THR A 150 44.03 -20.86 -10.18
CA THR A 150 43.16 -20.89 -8.98
C THR A 150 42.22 -22.12 -8.96
N GLU A 151 41.62 -22.40 -10.12
CA GLU A 151 40.80 -23.60 -10.26
C GLU A 151 41.59 -24.88 -10.11
N ARG A 152 42.75 -24.96 -10.78
CA ARG A 152 43.66 -26.05 -10.61
C ARG A 152 43.95 -26.31 -9.12
N ASP A 153 44.28 -25.29 -8.38
CA ASP A 153 44.49 -25.39 -6.92
C ASP A 153 43.27 -25.95 -6.10
N MET A 154 42.09 -25.44 -6.38
CA MET A 154 40.85 -25.95 -5.83
C MET A 154 40.66 -27.47 -6.14
N LEU A 155 40.87 -27.85 -7.40
CA LEU A 155 40.63 -29.18 -7.84
C LEU A 155 41.62 -30.12 -7.13
N LEU A 156 42.86 -29.66 -7.00
CA LEU A 156 43.89 -30.64 -6.64
C LEU A 156 43.71 -30.83 -5.07
N LYS A 157 43.21 -29.84 -4.41
CA LYS A 157 42.83 -29.93 -2.99
C LYS A 157 41.52 -30.74 -2.66
N TRP A 158 40.44 -30.50 -3.39
CA TRP A 158 39.34 -31.46 -3.47
C TRP A 158 39.81 -32.91 -3.67
N SER A 159 40.66 -33.18 -4.65
CA SER A 159 41.05 -34.47 -4.93
C SER A 159 41.95 -35.04 -3.81
N ASP A 160 42.68 -34.19 -3.09
CA ASP A 160 43.39 -34.62 -1.86
C ASP A 160 42.41 -34.94 -0.73
N ASP A 161 41.45 -34.07 -0.46
CA ASP A 161 40.46 -34.27 0.60
C ASP A 161 39.66 -35.55 0.34
N LEU A 162 39.56 -35.98 -0.93
CA LEU A 162 38.75 -37.12 -1.28
C LEU A 162 39.53 -38.39 -1.04
N VAL A 163 40.79 -38.42 -1.47
CA VAL A 163 41.73 -39.51 -1.16
C VAL A 163 41.73 -39.68 0.42
N CYS A 164 41.99 -38.59 1.16
CA CYS A 164 42.09 -38.65 2.65
CA CYS A 164 42.11 -38.67 2.63
C CYS A 164 40.78 -39.11 3.34
N GLY A 165 39.65 -38.53 2.95
CA GLY A 165 38.33 -38.86 3.52
C GLY A 165 37.78 -40.25 3.13
N LEU A 166 38.19 -40.78 1.96
CA LEU A 166 37.79 -42.14 1.55
C LEU A 166 38.44 -43.15 2.53
N SER A 167 39.77 -42.96 2.72
CA SER A 167 40.57 -43.63 3.78
C SER A 167 40.07 -43.46 5.26
N SER A 168 39.59 -42.25 5.61
CA SER A 168 39.01 -41.87 6.95
C SER A 168 37.44 -41.81 6.98
N HIS A 169 36.80 -42.99 6.96
CA HIS A 169 35.37 -43.15 6.58
C HIS A 169 34.31 -43.24 7.71
N VAL A 170 34.75 -43.57 8.94
CA VAL A 170 33.80 -43.95 10.09
C VAL A 170 33.13 -42.86 10.96
N ASP A 171 33.87 -41.85 11.45
CA ASP A 171 33.19 -40.73 12.17
C ASP A 171 32.09 -40.16 11.23
N GLU A 172 30.90 -39.89 11.76
CA GLU A 172 29.80 -39.32 10.95
C GLU A 172 30.05 -37.86 10.46
N ALA A 173 30.87 -37.07 11.16
CA ALA A 173 31.20 -35.74 10.68
C ALA A 173 32.29 -35.84 9.62
N ALA A 174 33.08 -36.91 9.67
CA ALA A 174 34.07 -37.18 8.63
C ALA A 174 33.42 -37.68 7.34
N ILE A 175 32.23 -38.29 7.46
CA ILE A 175 31.42 -38.71 6.32
C ILE A 175 30.85 -37.42 5.71
N GLN A 176 30.33 -36.54 6.57
CA GLN A 176 29.77 -35.26 6.15
C GLN A 176 30.73 -34.43 5.29
N LYS A 177 31.98 -34.31 5.76
CA LYS A 177 32.98 -33.47 5.13
C LYS A 177 33.30 -34.10 3.77
N LEU A 178 33.36 -35.42 3.71
CA LEU A 178 33.69 -36.05 2.48
C LEU A 178 32.58 -35.91 1.46
N MET A 179 31.33 -36.08 1.87
CA MET A 179 30.18 -35.84 0.98
C MET A 179 30.12 -34.37 0.54
N ASP A 180 30.41 -33.42 1.44
CA ASP A 180 30.46 -32.02 1.02
C ASP A 180 31.54 -31.75 -0.06
N THR A 181 32.68 -32.38 0.10
CA THR A 181 33.77 -32.19 -0.83
C THR A 181 33.41 -32.78 -2.21
N PHE A 182 32.82 -33.96 -2.16
CA PHE A 182 32.48 -34.63 -3.38
C PHE A 182 31.42 -33.80 -4.12
N ALA A 183 30.44 -33.26 -3.41
CA ALA A 183 29.43 -32.37 -4.01
C ALA A 183 30.13 -31.16 -4.65
N ALA A 184 31.08 -30.52 -3.96
CA ALA A 184 31.69 -29.27 -4.45
C ALA A 184 32.52 -29.57 -5.72
N TYR A 185 33.27 -30.67 -5.68
CA TYR A 185 34.09 -31.15 -6.79
C TYR A 185 33.21 -31.41 -8.02
N THR A 186 32.11 -32.13 -7.79
CA THR A 186 31.22 -32.50 -8.85
C THR A 186 30.53 -31.32 -9.45
N GLU A 187 30.06 -30.38 -8.63
CA GLU A 187 29.37 -29.22 -9.10
C GLU A 187 30.29 -28.38 -9.97
N PHE A 188 31.54 -28.22 -9.54
CA PHE A 188 32.51 -27.43 -10.32
C PHE A 188 32.81 -28.15 -11.66
N THR A 189 33.08 -29.45 -11.60
CA THR A 189 33.47 -30.16 -12.79
C THR A 189 32.33 -30.29 -13.78
N LYS A 190 31.11 -30.54 -13.31
CA LYS A 190 29.96 -30.57 -14.25
C LYS A 190 29.77 -29.21 -14.95
N ASP A 191 29.89 -28.11 -14.21
CA ASP A 191 29.77 -26.77 -14.81
C ASP A 191 30.80 -26.59 -15.96
N VAL A 192 32.08 -26.88 -15.72
CA VAL A 192 33.13 -26.86 -16.78
C VAL A 192 32.68 -27.73 -17.97
N ILE A 193 32.31 -28.99 -17.68
CA ILE A 193 31.83 -29.86 -18.77
C ILE A 193 30.71 -29.27 -19.63
N THR A 194 29.75 -28.59 -19.00
CA THR A 194 28.55 -28.09 -19.67
C THR A 194 29.02 -26.97 -20.61
N LYS A 195 29.98 -26.20 -20.15
CA LYS A 195 30.54 -25.12 -20.97
C LYS A 195 31.23 -25.67 -22.21
N ARG A 196 32.01 -26.73 -22.02
CA ARG A 196 32.76 -27.30 -23.12
C ARG A 196 31.88 -27.98 -24.13
N ARG A 197 30.77 -28.58 -23.69
CA ARG A 197 29.81 -29.13 -24.63
C ARG A 197 29.27 -28.02 -25.57
N ALA A 198 29.08 -26.81 -25.05
CA ALA A 198 28.51 -25.74 -25.88
C ALA A 198 29.61 -24.82 -26.50
N GLU A 199 30.83 -24.91 -26.04
CA GLU A 199 31.89 -24.08 -26.61
C GLU A 199 33.15 -24.85 -26.41
N PRO A 200 33.38 -25.79 -27.33
CA PRO A 200 34.51 -26.72 -27.29
C PRO A 200 35.80 -25.96 -27.25
N THR A 201 36.79 -26.47 -26.56
CA THR A 201 38.13 -25.94 -26.72
C THR A 201 38.94 -27.12 -27.17
N ASP A 202 40.25 -27.03 -27.05
CA ASP A 202 41.12 -28.17 -27.31
C ASP A 202 41.63 -28.82 -26.02
N ASP A 203 41.01 -28.52 -24.89
CA ASP A 203 41.47 -29.18 -23.63
C ASP A 203 40.90 -30.59 -23.36
N LEU A 204 41.44 -31.28 -22.35
CA LEU A 204 41.02 -32.60 -21.96
C LEU A 204 39.51 -32.71 -21.76
N PHE A 205 38.86 -31.75 -21.10
CA PHE A 205 37.41 -31.84 -21.00
C PHE A 205 36.72 -31.93 -22.36
N SER A 206 37.18 -31.14 -23.33
CA SER A 206 36.55 -31.18 -24.65
C SER A 206 36.82 -32.47 -25.38
N VAL A 207 38.05 -32.95 -25.24
CA VAL A 207 38.46 -34.19 -25.84
C VAL A 207 37.62 -35.35 -25.24
N LEU A 208 37.41 -35.39 -23.93
CA LEU A 208 36.56 -36.46 -23.38
C LEU A 208 35.09 -36.33 -23.84
N VAL A 209 34.60 -35.09 -23.98
CA VAL A 209 33.21 -34.89 -24.43
C VAL A 209 33.04 -35.47 -25.83
N ASN A 210 34.07 -35.30 -26.66
CA ASN A 210 34.00 -35.64 -28.08
C ASN A 210 34.43 -37.12 -28.36
N SER A 211 35.04 -37.76 -27.39
CA SER A 211 35.53 -39.15 -27.57
C SER A 211 34.36 -40.14 -27.87
N GLU A 212 34.58 -41.07 -28.81
CA GLU A 212 33.54 -42.04 -29.20
C GLU A 212 34.26 -43.32 -29.61
N VAL A 213 33.83 -44.43 -29.02
CA VAL A 213 34.47 -45.75 -29.22
C VAL A 213 33.33 -46.72 -29.41
N GLU A 214 33.31 -47.43 -30.55
CA GLU A 214 32.32 -48.49 -30.75
C GLU A 214 30.89 -47.90 -30.61
N GLY A 215 30.68 -46.71 -31.17
CA GLY A 215 29.40 -46.03 -31.06
C GLY A 215 29.00 -45.52 -29.68
N GLN A 216 29.88 -45.60 -28.66
CA GLN A 216 29.51 -45.03 -27.35
C GLN A 216 30.33 -43.80 -26.98
N ARG A 217 29.75 -42.98 -26.08
CA ARG A 217 30.35 -41.74 -25.60
C ARG A 217 30.28 -41.70 -24.08
N MET A 218 31.16 -40.93 -23.43
CA MET A 218 31.16 -40.76 -21.99
C MET A 218 29.99 -39.82 -21.61
N SER A 219 29.32 -40.15 -20.50
CA SER A 219 28.36 -39.22 -19.88
C SER A 219 29.14 -38.19 -19.02
N ASP A 220 28.47 -37.12 -18.60
CA ASP A 220 29.06 -36.16 -17.68
C ASP A 220 29.61 -36.80 -16.38
N ASP A 221 28.85 -37.72 -15.79
CA ASP A 221 29.21 -38.31 -14.50
C ASP A 221 30.49 -39.08 -14.68
N GLU A 222 30.58 -39.81 -15.81
CA GLU A 222 31.79 -40.56 -16.12
C GLU A 222 33.01 -39.67 -16.31
N ILE A 223 32.90 -38.55 -17.01
CA ILE A 223 34.02 -37.61 -17.17
C ILE A 223 34.40 -37.07 -15.78
N VAL A 224 33.39 -36.72 -14.94
CA VAL A 224 33.65 -36.34 -13.54
C VAL A 224 34.55 -37.36 -12.84
N PHE A 225 34.18 -38.65 -12.89
CA PHE A 225 35.01 -39.66 -12.22
C PHE A 225 36.37 -39.88 -12.87
N GLU A 226 36.40 -39.93 -14.20
CA GLU A 226 37.72 -40.15 -14.87
C GLU A 226 38.68 -38.93 -14.64
N THR A 227 38.10 -37.75 -14.62
CA THR A 227 38.88 -36.56 -14.27
C THR A 227 39.44 -36.70 -12.90
N LEU A 228 38.62 -37.11 -11.93
CA LEU A 228 39.09 -37.33 -10.56
C LEU A 228 40.28 -38.27 -10.54
N LEU A 229 40.17 -39.35 -11.31
CA LEU A 229 41.27 -40.34 -11.29
C LEU A 229 42.52 -39.73 -11.83
N ILE A 230 42.40 -38.92 -12.88
CA ILE A 230 43.62 -38.34 -13.48
C ILE A 230 44.18 -37.28 -12.49
N LEU A 231 43.32 -36.54 -11.78
CA LEU A 231 43.81 -35.57 -10.74
C LEU A 231 44.65 -36.27 -9.65
N ILE A 232 44.14 -37.41 -9.20
CA ILE A 232 44.83 -38.17 -8.17
C ILE A 232 46.09 -38.86 -8.73
N GLY A 233 45.94 -39.42 -9.91
CA GLY A 233 47.00 -40.36 -10.40
C GLY A 233 48.23 -39.67 -11.01
N GLY A 234 48.05 -38.43 -11.45
CA GLY A 234 49.07 -37.79 -12.29
C GLY A 234 50.01 -36.83 -11.56
N ASP A 235 49.76 -36.64 -10.29
CA ASP A 235 50.34 -35.57 -9.50
C ASP A 235 51.46 -36.03 -8.61
N GLU A 236 51.13 -36.59 -7.44
CA GLU A 236 52.19 -36.89 -6.47
C GLU A 236 53.18 -37.94 -7.03
N THR A 237 52.71 -38.85 -7.91
CA THR A 237 53.55 -39.88 -8.41
C THR A 237 54.70 -39.28 -9.19
N THR A 238 54.37 -38.32 -10.08
CA THR A 238 55.35 -37.68 -10.98
C THR A 238 56.34 -36.83 -10.15
N ARG A 239 55.79 -36.18 -9.11
CA ARG A 239 56.58 -35.42 -8.13
C ARG A 239 57.69 -36.32 -7.56
N HIS A 240 57.27 -37.46 -7.00
CA HIS A 240 58.25 -38.37 -6.35
C HIS A 240 59.28 -38.93 -7.29
N THR A 241 58.90 -39.28 -8.50
CA THR A 241 59.95 -39.73 -9.44
C THR A 241 60.96 -38.57 -9.71
N LEU A 242 60.44 -37.35 -9.85
CA LEU A 242 61.30 -36.26 -10.17
C LEU A 242 62.27 -35.97 -8.98
N SER A 243 61.74 -35.90 -7.76
CA SER A 243 62.58 -35.54 -6.62
C SER A 243 63.53 -36.73 -6.22
N GLY A 244 62.97 -37.93 -6.08
CA GLY A 244 63.77 -39.09 -5.65
C GLY A 244 64.69 -39.57 -6.78
N GLY A 245 64.24 -39.38 -8.02
CA GLY A 245 65.11 -39.66 -9.18
C GLY A 245 66.31 -38.73 -9.21
N THR A 246 66.03 -37.43 -9.09
CA THR A 246 67.08 -36.46 -9.11
C THR A 246 68.04 -36.70 -7.97
N GLU A 247 67.47 -36.99 -6.81
CA GLU A 247 68.28 -37.23 -5.63
C GLU A 247 69.39 -38.29 -5.97
N GLN A 248 68.99 -39.38 -6.63
CA GLN A 248 70.01 -40.39 -6.95
C GLN A 248 71.01 -39.87 -7.95
N LEU A 249 70.58 -39.05 -8.93
CA LEU A 249 71.54 -38.51 -9.88
C LEU A 249 72.58 -37.71 -9.10
N LEU A 250 72.11 -36.95 -8.12
CA LEU A 250 72.98 -36.05 -7.33
C LEU A 250 74.00 -36.80 -6.49
N ARG A 251 73.60 -38.00 -6.03
CA ARG A 251 74.45 -38.81 -5.18
C ARG A 251 75.42 -39.66 -6.07
N HIS A 252 75.26 -39.68 -7.39
CA HIS A 252 76.18 -40.47 -8.20
C HIS A 252 76.88 -39.55 -9.19
N ARG A 253 77.89 -38.84 -8.72
CA ARG A 253 78.45 -37.68 -9.45
C ARG A 253 78.95 -38.04 -10.86
N ASP A 254 79.53 -39.23 -11.05
CA ASP A 254 80.00 -39.60 -12.37
C ASP A 254 78.81 -39.77 -13.33
N GLN A 255 77.67 -40.21 -12.83
CA GLN A 255 76.50 -40.30 -13.68
C GLN A 255 75.87 -38.91 -13.98
N TRP A 256 75.79 -38.09 -12.92
CA TRP A 256 75.35 -36.71 -13.07
C TRP A 256 76.20 -36.03 -14.16
N ASP A 257 77.51 -36.12 -14.01
CA ASP A 257 78.46 -35.51 -14.96
C ASP A 257 78.31 -36.02 -16.37
N ALA A 258 78.08 -37.33 -16.50
CA ALA A 258 77.83 -37.94 -17.79
C ALA A 258 76.58 -37.36 -18.47
N LEU A 259 75.50 -37.13 -17.71
CA LEU A 259 74.28 -36.54 -18.26
C LEU A 259 74.43 -35.06 -18.61
N VAL A 260 75.15 -34.30 -17.76
CA VAL A 260 75.43 -32.91 -18.07
C VAL A 260 76.20 -32.89 -19.45
N ALA A 261 77.16 -33.78 -19.65
CA ALA A 261 77.94 -33.80 -20.91
C ALA A 261 77.13 -34.33 -22.10
N ASP A 262 76.12 -35.16 -21.84
CA ASP A 262 75.45 -35.85 -22.94
C ASP A 262 73.98 -36.21 -22.69
N VAL A 263 73.10 -35.42 -23.30
CA VAL A 263 71.67 -35.47 -23.08
C VAL A 263 71.05 -36.72 -23.68
N ASP A 264 71.74 -37.42 -24.56
CA ASP A 264 71.20 -38.69 -25.08
C ASP A 264 71.17 -39.83 -24.07
N LEU A 265 71.89 -39.68 -22.96
CA LEU A 265 71.80 -40.62 -21.83
C LEU A 265 70.54 -40.41 -21.00
N LEU A 266 69.82 -39.33 -21.26
CA LEU A 266 68.71 -38.97 -20.41
C LEU A 266 67.51 -39.99 -20.43
N PRO A 267 67.12 -40.49 -21.62
CA PRO A 267 66.03 -41.50 -21.58
C PRO A 267 66.31 -42.74 -20.68
N GLY A 268 67.51 -43.32 -20.80
CA GLY A 268 67.93 -44.37 -19.88
C GLY A 268 67.95 -43.99 -18.39
N ALA A 269 68.41 -42.76 -18.07
CA ALA A 269 68.35 -42.22 -16.72
C ALA A 269 66.91 -42.18 -16.18
N ILE A 270 65.96 -41.65 -16.97
CA ILE A 270 64.57 -41.54 -16.57
C ILE A 270 64.03 -42.94 -16.17
N GLU A 271 64.34 -43.93 -16.99
CA GLU A 271 63.85 -45.31 -16.68
C GLU A 271 64.44 -45.77 -15.30
N GLU A 272 65.74 -45.56 -15.08
CA GLU A 272 66.31 -45.96 -13.75
C GLU A 272 65.67 -45.11 -12.60
N MET A 273 65.44 -43.82 -12.82
CA MET A 273 64.72 -42.99 -11.85
C MET A 273 63.36 -43.57 -11.50
N LEU A 274 62.66 -43.98 -12.53
CA LEU A 274 61.34 -44.63 -12.28
C LEU A 274 61.48 -45.94 -11.50
N ARG A 275 62.37 -46.83 -11.94
CA ARG A 275 62.51 -48.10 -11.18
C ARG A 275 62.87 -47.81 -9.71
N TRP A 276 63.82 -46.90 -9.50
CA TRP A 276 64.38 -46.69 -8.18
C TRP A 276 63.31 -46.10 -7.26
N THR A 277 62.55 -45.14 -7.79
CA THR A 277 61.68 -44.40 -6.87
C THR A 277 60.35 -45.16 -6.69
N SER A 278 59.90 -45.90 -7.72
CA SER A 278 58.65 -46.71 -7.57
C SER A 278 57.61 -45.99 -6.68
N PRO A 279 57.14 -44.82 -7.09
CA PRO A 279 56.28 -43.98 -6.22
C PRO A 279 54.95 -44.64 -5.80
N VAL A 280 54.36 -45.46 -6.68
CA VAL A 280 53.22 -46.28 -6.26
C VAL A 280 53.81 -47.55 -5.59
N LYS A 281 53.64 -47.63 -4.29
CA LYS A 281 54.17 -48.69 -3.44
C LYS A 281 53.34 -49.99 -3.58
N ASN A 282 52.03 -49.86 -3.84
CA ASN A 282 51.28 -51.09 -4.06
C ASN A 282 49.95 -50.78 -4.75
N MET A 283 49.38 -51.75 -5.47
CA MET A 283 47.96 -51.67 -5.87
C MET A 283 47.32 -53.02 -5.50
N CYS A 284 46.05 -53.05 -5.10
CA CYS A 284 45.42 -54.27 -4.62
C CYS A 284 44.67 -54.95 -5.79
N ARG A 285 44.52 -56.26 -5.66
CA ARG A 285 43.63 -57.08 -6.46
C ARG A 285 42.82 -57.94 -5.49
N THR A 286 41.61 -58.31 -5.91
CA THR A 286 40.74 -59.19 -5.15
C THR A 286 40.69 -60.55 -5.85
N LEU A 287 40.95 -61.61 -5.09
CA LEU A 287 40.95 -62.97 -5.63
C LEU A 287 39.53 -63.36 -5.98
N THR A 288 39.30 -63.87 -7.19
CA THR A 288 37.95 -64.32 -7.54
C THR A 288 37.69 -65.84 -7.30
N ALA A 289 38.77 -66.54 -6.92
CA ALA A 289 38.81 -67.97 -6.61
C ALA A 289 39.86 -68.25 -5.58
N ASP A 290 39.75 -69.36 -4.83
CA ASP A 290 40.86 -69.87 -4.03
C ASP A 290 42.00 -70.27 -4.99
N THR A 291 43.26 -70.10 -4.59
CA THR A 291 44.31 -70.59 -5.44
C THR A 291 45.60 -70.66 -4.61
N VAL A 292 46.54 -71.52 -4.97
CA VAL A 292 47.87 -71.48 -4.32
C VAL A 292 48.82 -70.73 -5.22
N PHE A 293 49.33 -69.61 -4.73
CA PHE A 293 50.00 -68.64 -5.57
C PHE A 293 51.41 -68.46 -5.04
N HIS A 294 52.37 -68.97 -5.82
CA HIS A 294 53.84 -68.91 -5.50
C HIS A 294 54.06 -69.34 -4.08
N GLY A 295 53.43 -70.42 -3.67
CA GLY A 295 53.65 -70.90 -2.34
C GLY A 295 52.64 -70.54 -1.24
N THR A 296 51.73 -69.60 -1.50
CA THR A 296 50.79 -69.21 -0.44
C THR A 296 49.36 -69.50 -0.84
N GLU A 297 48.58 -70.04 0.10
CA GLU A 297 47.16 -70.30 -0.15
C GLU A 297 46.41 -69.01 -0.03
N LEU A 298 45.69 -68.62 -1.07
CA LEU A 298 44.84 -67.45 -1.07
C LEU A 298 43.38 -67.90 -1.20
N ARG A 299 42.49 -67.14 -0.58
CA ARG A 299 41.09 -67.44 -0.54
C ARG A 299 40.33 -66.47 -1.42
N ALA A 300 39.27 -66.98 -2.05
CA ALA A 300 38.40 -66.09 -2.82
C ALA A 300 37.95 -64.89 -1.98
N GLY A 301 37.84 -63.70 -2.57
CA GLY A 301 37.36 -62.49 -1.84
C GLY A 301 38.42 -61.75 -0.95
N GLU A 302 39.60 -62.31 -0.70
CA GLU A 302 40.63 -61.50 -0.02
C GLU A 302 41.41 -60.64 -1.03
N LYS A 303 42.03 -59.56 -0.53
CA LYS A 303 42.88 -58.76 -1.36
C LYS A 303 44.35 -59.15 -1.24
N ILE A 304 45.11 -58.89 -2.29
CA ILE A 304 46.55 -59.09 -2.30
C ILE A 304 47.16 -57.75 -2.78
N MET A 305 48.27 -57.31 -2.18
CA MET A 305 48.86 -56.05 -2.57
C MET A 305 49.95 -56.41 -3.56
N LEU A 306 49.95 -55.75 -4.72
CA LEU A 306 51.12 -55.92 -5.64
C LEU A 306 52.18 -54.90 -5.23
N MET A 307 53.31 -55.37 -4.76
CA MET A 307 54.34 -54.47 -4.24
C MET A 307 55.29 -54.07 -5.32
N PHE A 308 55.03 -52.93 -5.99
CA PHE A 308 55.86 -52.63 -7.17
C PHE A 308 57.28 -52.30 -6.87
N GLU A 309 57.51 -51.70 -5.71
CA GLU A 309 58.89 -51.36 -5.38
C GLU A 309 59.66 -52.68 -5.17
N SER A 310 59.03 -53.60 -4.47
CA SER A 310 59.75 -54.84 -4.17
C SER A 310 60.08 -55.58 -5.47
N ALA A 311 59.10 -55.57 -6.38
CA ALA A 311 59.33 -56.17 -7.72
C ALA A 311 60.44 -55.45 -8.46
N ASN A 312 60.54 -54.13 -8.32
CA ASN A 312 61.56 -53.35 -9.05
C ASN A 312 62.94 -53.52 -8.48
N PHE A 313 63.01 -54.23 -7.33
CA PHE A 313 64.32 -54.55 -6.66
C PHE A 313 64.60 -56.05 -6.59
N ASP A 314 63.91 -56.78 -7.47
CA ASP A 314 64.08 -58.25 -7.51
C ASP A 314 65.38 -58.58 -8.23
N GLU A 315 66.38 -59.14 -7.51
CA GLU A 315 67.70 -59.39 -8.12
C GLU A 315 67.58 -60.45 -9.22
N SER A 316 66.54 -61.27 -9.16
CA SER A 316 66.49 -62.45 -10.08
C SER A 316 66.20 -61.89 -11.48
N VAL A 317 65.56 -60.72 -11.54
CA VAL A 317 65.24 -60.01 -12.80
C VAL A 317 66.30 -58.95 -13.19
N PHE A 318 66.71 -58.07 -12.26
CA PHE A 318 67.58 -56.93 -12.53
C PHE A 318 69.09 -57.22 -12.26
N GLY A 319 69.40 -58.32 -11.57
CA GLY A 319 70.83 -58.62 -11.34
C GLY A 319 71.35 -57.79 -10.15
N ASP A 320 71.52 -56.48 -10.37
CA ASP A 320 72.11 -55.60 -9.34
C ASP A 320 71.20 -54.39 -9.10
N PRO A 321 69.93 -54.63 -8.68
CA PRO A 321 69.03 -53.49 -8.58
C PRO A 321 69.44 -52.51 -7.45
N ASP A 322 70.21 -52.97 -6.45
CA ASP A 322 70.59 -52.03 -5.36
C ASP A 322 71.64 -51.02 -5.85
N ASN A 323 72.17 -51.18 -7.04
CA ASN A 323 73.13 -50.17 -7.56
C ASN A 323 72.31 -49.26 -8.44
N PHE A 324 72.31 -47.96 -8.20
CA PHE A 324 71.52 -47.07 -9.09
C PHE A 324 72.35 -46.84 -10.37
N ARG A 325 71.82 -47.18 -11.55
CA ARG A 325 72.62 -47.16 -12.79
C ARG A 325 71.79 -46.55 -13.94
N ILE A 326 72.18 -45.34 -14.37
CA ILE A 326 71.50 -44.72 -15.52
C ILE A 326 71.68 -45.52 -16.83
N ASP A 327 72.70 -46.36 -16.89
CA ASP A 327 72.97 -47.20 -18.07
C ASP A 327 72.34 -48.61 -18.04
N ARG A 328 71.39 -48.85 -17.14
CA ARG A 328 70.79 -50.15 -16.98
C ARG A 328 69.96 -50.41 -18.23
N ASN A 329 70.15 -51.57 -18.80
CA ASN A 329 69.56 -51.87 -20.09
C ASN A 329 69.65 -53.37 -20.27
N PRO A 330 68.51 -54.10 -20.42
CA PRO A 330 67.13 -53.59 -20.42
C PRO A 330 66.73 -53.10 -19.02
N ASN A 331 65.57 -52.47 -18.95
CA ASN A 331 65.11 -51.97 -17.69
C ASN A 331 63.62 -52.13 -17.65
N SER A 332 63.17 -53.38 -17.59
CA SER A 332 61.69 -53.62 -17.67
C SER A 332 61.05 -53.48 -16.31
N HIS A 333 61.16 -52.28 -15.72
CA HIS A 333 60.57 -52.06 -14.42
C HIS A 333 59.00 -52.02 -14.44
N VAL A 334 58.39 -52.16 -13.29
CA VAL A 334 56.99 -52.10 -13.16
C VAL A 334 56.48 -50.86 -12.39
N ALA A 335 57.20 -49.74 -12.48
CA ALA A 335 56.80 -48.55 -11.70
C ALA A 335 55.37 -48.08 -12.15
N PHE A 336 55.05 -48.36 -13.41
CA PHE A 336 53.73 -48.04 -14.09
C PHE A 336 52.81 -49.27 -14.08
N GLY A 337 53.20 -50.31 -13.36
CA GLY A 337 52.43 -51.57 -13.37
C GLY A 337 52.70 -52.31 -14.65
N PHE A 338 51.75 -53.16 -15.05
CA PHE A 338 51.91 -54.07 -16.19
C PHE A 338 50.50 -54.53 -16.60
N GLY A 339 50.23 -54.66 -17.89
CA GLY A 339 49.07 -55.35 -18.38
C GLY A 339 47.95 -54.41 -18.76
N THR A 340 46.72 -54.91 -18.68
CA THR A 340 45.59 -54.04 -19.08
C THR A 340 45.52 -52.69 -18.34
N HIS A 341 45.93 -52.61 -17.08
CA HIS A 341 45.85 -51.35 -16.33
C HIS A 341 47.13 -50.47 -16.37
N PHE A 342 48.11 -50.88 -17.16
CA PHE A 342 49.41 -50.21 -17.28
C PHE A 342 49.18 -48.67 -17.40
N CYS A 343 49.91 -47.88 -16.60
CA CYS A 343 49.59 -46.42 -16.41
C CYS A 343 49.22 -45.72 -17.70
N LEU A 344 48.00 -45.22 -17.72
CA LEU A 344 47.53 -44.37 -18.84
C LEU A 344 48.40 -43.11 -19.09
N GLY A 345 48.92 -42.55 -18.01
CA GLY A 345 49.73 -41.33 -18.05
C GLY A 345 51.21 -41.56 -18.33
N ASN A 346 51.62 -42.78 -18.69
CA ASN A 346 53.03 -43.10 -18.61
C ASN A 346 53.91 -42.25 -19.54
N GLN A 347 53.40 -41.96 -20.74
N GLN A 347 53.43 -41.97 -20.74
CA GLN A 347 54.11 -41.17 -21.74
CA GLN A 347 54.21 -41.19 -21.66
C GLN A 347 54.15 -39.68 -21.36
C GLN A 347 54.22 -39.71 -21.21
N LEU A 348 53.07 -39.18 -20.75
CA LEU A 348 53.05 -37.80 -20.19
C LEU A 348 54.02 -37.69 -19.03
N ALA A 349 53.97 -38.65 -18.07
CA ALA A 349 54.90 -38.63 -16.94
C ALA A 349 56.32 -38.62 -17.46
N ARG A 350 56.63 -39.52 -18.41
CA ARG A 350 58.00 -39.58 -18.91
C ARG A 350 58.39 -38.22 -19.58
N LEU A 351 57.45 -37.62 -20.30
CA LEU A 351 57.74 -36.30 -20.91
C LEU A 351 58.08 -35.25 -19.84
N GLU A 352 57.25 -35.14 -18.81
CA GLU A 352 57.49 -34.16 -17.71
C GLU A 352 58.92 -34.40 -17.10
N LEU A 353 59.23 -35.66 -16.80
CA LEU A 353 60.51 -35.99 -16.14
C LEU A 353 61.65 -35.62 -17.07
N ARG A 354 61.48 -35.92 -18.34
CA ARG A 354 62.53 -35.65 -19.29
C ARG A 354 62.74 -34.12 -19.50
N LEU A 355 61.65 -33.41 -19.78
CA LEU A 355 61.72 -31.94 -19.99
C LEU A 355 62.29 -31.21 -18.76
N MET A 356 61.79 -31.46 -17.56
CA MET A 356 62.37 -30.80 -16.38
C MET A 356 63.83 -31.21 -16.14
N THR A 357 64.14 -32.49 -16.32
CA THR A 357 65.51 -32.92 -16.00
C THR A 357 66.51 -32.37 -16.99
N GLU A 358 66.16 -32.34 -18.27
CA GLU A 358 67.05 -31.70 -19.26
C GLU A 358 67.40 -30.24 -18.85
N ARG A 359 66.39 -29.56 -18.34
CA ARG A 359 66.59 -28.13 -17.99
C ARG A 359 67.36 -27.92 -16.64
N VAL A 360 67.06 -28.78 -15.65
CA VAL A 360 67.82 -28.89 -14.41
C VAL A 360 69.34 -29.12 -14.71
N LEU A 361 69.64 -30.07 -15.59
CA LEU A 361 71.03 -30.43 -15.99
C LEU A 361 71.76 -29.26 -16.64
N ARG A 362 71.04 -28.63 -17.55
CA ARG A 362 71.61 -27.56 -18.29
C ARG A 362 71.69 -26.26 -17.42
N ARG A 363 70.64 -25.92 -16.65
CA ARG A 363 70.63 -24.61 -15.94
C ARG A 363 71.23 -24.65 -14.52
N LEU A 364 71.27 -25.84 -13.93
CA LEU A 364 71.88 -26.04 -12.61
C LEU A 364 72.95 -27.15 -12.69
N PRO A 365 74.01 -26.92 -13.53
CA PRO A 365 74.89 -28.03 -13.85
C PRO A 365 75.78 -28.53 -12.69
N ASP A 366 75.92 -27.70 -11.64
CA ASP A 366 76.65 -28.11 -10.42
C ASP A 366 75.72 -28.40 -9.19
N LEU A 367 74.44 -28.66 -9.44
CA LEU A 367 73.47 -29.02 -8.42
C LEU A 367 74.01 -30.12 -7.48
N ARG A 368 73.84 -29.89 -6.17
N ARG A 368 73.80 -29.89 -6.18
CA ARG A 368 74.24 -30.86 -5.17
CA ARG A 368 74.21 -30.80 -5.13
C ARG A 368 73.19 -30.85 -4.04
C ARG A 368 73.15 -30.85 -4.06
N LEU A 369 73.04 -31.98 -3.36
CA LEU A 369 72.28 -32.03 -2.09
C LEU A 369 72.92 -31.05 -1.09
N ALA A 370 72.13 -30.29 -0.30
CA ALA A 370 72.70 -29.39 0.73
C ALA A 370 73.53 -30.15 1.75
N ASP A 371 73.13 -31.37 2.10
CA ASP A 371 74.01 -32.26 2.87
C ASP A 371 73.67 -33.73 2.54
N ASP A 372 74.56 -34.67 2.87
CA ASP A 372 74.34 -36.07 2.40
C ASP A 372 73.39 -36.99 3.16
N ALA A 373 72.93 -36.57 4.34
CA ALA A 373 71.93 -37.29 5.17
C ALA A 373 70.75 -37.82 4.33
N PRO A 374 70.07 -38.88 4.83
CA PRO A 374 68.88 -39.29 4.15
C PRO A 374 67.81 -38.20 4.02
N VAL A 375 67.13 -38.22 2.89
CA VAL A 375 66.04 -37.33 2.56
C VAL A 375 64.80 -37.93 3.26
N PRO A 376 64.03 -37.14 4.06
CA PRO A 376 62.81 -37.65 4.69
C PRO A 376 61.80 -38.07 3.61
N LEU A 377 61.18 -39.23 3.83
CA LEU A 377 60.12 -39.66 2.92
C LEU A 377 58.76 -39.53 3.59
N ARG A 378 57.74 -39.47 2.77
CA ARG A 378 56.39 -39.24 3.27
C ARG A 378 55.81 -40.55 3.79
N PRO A 379 55.38 -40.56 5.04
CA PRO A 379 54.69 -41.76 5.51
C PRO A 379 53.25 -41.83 4.87
N ALA A 380 53.08 -42.76 3.99
CA ALA A 380 51.84 -42.94 3.25
C ALA A 380 51.91 -44.38 2.74
N ASN A 381 50.76 -45.10 2.70
CA ASN A 381 50.79 -46.54 2.35
C ASN A 381 50.50 -46.81 0.87
N PHE A 382 50.35 -45.73 0.10
CA PHE A 382 49.96 -45.90 -1.27
C PHE A 382 50.96 -45.29 -2.25
N VAL A 383 51.12 -43.96 -2.18
CA VAL A 383 52.00 -43.24 -3.06
C VAL A 383 53.00 -42.51 -2.14
N SER A 384 54.32 -42.70 -2.31
CA SER A 384 55.24 -42.04 -1.38
C SER A 384 56.59 -41.71 -2.03
N GLY A 385 57.27 -40.70 -1.45
CA GLY A 385 58.58 -40.24 -1.94
C GLY A 385 58.99 -39.07 -1.07
N PRO A 386 60.00 -38.31 -1.55
CA PRO A 386 60.63 -37.26 -0.70
C PRO A 386 59.66 -36.17 -0.19
N GLU A 387 59.72 -35.93 1.11
N GLU A 387 59.69 -35.89 1.11
CA GLU A 387 58.99 -34.82 1.79
CA GLU A 387 58.90 -34.76 1.65
C GLU A 387 59.61 -33.44 1.51
C GLU A 387 59.60 -33.39 1.48
N SER A 388 60.94 -33.41 1.49
CA SER A 388 61.71 -32.19 1.23
C SER A 388 63.11 -32.59 0.79
N MET A 389 63.76 -31.68 0.10
CA MET A 389 65.10 -31.98 -0.40
C MET A 389 65.90 -30.73 -0.65
N PRO A 390 66.55 -30.21 0.39
CA PRO A 390 67.37 -28.96 0.19
C PRO A 390 68.54 -29.19 -0.81
N VAL A 391 68.65 -28.33 -1.82
CA VAL A 391 69.76 -28.43 -2.80
C VAL A 391 70.50 -27.13 -2.91
N VAL A 392 71.73 -27.18 -3.40
CA VAL A 392 72.49 -25.98 -3.64
C VAL A 392 73.11 -26.01 -5.05
N PHE A 393 73.51 -24.83 -5.54
CA PHE A 393 74.01 -24.66 -6.90
C PHE A 393 74.51 -23.25 -7.09
N THR A 394 75.35 -23.08 -8.10
CA THR A 394 75.80 -21.76 -8.50
C THR A 394 74.61 -21.00 -9.08
N PRO A 395 74.31 -19.79 -8.52
CA PRO A 395 73.18 -19.03 -9.06
C PRO A 395 73.42 -18.69 -10.54
N SER A 396 72.37 -18.52 -11.33
CA SER A 396 72.43 -18.00 -12.70
C SER A 396 71.23 -17.03 -12.97
N ALA A 397 71.14 -16.42 -14.17
CA ALA A 397 70.09 -15.43 -14.44
C ALA A 397 68.80 -16.05 -15.00
N PRO A 398 67.63 -15.56 -14.55
CA PRO A 398 66.39 -16.22 -15.01
C PRO A 398 66.21 -16.10 -16.53
N VAL A 399 65.49 -17.02 -17.16
CA VAL A 399 65.14 -16.91 -18.60
C VAL A 399 64.04 -15.82 -18.86
N LEU A 400 62.97 -15.81 -18.05
CA LEU A 400 61.91 -14.76 -18.12
C LEU A 400 61.39 -14.75 -19.57
N ALA A 401 61.18 -15.99 -20.07
CA ALA A 401 60.60 -16.26 -21.41
C ALA A 401 59.43 -15.31 -21.86
N HIS A 402 58.38 -15.19 -21.04
CA HIS A 402 57.27 -14.21 -21.33
C HIS A 402 57.64 -12.73 -21.67
N HIS A 403 58.81 -12.16 -21.27
CA HIS A 403 59.04 -10.66 -21.50
C HIS A 403 59.17 -10.13 -22.95
N THR B 2 33.14 -11.98 -42.60
CA THR B 2 33.74 -12.67 -41.41
C THR B 2 33.56 -11.86 -40.12
N GLN B 3 34.00 -10.59 -40.06
CA GLN B 3 33.59 -9.77 -38.89
C GLN B 3 32.18 -9.15 -38.97
N MET B 4 31.53 -8.98 -37.82
CA MET B 4 30.17 -8.52 -37.80
C MET B 4 30.12 -7.02 -38.15
N LEU B 5 29.02 -6.63 -38.76
CA LEU B 5 28.81 -5.29 -39.20
C LEU B 5 28.95 -4.35 -38.04
N THR B 6 28.49 -4.75 -36.86
CA THR B 6 28.47 -3.85 -35.73
C THR B 6 29.69 -4.02 -34.84
N ARG B 7 30.65 -4.86 -35.21
CA ARG B 7 31.87 -4.96 -34.36
C ARG B 7 32.58 -3.60 -34.30
N PRO B 8 32.95 -3.14 -33.13
CA PRO B 8 33.64 -1.87 -33.06
C PRO B 8 35.00 -1.95 -33.80
N ASP B 9 35.33 -0.88 -34.53
CA ASP B 9 36.62 -0.80 -35.23
C ASP B 9 37.42 0.21 -34.40
N VAL B 10 38.18 -0.29 -33.42
CA VAL B 10 38.86 0.51 -32.42
C VAL B 10 40.36 0.16 -32.19
N ASP B 11 41.09 1.13 -31.70
CA ASP B 11 42.48 0.93 -31.28
C ASP B 11 42.51 1.29 -29.82
N LEU B 12 42.68 0.31 -28.94
CA LEU B 12 42.57 0.60 -27.52
C LEU B 12 43.77 1.31 -26.98
N VAL B 13 44.75 1.59 -27.83
CA VAL B 13 45.92 2.33 -27.33
C VAL B 13 45.75 3.81 -27.75
N ASN B 14 44.64 4.12 -28.42
CA ASN B 14 44.42 5.47 -28.93
C ASN B 14 43.65 6.25 -27.84
N GLY B 15 44.26 7.31 -27.29
CA GLY B 15 43.67 8.05 -26.21
C GLY B 15 42.29 8.60 -26.62
N MET B 16 42.09 8.85 -27.92
CA MET B 16 40.74 9.35 -28.34
C MET B 16 39.55 8.40 -28.02
N PHE B 17 39.81 7.11 -28.00
CA PHE B 17 38.77 6.13 -27.71
C PHE B 17 38.17 6.36 -26.32
N TYR B 18 39.02 6.75 -25.36
CA TYR B 18 38.60 6.95 -23.97
C TYR B 18 38.00 8.39 -23.76
N ALA B 19 38.13 9.25 -24.74
CA ALA B 19 37.69 10.64 -24.52
C ALA B 19 36.48 11.00 -25.38
N ASP B 20 36.21 10.26 -26.45
CA ASP B 20 35.22 10.84 -27.41
C ASP B 20 33.76 10.47 -27.06
N GLY B 21 33.59 9.74 -25.95
CA GLY B 21 32.23 9.33 -25.49
C GLY B 21 31.69 8.04 -26.14
N GLY B 22 32.47 7.45 -27.04
CA GLY B 22 32.10 6.16 -27.68
C GLY B 22 32.46 4.86 -26.91
N ALA B 23 33.25 4.98 -25.84
CA ALA B 23 33.80 3.81 -25.14
C ALA B 23 32.70 2.93 -24.53
N ARG B 24 31.74 3.50 -23.80
CA ARG B 24 30.75 2.64 -23.13
C ARG B 24 29.90 1.84 -24.12
N GLU B 25 29.51 2.45 -25.24
CA GLU B 25 28.86 1.72 -26.30
C GLU B 25 29.68 0.54 -26.83
N ALA B 26 30.96 0.81 -27.07
CA ALA B 26 31.82 -0.21 -27.58
C ALA B 26 31.95 -1.34 -26.57
N TYR B 27 32.17 -1.02 -25.29
CA TYR B 27 32.29 -2.01 -24.24
C TYR B 27 30.99 -2.88 -24.17
N ARG B 28 29.85 -2.27 -24.34
CA ARG B 28 28.61 -3.04 -24.28
C ARG B 28 28.66 -4.11 -25.37
N TRP B 29 29.16 -3.74 -26.55
CA TRP B 29 29.29 -4.76 -27.61
C TRP B 29 30.25 -5.90 -27.19
N MET B 30 31.40 -5.50 -26.64
CA MET B 30 32.44 -6.47 -26.23
C MET B 30 31.95 -7.45 -25.20
N ARG B 31 31.36 -6.94 -24.12
CA ARG B 31 30.92 -7.85 -23.03
C ARG B 31 29.90 -8.85 -23.58
N ALA B 32 29.07 -8.39 -24.53
CA ALA B 32 27.95 -9.21 -25.01
C ALA B 32 28.39 -10.19 -26.06
N ASN B 33 29.42 -9.86 -26.83
CA ASN B 33 29.73 -10.64 -28.06
C ASN B 33 31.15 -11.24 -28.13
N GLU B 34 32.12 -10.62 -27.47
CA GLU B 34 33.48 -11.11 -27.47
C GLU B 34 34.16 -10.61 -26.22
N PRO B 35 33.85 -11.24 -25.08
CA PRO B 35 34.19 -10.69 -23.76
C PRO B 35 35.72 -10.42 -23.61
N VAL B 36 36.55 -11.27 -24.22
CA VAL B 36 38.01 -10.96 -24.32
C VAL B 36 38.19 -10.58 -25.78
N PHE B 37 38.20 -9.27 -26.00
CA PHE B 37 38.03 -8.68 -27.32
C PHE B 37 39.43 -8.39 -27.90
N ARG B 38 39.61 -8.55 -29.18
CA ARG B 38 40.92 -8.14 -29.79
C ARG B 38 40.62 -6.91 -30.66
N ASP B 39 41.32 -5.80 -30.41
CA ASP B 39 41.09 -4.57 -31.20
C ASP B 39 41.67 -4.69 -32.63
N ARG B 40 41.67 -3.57 -33.38
CA ARG B 40 42.06 -3.68 -34.76
C ARG B 40 43.52 -4.05 -34.99
N ASN B 41 44.39 -3.85 -33.99
CA ASN B 41 45.77 -4.34 -34.08
C ASN B 41 46.02 -5.72 -33.42
N GLY B 42 44.94 -6.42 -33.08
CA GLY B 42 45.06 -7.71 -32.37
C GLY B 42 45.29 -7.61 -30.86
N LEU B 43 45.20 -6.42 -30.23
CA LEU B 43 45.51 -6.31 -28.78
C LEU B 43 44.30 -6.86 -28.01
N ALA B 44 44.56 -7.80 -27.12
CA ALA B 44 43.53 -8.47 -26.30
C ALA B 44 43.09 -7.62 -25.15
N ALA B 45 41.78 -7.63 -24.85
CA ALA B 45 41.29 -6.86 -23.73
C ALA B 45 40.22 -7.61 -22.93
N ALA B 46 40.41 -7.73 -21.61
CA ALA B 46 39.42 -8.39 -20.79
C ALA B 46 38.31 -7.34 -20.48
N THR B 47 37.06 -7.56 -20.87
CA THR B 47 36.09 -6.48 -20.82
C THR B 47 34.96 -6.70 -19.80
N THR B 48 34.77 -7.94 -19.36
CA THR B 48 33.71 -8.28 -18.38
C THR B 48 34.36 -8.26 -17.04
N TYR B 49 33.53 -8.03 -16.05
CA TYR B 49 33.97 -8.06 -14.65
C TYR B 49 34.51 -9.44 -14.33
N GLN B 50 33.84 -10.49 -14.80
CA GLN B 50 34.36 -11.84 -14.56
C GLN B 50 35.79 -12.05 -15.17
N ALA B 51 36.03 -11.60 -16.41
CA ALA B 51 37.34 -11.81 -17.04
C ALA B 51 38.39 -10.97 -16.29
N VAL B 52 38.01 -9.80 -15.80
CA VAL B 52 38.99 -8.93 -15.11
C VAL B 52 39.35 -9.54 -13.75
N LEU B 53 38.36 -9.95 -13.01
CA LEU B 53 38.61 -10.61 -11.72
C LEU B 53 39.41 -11.90 -11.86
N ASP B 54 39.00 -12.78 -12.80
CA ASP B 54 39.75 -14.03 -13.04
C ASP B 54 41.25 -13.72 -13.33
N ALA B 55 41.51 -12.72 -14.18
CA ALA B 55 42.91 -12.38 -14.51
C ALA B 55 43.67 -11.86 -13.26
N GLU B 56 42.99 -11.00 -12.49
CA GLU B 56 43.54 -10.47 -11.23
C GLU B 56 43.83 -11.52 -10.17
N ARG B 57 42.98 -12.57 -10.11
CA ARG B 57 43.17 -13.62 -9.11
C ARG B 57 44.23 -14.62 -9.61
N ASN B 58 44.69 -14.51 -10.86
CA ASN B 58 45.63 -15.48 -11.38
C ASN B 58 46.89 -14.85 -11.91
N PRO B 59 47.63 -14.10 -11.06
CA PRO B 59 48.86 -13.50 -11.57
C PRO B 59 49.94 -14.53 -12.02
N GLU B 60 49.86 -15.77 -11.54
CA GLU B 60 50.78 -16.82 -12.10
C GLU B 60 50.65 -16.90 -13.64
N LEU B 61 49.42 -16.76 -14.15
CA LEU B 61 49.17 -16.77 -15.57
C LEU B 61 49.20 -15.34 -16.21
N PHE B 62 48.72 -14.35 -15.47
CA PHE B 62 48.65 -12.95 -15.93
C PHE B 62 49.67 -12.09 -15.17
N SER B 63 50.85 -11.99 -15.70
CA SER B 63 52.00 -11.50 -14.89
C SER B 63 52.04 -9.93 -15.01
N SER B 64 52.56 -9.28 -13.99
CA SER B 64 52.78 -7.83 -14.08
C SER B 64 54.19 -7.46 -14.49
N THR B 65 55.11 -8.44 -14.59
CA THR B 65 56.54 -8.08 -14.75
C THR B 65 56.90 -7.67 -16.16
N GLY B 66 56.03 -7.94 -17.11
CA GLY B 66 56.14 -7.35 -18.45
C GLY B 66 55.86 -5.81 -18.52
N GLY B 67 55.36 -5.22 -17.43
CA GLY B 67 54.97 -3.80 -17.43
C GLY B 67 53.44 -3.74 -17.51
N ILE B 68 52.85 -2.75 -16.87
CA ILE B 68 51.37 -2.60 -16.90
C ILE B 68 50.84 -1.67 -18.04
N ARG B 69 51.74 -1.25 -18.93
CA ARG B 69 51.34 -0.52 -20.17
C ARG B 69 51.51 -1.35 -21.43
N PRO B 70 50.75 -1.03 -22.49
CA PRO B 70 50.77 -1.98 -23.59
C PRO B 70 51.98 -1.90 -24.46
N ASP B 71 52.70 -0.79 -24.50
CA ASP B 71 53.82 -0.77 -25.41
C ASP B 71 55.12 -0.35 -24.72
N GLN B 72 55.30 -0.76 -23.45
CA GLN B 72 56.54 -0.47 -22.70
C GLN B 72 56.85 -1.62 -21.78
N PRO B 73 58.14 -1.84 -21.47
CA PRO B 73 58.57 -2.88 -20.52
C PRO B 73 58.32 -2.43 -19.08
N GLY B 74 58.56 -3.33 -18.12
CA GLY B 74 58.38 -3.07 -16.69
C GLY B 74 59.41 -2.08 -16.10
N MET B 75 58.98 -1.27 -15.15
CA MET B 75 59.91 -0.44 -14.40
C MET B 75 60.19 -1.10 -13.05
N PRO B 76 61.22 -0.65 -12.38
CA PRO B 76 61.56 -1.34 -11.13
C PRO B 76 60.83 -0.79 -9.91
N TYR B 77 59.50 -0.85 -9.93
CA TYR B 77 58.72 -0.50 -8.76
C TYR B 77 57.55 -1.48 -8.63
N MET B 78 56.77 -1.38 -7.55
CA MET B 78 56.00 -2.56 -7.14
C MET B 78 54.92 -2.94 -8.20
N ILE B 79 54.44 -1.99 -8.96
CA ILE B 79 53.26 -2.33 -9.79
C ILE B 79 53.71 -3.24 -10.93
N ASP B 80 55.02 -3.22 -11.22
CA ASP B 80 55.55 -4.09 -12.31
C ASP B 80 56.26 -5.33 -11.76
N MET B 81 55.81 -5.79 -10.60
CA MET B 81 56.48 -6.94 -9.92
C MET B 81 55.40 -7.95 -9.63
N ASP B 82 55.80 -9.21 -9.54
CA ASP B 82 54.94 -10.32 -9.11
C ASP B 82 55.40 -10.74 -7.72
N ASP B 83 54.50 -11.26 -6.91
CA ASP B 83 54.86 -11.94 -5.67
C ASP B 83 55.82 -13.14 -5.95
N PRO B 84 56.77 -13.41 -5.07
CA PRO B 84 56.97 -12.85 -3.73
C PRO B 84 57.67 -11.49 -3.67
N GLN B 85 58.33 -11.09 -4.75
N GLN B 85 58.35 -11.07 -4.74
CA GLN B 85 59.07 -9.82 -4.82
CA GLN B 85 59.11 -9.79 -4.71
C GLN B 85 58.11 -8.65 -4.50
C GLN B 85 58.13 -8.61 -4.52
N HIS B 86 57.00 -8.64 -5.21
CA HIS B 86 56.00 -7.59 -5.04
C HIS B 86 55.55 -7.46 -3.59
N LEU B 87 55.31 -8.59 -2.95
CA LEU B 87 54.66 -8.59 -1.63
C LEU B 87 55.57 -7.93 -0.60
N LEU B 88 56.82 -8.32 -0.64
CA LEU B 88 57.79 -7.68 0.20
C LEU B 88 57.90 -6.16 -0.07
N ARG B 89 58.03 -5.78 -1.35
CA ARG B 89 58.16 -4.38 -1.69
C ARG B 89 56.87 -3.64 -1.22
N ARG B 90 55.70 -4.23 -1.49
CA ARG B 90 54.49 -3.65 -0.98
C ARG B 90 54.46 -3.52 0.53
N LYS B 91 54.86 -4.54 1.26
CA LYS B 91 54.83 -4.46 2.72
C LYS B 91 55.75 -3.35 3.21
N LEU B 92 56.89 -3.17 2.55
CA LEU B 92 57.86 -2.12 2.99
C LEU B 92 57.20 -0.71 2.84
N VAL B 93 56.60 -0.52 1.67
CA VAL B 93 56.02 0.80 1.30
C VAL B 93 54.73 1.09 2.10
N ASN B 94 54.02 -0.01 2.47
CA ASN B 94 52.78 0.04 3.29
C ASN B 94 52.95 0.80 4.63
N ALA B 95 54.16 0.85 5.19
CA ALA B 95 54.45 1.64 6.37
C ALA B 95 53.92 3.11 6.19
N GLY B 96 53.96 3.64 4.96
CA GLY B 96 53.55 5.02 4.74
C GLY B 96 52.03 5.14 4.57
N PHE B 97 51.33 3.99 4.46
CA PHE B 97 49.89 3.97 4.16
C PHE B 97 49.07 3.22 5.19
N THR B 98 49.55 3.16 6.43
CA THR B 98 48.75 2.50 7.46
C THR B 98 47.48 3.29 7.74
N ARG B 99 46.45 2.63 8.29
CA ARG B 99 45.23 3.35 8.68
C ARG B 99 45.59 4.56 9.55
N LYS B 100 46.51 4.39 10.49
CA LYS B 100 46.92 5.48 11.40
C LYS B 100 47.54 6.68 10.66
N ARG B 101 48.46 6.37 9.73
CA ARG B 101 49.11 7.42 8.94
C ARG B 101 48.12 8.19 8.03
N VAL B 102 47.17 7.46 7.48
CA VAL B 102 46.15 8.05 6.66
C VAL B 102 45.22 8.93 7.50
N MET B 103 44.70 8.40 8.63
CA MET B 103 43.70 9.10 9.41
C MET B 103 44.33 10.29 10.09
N ASP B 104 45.63 10.21 10.32
CA ASP B 104 46.32 11.33 10.82
C ASP B 104 46.38 12.59 9.93
N LYS B 105 46.10 12.46 8.63
CA LYS B 105 46.14 13.58 7.69
C LYS B 105 44.77 14.29 7.50
N VAL B 106 43.77 13.91 8.32
CA VAL B 106 42.39 14.49 8.26
C VAL B 106 42.43 15.98 8.44
N ASP B 107 43.16 16.48 9.45
CA ASP B 107 43.23 17.90 9.69
C ASP B 107 43.96 18.61 8.53
N SER B 108 45.15 18.11 8.15
CA SER B 108 45.87 18.79 7.10
C SER B 108 45.14 18.78 5.75
N ILE B 109 44.51 17.68 5.38
CA ILE B 109 43.81 17.65 4.10
C ILE B 109 42.57 18.54 4.18
N GLY B 110 41.90 18.52 5.31
CA GLY B 110 40.73 19.39 5.44
C GLY B 110 41.12 20.83 5.31
N ARG B 111 42.26 21.20 5.93
CA ARG B 111 42.71 22.54 5.91
C ARG B 111 43.02 22.92 4.44
N LEU B 112 43.62 22.00 3.69
CA LEU B 112 43.90 22.23 2.30
C LEU B 112 42.64 22.47 1.50
N CYS B 113 41.63 21.65 1.78
CA CYS B 113 40.35 21.79 1.12
C CYS B 113 39.74 23.20 1.29
N ASP B 114 39.66 23.66 2.52
CA ASP B 114 39.18 25.02 2.81
C ASP B 114 39.92 26.09 2.08
N THR B 115 41.26 26.06 2.13
CA THR B 115 42.10 26.96 1.34
C THR B 115 41.73 26.97 -0.12
N LEU B 116 41.57 25.81 -0.73
CA LEU B 116 41.22 25.75 -2.16
C LEU B 116 39.85 26.35 -2.47
N ILE B 117 38.89 26.10 -1.56
CA ILE B 117 37.51 26.72 -1.72
C ILE B 117 37.53 28.21 -1.46
N ASP B 118 38.35 28.64 -0.49
CA ASP B 118 38.56 30.04 -0.26
C ASP B 118 38.97 30.81 -1.50
N ALA B 119 39.79 30.17 -2.34
CA ALA B 119 40.31 30.86 -3.51
C ALA B 119 39.21 31.06 -4.59
N VAL B 120 38.10 30.35 -4.50
CA VAL B 120 37.00 30.60 -5.44
C VAL B 120 35.66 31.11 -4.87
N CYS B 121 35.41 30.99 -3.58
CA CYS B 121 34.02 31.09 -3.10
C CYS B 121 33.35 32.48 -3.30
N GLU B 122 34.15 33.53 -3.44
CA GLU B 122 33.65 34.89 -3.59
C GLU B 122 33.21 35.18 -5.00
N ARG B 123 33.67 34.37 -5.94
CA ARG B 123 33.50 34.67 -7.34
C ARG B 123 32.17 34.19 -7.89
N GLY B 124 31.63 33.08 -7.39
CA GLY B 124 30.36 32.61 -7.86
C GLY B 124 30.52 31.69 -9.05
N GLU B 125 31.78 31.39 -9.38
CA GLU B 125 32.02 30.46 -10.47
C GLU B 125 33.47 30.06 -10.42
N CYS B 126 33.77 28.91 -11.00
CA CYS B 126 35.16 28.54 -11.22
C CYS B 126 35.19 27.42 -12.22
N ASP B 127 36.39 26.95 -12.51
CA ASP B 127 36.55 25.72 -13.24
C ASP B 127 36.86 24.65 -12.22
N PHE B 128 35.96 23.68 -12.08
CA PHE B 128 36.05 22.73 -11.00
C PHE B 128 37.33 21.88 -11.12
N VAL B 129 37.75 21.60 -12.36
CA VAL B 129 38.93 20.77 -12.62
C VAL B 129 40.15 21.59 -12.25
N ARG B 130 40.31 22.77 -12.90
CA ARG B 130 41.48 23.62 -12.71
C ARG B 130 41.62 24.11 -11.26
N ASP B 131 40.52 24.51 -10.63
CA ASP B 131 40.63 25.24 -9.38
C ASP B 131 40.42 24.44 -8.13
N ILE B 132 39.81 23.26 -8.26
CA ILE B 132 39.50 22.44 -7.09
C ILE B 132 40.07 21.03 -7.20
N ALA B 133 39.66 20.30 -8.24
CA ALA B 133 40.04 18.89 -8.34
C ALA B 133 41.54 18.68 -8.63
N ALA B 134 42.08 19.44 -9.55
CA ALA B 134 43.50 19.26 -9.94
C ALA B 134 44.53 19.60 -8.82
N PRO B 135 44.34 20.75 -8.10
CA PRO B 135 45.36 21.09 -7.06
C PRO B 135 45.34 20.17 -5.86
N LEU B 136 44.17 19.75 -5.40
CA LEU B 136 44.10 18.89 -4.21
C LEU B 136 45.07 17.66 -4.11
N PRO B 137 45.02 16.68 -5.07
CA PRO B 137 45.82 15.48 -4.86
C PRO B 137 47.32 15.76 -4.96
N MET B 138 47.72 16.75 -5.76
CA MET B 138 49.16 17.13 -5.82
C MET B 138 49.64 17.70 -4.48
N ALA B 139 48.84 18.58 -3.88
CA ALA B 139 49.21 19.25 -2.61
C ALA B 139 49.20 18.17 -1.53
N VAL B 140 48.29 17.21 -1.58
CA VAL B 140 48.33 16.12 -0.55
C VAL B 140 49.63 15.31 -0.63
N ILE B 141 50.00 14.92 -1.85
CA ILE B 141 51.30 14.28 -2.09
C ILE B 141 52.50 15.11 -1.69
N GLY B 142 52.53 16.42 -2.02
CA GLY B 142 53.69 17.23 -1.59
C GLY B 142 53.78 17.29 -0.07
N ASP B 143 52.66 17.51 0.60
CA ASP B 143 52.67 17.55 2.06
C ASP B 143 53.12 16.17 2.63
N MET B 144 52.57 15.09 2.10
CA MET B 144 52.97 13.73 2.52
C MET B 144 54.48 13.50 2.40
N LEU B 145 55.08 14.01 1.31
CA LEU B 145 56.53 13.93 1.15
C LEU B 145 57.32 14.88 2.00
N GLY B 146 56.63 15.87 2.62
CA GLY B 146 57.33 16.84 3.45
C GLY B 146 58.10 17.92 2.68
N VAL B 147 57.77 18.09 1.38
CA VAL B 147 58.52 19.04 0.53
C VAL B 147 57.78 20.43 0.46
N LEU B 148 58.50 21.43 -0.02
CA LEU B 148 57.95 22.73 -0.32
C LEU B 148 57.04 22.68 -1.55
N PRO B 149 56.04 23.56 -1.60
CA PRO B 149 55.18 23.62 -2.83
C PRO B 149 56.04 23.78 -4.14
N THR B 150 57.10 24.57 -4.11
CA THR B 150 57.95 24.71 -5.32
C THR B 150 58.52 23.31 -5.69
N GLU B 151 58.97 22.58 -4.68
CA GLU B 151 59.55 21.25 -4.87
C GLU B 151 58.52 20.25 -5.34
N ARG B 152 57.33 20.29 -4.73
CA ARG B 152 56.23 19.50 -5.17
C ARG B 152 55.97 19.68 -6.65
N ASP B 153 55.86 20.92 -7.09
CA ASP B 153 55.66 21.27 -8.51
C ASP B 153 56.79 20.72 -9.43
N MET B 154 58.03 20.84 -9.00
CA MET B 154 59.13 20.27 -9.74
C MET B 154 58.94 18.72 -9.86
N LEU B 155 58.60 18.05 -8.74
CA LEU B 155 58.47 16.62 -8.77
C LEU B 155 57.31 16.17 -9.68
N LEU B 156 56.23 16.92 -9.61
CA LEU B 156 55.02 16.49 -10.30
C LEU B 156 55.27 16.73 -11.88
N LYS B 157 55.94 17.76 -12.26
CA LYS B 157 56.42 17.92 -13.63
C LYS B 157 57.39 16.81 -14.14
N TRP B 158 58.51 16.61 -13.46
CA TRP B 158 59.34 15.42 -13.72
C TRP B 158 58.56 14.14 -13.89
N SER B 159 57.66 13.77 -12.98
CA SER B 159 56.96 12.54 -13.05
C SER B 159 56.05 12.58 -14.31
N ASP B 160 55.52 13.75 -14.67
CA ASP B 160 54.78 13.88 -15.94
C ASP B 160 55.62 13.64 -17.15
N ASP B 161 56.78 14.23 -17.19
CA ASP B 161 57.69 14.11 -18.31
C ASP B 161 58.22 12.69 -18.37
N LEU B 162 58.28 11.97 -17.23
CA LEU B 162 58.85 10.65 -17.25
C LEU B 162 57.77 9.78 -17.85
N VAL B 163 56.53 10.01 -17.45
CA VAL B 163 55.41 9.20 -17.93
C VAL B 163 55.31 9.36 -19.53
N CYS B 164 55.27 10.61 -19.99
CA CYS B 164 55.11 10.89 -21.43
C CYS B 164 56.39 10.47 -22.24
N GLY B 165 57.57 10.67 -21.65
CA GLY B 165 58.85 10.24 -22.28
C GLY B 165 59.02 8.71 -22.35
N LEU B 166 58.42 7.98 -21.39
CA LEU B 166 58.43 6.49 -21.39
C LEU B 166 57.57 5.99 -22.56
N SER B 167 56.31 6.48 -22.64
CA SER B 167 55.37 6.17 -23.76
C SER B 167 55.90 6.55 -25.20
N SER B 168 56.86 7.49 -25.31
CA SER B 168 57.36 8.01 -26.61
C SER B 168 58.90 8.31 -26.62
N HIS B 169 59.70 7.25 -26.83
CA HIS B 169 61.19 7.37 -26.78
C HIS B 169 61.98 6.69 -27.95
N VAL B 170 61.46 6.81 -29.18
CA VAL B 170 62.25 6.41 -30.40
C VAL B 170 63.21 7.51 -30.94
N ASP B 171 62.81 8.79 -31.10
CA ASP B 171 63.79 9.81 -31.64
C ASP B 171 65.04 9.92 -30.71
N GLU B 172 66.22 10.15 -31.29
CA GLU B 172 67.48 10.24 -30.50
C GLU B 172 67.48 11.38 -29.44
N ALA B 173 66.85 12.52 -29.78
CA ALA B 173 66.76 13.65 -28.84
C ALA B 173 65.67 13.40 -27.79
N ALA B 174 64.66 12.57 -28.10
CA ALA B 174 63.64 12.20 -27.11
C ALA B 174 64.17 11.25 -26.02
N ILE B 175 65.18 10.43 -26.37
CA ILE B 175 65.83 9.49 -25.46
C ILE B 175 66.63 10.36 -24.49
N GLN B 176 67.44 11.23 -25.06
CA GLN B 176 68.17 12.23 -24.32
C GLN B 176 67.34 13.06 -23.30
N LYS B 177 66.15 13.53 -23.68
CA LYS B 177 65.36 14.39 -22.77
C LYS B 177 64.83 13.54 -21.59
N LEU B 178 64.34 12.35 -21.88
CA LEU B 178 63.93 11.42 -20.85
C LEU B 178 65.08 11.05 -19.89
N MET B 179 66.28 10.77 -20.39
CA MET B 179 67.42 10.45 -19.52
C MET B 179 67.80 11.66 -18.62
N ASP B 180 67.87 12.85 -19.19
CA ASP B 180 68.05 14.06 -18.40
C ASP B 180 67.00 14.28 -17.30
N THR B 181 65.74 14.01 -17.56
CA THR B 181 64.76 14.23 -16.48
C THR B 181 64.89 13.18 -15.41
N PHE B 182 65.20 11.96 -15.85
CA PHE B 182 65.37 10.93 -14.91
C PHE B 182 66.56 11.26 -13.99
N ALA B 183 67.67 11.72 -14.56
CA ALA B 183 68.83 12.08 -13.77
C ALA B 183 68.46 13.24 -12.77
N ALA B 184 67.77 14.27 -13.25
CA ALA B 184 67.41 15.41 -12.39
C ALA B 184 66.43 14.95 -11.27
N TYR B 185 65.49 14.07 -11.62
CA TYR B 185 64.51 13.58 -10.63
C TYR B 185 65.22 12.77 -9.51
N THR B 186 66.14 11.90 -9.94
CA THR B 186 66.85 11.03 -9.06
C THR B 186 67.81 11.80 -8.15
N GLU B 187 68.56 12.73 -8.71
CA GLU B 187 69.43 13.55 -7.92
C GLU B 187 68.68 14.39 -6.84
N PHE B 188 67.59 15.01 -7.23
CA PHE B 188 66.78 15.74 -6.22
C PHE B 188 66.26 14.76 -5.10
N THR B 189 65.69 13.64 -5.50
CA THR B 189 65.08 12.73 -4.53
C THR B 189 66.13 12.06 -3.61
N LYS B 190 67.30 11.71 -4.16
CA LYS B 190 68.34 11.13 -3.36
C LYS B 190 68.87 12.14 -2.36
N ASP B 191 68.95 13.41 -2.75
CA ASP B 191 69.41 14.47 -1.82
C ASP B 191 68.46 14.52 -0.61
N VAL B 192 67.16 14.53 -0.88
CA VAL B 192 66.13 14.54 0.19
C VAL B 192 66.31 13.28 1.05
N ILE B 193 66.41 12.13 0.38
CA ILE B 193 66.62 10.90 1.14
C ILE B 193 67.81 10.97 2.09
N THR B 194 68.94 11.44 1.59
CA THR B 194 70.16 11.53 2.36
C THR B 194 69.95 12.39 3.62
N LYS B 195 69.23 13.50 3.46
CA LYS B 195 68.92 14.41 4.58
C LYS B 195 68.01 13.73 5.62
N ARG B 196 67.14 12.85 5.15
CA ARG B 196 66.13 12.25 6.02
C ARG B 196 66.77 11.13 6.81
N ARG B 197 67.73 10.41 6.22
CA ARG B 197 68.49 9.42 6.96
C ARG B 197 69.21 10.06 8.14
N ALA B 198 69.69 11.29 7.98
CA ALA B 198 70.52 11.91 9.00
C ALA B 198 69.67 12.71 10.01
N GLU B 199 68.56 13.27 9.53
N GLU B 199 68.64 13.40 9.54
CA GLU B 199 67.70 14.18 10.27
CA GLU B 199 67.71 14.16 10.39
C GLU B 199 66.24 13.72 10.02
C GLU B 199 66.26 13.72 10.04
N PRO B 200 65.81 12.61 10.63
CA PRO B 200 64.48 12.05 10.38
C PRO B 200 63.38 13.06 10.60
N THR B 201 62.34 13.03 9.80
CA THR B 201 61.14 13.72 10.15
C THR B 201 60.07 12.65 10.24
N ASP B 202 58.83 13.09 10.17
CA ASP B 202 57.69 12.22 10.14
C ASP B 202 57.08 12.10 8.75
N ASP B 203 57.80 12.51 7.73
CA ASP B 203 57.23 12.40 6.37
C ASP B 203 57.43 11.03 5.70
N LEU B 204 56.78 10.81 4.55
CA LEU B 204 56.89 9.59 3.82
C LEU B 204 58.31 9.22 3.51
N PHE B 205 59.20 10.18 3.23
CA PHE B 205 60.56 9.75 2.97
C PHE B 205 61.14 9.13 4.25
N SER B 206 60.85 9.75 5.39
CA SER B 206 61.45 9.23 6.64
C SER B 206 60.90 7.83 6.97
N VAL B 207 59.59 7.66 6.75
CA VAL B 207 58.91 6.42 7.02
C VAL B 207 59.44 5.28 6.10
N LEU B 208 59.71 5.57 4.84
CA LEU B 208 60.26 4.55 3.95
C LEU B 208 61.70 4.23 4.34
N VAL B 209 62.44 5.23 4.83
CA VAL B 209 63.78 4.93 5.27
C VAL B 209 63.75 3.95 6.48
N ASN B 210 62.80 4.14 7.39
CA ASN B 210 62.76 3.39 8.63
C ASN B 210 61.99 2.02 8.54
N SER B 211 61.22 1.83 7.47
CA SER B 211 60.44 0.62 7.22
C SER B 211 61.33 -0.64 7.19
N GLU B 212 60.89 -1.72 7.84
CA GLU B 212 61.69 -2.95 7.91
C GLU B 212 60.67 -4.08 7.94
N VAL B 213 60.82 -5.07 7.06
CA VAL B 213 59.91 -6.19 7.00
C VAL B 213 60.79 -7.46 6.79
N GLU B 214 60.67 -8.46 7.68
CA GLU B 214 61.40 -9.71 7.45
C GLU B 214 62.94 -9.42 7.45
N GLY B 215 63.36 -8.50 8.31
CA GLY B 215 64.76 -8.13 8.38
C GLY B 215 65.29 -7.32 7.17
N GLN B 216 64.43 -6.98 6.18
CA GLN B 216 64.85 -6.21 5.01
C GLN B 216 64.50 -4.73 5.14
N ARG B 217 65.33 -3.87 4.58
CA ARG B 217 65.03 -2.41 4.45
C ARG B 217 65.12 -1.94 2.99
N MET B 218 64.51 -0.81 2.63
CA MET B 218 64.60 -0.30 1.28
C MET B 218 65.95 0.43 1.08
N SER B 219 66.54 0.25 -0.09
CA SER B 219 67.68 1.13 -0.50
C SER B 219 67.18 2.49 -1.01
N ASP B 220 68.10 3.39 -1.18
CA ASP B 220 67.80 4.74 -1.63
C ASP B 220 67.20 4.65 -3.03
N ASP B 221 67.76 3.77 -3.86
CA ASP B 221 67.30 3.63 -5.25
C ASP B 221 65.89 3.12 -5.26
N GLU B 222 65.62 2.19 -4.34
CA GLU B 222 64.22 1.67 -4.23
C GLU B 222 63.25 2.73 -3.80
N ILE B 223 63.63 3.61 -2.89
CA ILE B 223 62.73 4.64 -2.45
C ILE B 223 62.48 5.64 -3.59
N VAL B 224 63.53 5.94 -4.37
CA VAL B 224 63.42 6.80 -5.54
C VAL B 224 62.36 6.27 -6.49
N PHE B 225 62.42 4.96 -6.80
CA PHE B 225 61.40 4.38 -7.69
C PHE B 225 59.99 4.31 -7.12
N GLU B 226 59.88 3.92 -5.85
CA GLU B 226 58.53 3.78 -5.28
C GLU B 226 57.91 5.18 -5.08
N THR B 227 58.76 6.16 -4.84
CA THR B 227 58.26 7.56 -4.71
C THR B 227 57.77 7.95 -6.06
N LEU B 228 58.51 7.63 -7.11
CA LEU B 228 58.02 7.94 -8.45
C LEU B 228 56.67 7.32 -8.74
N LEU B 229 56.50 6.05 -8.33
CA LEU B 229 55.23 5.34 -8.62
C LEU B 229 54.10 6.08 -7.90
N ILE B 230 54.36 6.54 -6.66
CA ILE B 230 53.27 7.21 -5.88
C ILE B 230 52.95 8.60 -6.52
N LEU B 231 54.00 9.32 -6.99
CA LEU B 231 53.81 10.65 -7.68
C LEU B 231 52.95 10.49 -8.92
N ILE B 232 53.10 9.36 -9.60
CA ILE B 232 52.33 9.14 -10.82
C ILE B 232 50.96 8.68 -10.43
N GLY B 233 50.91 7.76 -9.47
CA GLY B 233 49.68 6.94 -9.23
C GLY B 233 48.65 7.72 -8.48
N GLY B 234 49.09 8.72 -7.72
CA GLY B 234 48.24 9.37 -6.71
C GLY B 234 47.57 10.71 -7.10
N ASP B 235 47.91 11.21 -8.26
CA ASP B 235 47.63 12.55 -8.69
C ASP B 235 46.44 12.59 -9.61
N GLU B 236 46.65 12.38 -10.90
CA GLU B 236 45.53 12.56 -11.86
C GLU B 236 44.34 11.64 -11.58
N THR B 237 44.57 10.42 -11.06
CA THR B 237 43.47 9.47 -10.78
C THR B 237 42.49 10.15 -9.83
N THR B 238 42.99 10.60 -8.66
CA THR B 238 42.14 11.23 -7.66
C THR B 238 41.40 12.51 -8.21
N ARG B 239 42.13 13.26 -9.02
CA ARG B 239 41.58 14.46 -9.67
C ARG B 239 40.32 14.02 -10.44
N HIS B 240 40.49 13.00 -11.27
CA HIS B 240 39.38 12.63 -12.17
C HIS B 240 38.16 12.10 -11.44
N THR B 241 38.35 11.35 -10.36
CA THR B 241 37.17 10.90 -9.60
C THR B 241 36.46 12.12 -8.94
N LEU B 242 37.24 13.04 -8.39
CA LEU B 242 36.67 14.22 -7.78
C LEU B 242 35.86 15.04 -8.82
N SER B 243 36.47 15.33 -9.99
CA SER B 243 35.77 16.14 -10.99
C SER B 243 34.62 15.37 -11.68
N GLY B 244 34.89 14.18 -12.20
CA GLY B 244 33.84 13.41 -12.95
C GLY B 244 32.79 12.85 -11.97
N GLY B 245 33.19 12.63 -10.72
CA GLY B 245 32.23 12.23 -9.67
C GLY B 245 31.28 13.35 -9.34
N THR B 246 31.86 14.50 -8.98
CA THR B 246 31.06 15.68 -8.71
C THR B 246 30.14 16.03 -9.84
N GLU B 247 30.66 15.86 -11.06
CA GLU B 247 29.88 16.15 -12.26
C GLU B 247 28.54 15.38 -12.20
N GLN B 248 28.61 14.09 -11.81
CA GLN B 248 27.38 13.30 -11.78
C GLN B 248 26.45 13.72 -10.65
N LEU B 249 27.02 14.07 -9.49
CA LEU B 249 26.20 14.51 -8.41
C LEU B 249 25.41 15.73 -8.86
N LEU B 250 26.08 16.60 -9.62
CA LEU B 250 25.46 17.87 -10.09
C LEU B 250 24.39 17.64 -11.13
N ARG B 251 24.54 16.56 -11.91
CA ARG B 251 23.53 16.19 -12.91
C ARG B 251 22.34 15.44 -12.28
N HIS B 252 22.43 15.00 -11.03
CA HIS B 252 21.30 14.31 -10.40
C HIS B 252 20.85 15.09 -9.20
N ARG B 253 19.99 16.10 -9.41
CA ARG B 253 19.75 17.10 -8.37
C ARG B 253 19.13 16.47 -7.13
N ASP B 254 18.36 15.40 -7.30
N ASP B 254 18.33 15.42 -7.27
CA ASP B 254 17.73 14.76 -6.15
CA ASP B 254 17.73 14.83 -6.07
C ASP B 254 18.77 14.15 -5.21
C ASP B 254 18.81 14.18 -5.17
N GLN B 255 19.84 13.59 -5.79
CA GLN B 255 20.92 12.98 -5.06
C GLN B 255 21.81 14.04 -4.39
N TRP B 256 22.22 15.05 -5.20
CA TRP B 256 22.86 16.27 -4.68
C TRP B 256 22.10 16.77 -3.42
N ASP B 257 20.79 16.97 -3.57
CA ASP B 257 20.02 17.51 -2.44
C ASP B 257 20.03 16.60 -1.20
N ALA B 258 19.97 15.29 -1.42
CA ALA B 258 20.07 14.32 -0.33
C ALA B 258 21.39 14.40 0.39
N LEU B 259 22.48 14.55 -0.38
CA LEU B 259 23.83 14.67 0.22
C LEU B 259 24.00 15.97 1.01
N VAL B 260 23.51 17.09 0.45
CA VAL B 260 23.49 18.36 1.16
C VAL B 260 22.74 18.21 2.52
N ALA B 261 21.62 17.51 2.52
CA ALA B 261 20.84 17.35 3.75
C ALA B 261 21.42 16.30 4.71
N ASP B 262 22.22 15.35 4.21
CA ASP B 262 22.64 14.22 5.04
C ASP B 262 23.99 13.67 4.69
N VAL B 263 25.00 14.04 5.49
CA VAL B 263 26.41 13.78 5.18
C VAL B 263 26.71 12.29 5.34
N ASP B 264 25.88 11.57 6.08
CA ASP B 264 26.07 10.13 6.21
C ASP B 264 25.82 9.38 4.90
N LEU B 265 25.32 10.02 3.84
CA LEU B 265 25.13 9.36 2.54
C LEU B 265 26.39 9.46 1.72
N LEU B 266 27.33 10.27 2.18
CA LEU B 266 28.54 10.50 1.42
C LEU B 266 29.46 9.25 1.16
N PRO B 267 29.66 8.36 2.15
CA PRO B 267 30.57 7.24 1.79
C PRO B 267 30.01 6.40 0.62
N GLY B 268 28.68 6.22 0.58
CA GLY B 268 28.02 5.53 -0.53
C GLY B 268 28.23 6.30 -1.83
N ALA B 269 28.10 7.64 -1.79
CA ALA B 269 28.24 8.48 -2.97
C ALA B 269 29.66 8.34 -3.56
N ILE B 270 30.66 8.37 -2.67
CA ILE B 270 32.04 8.32 -3.09
C ILE B 270 32.30 6.95 -3.85
N GLU B 271 31.70 5.85 -3.38
CA GLU B 271 31.93 4.55 -4.03
C GLU B 271 31.28 4.60 -5.43
N GLU B 272 30.08 5.17 -5.53
CA GLU B 272 29.49 5.34 -6.87
C GLU B 272 30.34 6.30 -7.77
N MET B 273 30.84 7.39 -7.20
CA MET B 273 31.78 8.23 -7.95
C MET B 273 33.00 7.49 -8.49
N LEU B 274 33.61 6.67 -7.64
CA LEU B 274 34.71 5.81 -8.11
C LEU B 274 34.31 4.87 -9.28
N ARG B 275 33.20 4.17 -9.10
CA ARG B 275 32.79 3.19 -10.14
C ARG B 275 32.56 3.91 -11.46
N TRP B 276 31.80 5.01 -11.40
CA TRP B 276 31.38 5.75 -12.57
C TRP B 276 32.57 6.32 -13.33
N THR B 277 33.53 6.85 -12.58
CA THR B 277 34.57 7.60 -13.28
C THR B 277 35.74 6.68 -13.73
N SER B 278 35.97 5.61 -13.01
CA SER B 278 36.99 4.54 -13.40
C SER B 278 38.19 5.21 -14.07
N PRO B 279 38.91 6.07 -13.32
CA PRO B 279 39.93 6.94 -13.96
C PRO B 279 41.06 6.15 -14.58
N VAL B 280 41.43 4.99 -13.99
CA VAL B 280 42.36 4.09 -14.62
C VAL B 280 41.54 3.18 -15.60
N LYS B 281 41.73 3.44 -16.87
CA LYS B 281 40.97 2.80 -17.93
C LYS B 281 41.45 1.37 -18.18
N ASN B 282 42.76 1.15 -17.91
CA ASN B 282 43.30 -0.21 -18.12
C ASN B 282 44.64 -0.41 -17.44
N MET B 283 44.91 -1.65 -17.06
CA MET B 283 46.27 -2.05 -16.66
C MET B 283 46.53 -3.33 -17.44
N CYS B 284 47.77 -3.53 -17.91
CA CYS B 284 48.12 -4.72 -18.72
C CYS B 284 48.68 -5.84 -17.84
N ARG B 285 48.56 -7.05 -18.38
CA ARG B 285 49.20 -8.21 -17.84
C ARG B 285 49.78 -8.96 -18.99
N THR B 286 50.86 -9.72 -18.73
CA THR B 286 51.48 -10.53 -19.75
C THR B 286 51.22 -12.03 -19.52
N LEU B 287 50.76 -12.72 -20.55
CA LEU B 287 50.46 -14.17 -20.41
C LEU B 287 51.72 -14.92 -20.21
N THR B 288 51.76 -15.79 -19.19
CA THR B 288 52.94 -16.68 -19.00
C THR B 288 52.85 -18.09 -19.63
N ALA B 289 51.68 -18.43 -20.18
CA ALA B 289 51.36 -19.67 -20.84
C ALA B 289 50.29 -19.40 -21.89
N ASP B 290 50.14 -20.27 -22.88
CA ASP B 290 48.96 -20.20 -23.76
C ASP B 290 47.72 -20.53 -22.91
N THR B 291 46.56 -19.97 -23.21
CA THR B 291 45.39 -20.40 -22.50
C THR B 291 44.15 -19.96 -23.31
N VAL B 292 43.02 -20.63 -23.19
CA VAL B 292 41.78 -20.11 -23.76
C VAL B 292 40.99 -19.45 -22.65
N PHE B 293 40.78 -18.16 -22.77
CA PHE B 293 40.30 -17.34 -21.66
C PHE B 293 39.02 -16.68 -22.09
N HIS B 294 37.89 -17.12 -21.48
CA HIS B 294 36.53 -16.55 -21.74
C HIS B 294 36.29 -16.53 -23.25
N GLY B 295 36.68 -17.58 -23.94
CA GLY B 295 36.34 -17.60 -25.35
C GLY B 295 37.50 -17.32 -26.28
N THR B 296 38.59 -16.70 -25.80
CA THR B 296 39.62 -16.24 -26.73
C THR B 296 40.94 -16.93 -26.48
N GLU B 297 41.59 -17.41 -27.52
CA GLU B 297 42.88 -18.03 -27.40
C GLU B 297 43.93 -16.98 -27.21
N LEU B 298 44.67 -17.06 -26.11
CA LEU B 298 45.77 -16.16 -25.81
C LEU B 298 47.05 -16.96 -25.84
N ARG B 299 48.13 -16.30 -26.26
CA ARG B 299 49.37 -16.88 -26.44
C ARG B 299 50.33 -16.37 -25.35
N ALA B 300 51.21 -17.28 -24.91
CA ALA B 300 52.25 -16.89 -23.93
C ALA B 300 53.00 -15.67 -24.47
N GLY B 301 53.35 -14.73 -23.61
CA GLY B 301 54.12 -13.54 -24.03
C GLY B 301 53.28 -12.35 -24.58
N GLU B 302 52.01 -12.49 -24.89
CA GLU B 302 51.26 -11.31 -25.33
C GLU B 302 50.70 -10.59 -24.10
N LYS B 303 50.37 -9.31 -24.25
CA LYS B 303 49.70 -8.59 -23.18
C LYS B 303 48.17 -8.56 -23.35
N ILE B 304 47.44 -8.39 -22.24
CA ILE B 304 45.99 -8.28 -22.28
C ILE B 304 45.69 -7.03 -21.39
N MET B 305 44.74 -6.23 -21.80
CA MET B 305 44.48 -4.99 -21.07
C MET B 305 43.30 -5.34 -20.18
N LEU B 306 43.39 -5.06 -18.88
CA LEU B 306 42.21 -5.25 -17.99
C LEU B 306 41.42 -3.92 -18.05
N MET B 307 40.20 -3.99 -18.58
CA MET B 307 39.46 -2.76 -18.91
C MET B 307 38.57 -2.48 -17.73
N PHE B 308 39.08 -1.70 -16.77
CA PHE B 308 38.30 -1.51 -15.52
C PHE B 308 36.98 -0.79 -15.66
N GLU B 309 36.95 0.18 -16.56
CA GLU B 309 35.73 0.92 -16.73
C GLU B 309 34.69 -0.09 -17.32
N SER B 310 35.06 -0.93 -18.26
CA SER B 310 34.09 -1.87 -18.86
C SER B 310 33.51 -2.83 -17.79
N ALA B 311 34.40 -3.29 -16.92
CA ALA B 311 34.04 -4.22 -15.83
C ALA B 311 33.08 -3.49 -14.87
N ASN B 312 33.34 -2.18 -14.62
CA ASN B 312 32.52 -1.39 -13.68
C ASN B 312 31.14 -1.05 -14.24
N PHE B 313 30.94 -1.36 -15.53
CA PHE B 313 29.62 -1.14 -16.21
C PHE B 313 29.04 -2.47 -16.69
N ASP B 314 29.53 -3.57 -16.08
CA ASP B 314 29.06 -4.92 -16.41
C ASP B 314 27.68 -5.15 -15.75
N GLU B 315 26.63 -5.16 -16.56
CA GLU B 315 25.24 -5.29 -16.05
C GLU B 315 25.06 -6.65 -15.33
N SER B 316 25.83 -7.68 -15.72
CA SER B 316 25.59 -8.99 -15.10
C SER B 316 25.96 -8.90 -13.61
N VAL B 317 26.84 -7.96 -13.26
CA VAL B 317 27.28 -7.76 -11.89
C VAL B 317 26.51 -6.65 -11.17
N PHE B 318 26.32 -5.49 -11.80
CA PHE B 318 25.73 -4.32 -11.14
C PHE B 318 24.21 -4.19 -11.43
N GLY B 319 23.68 -4.92 -12.41
CA GLY B 319 22.24 -4.77 -12.63
C GLY B 319 21.95 -3.50 -13.46
N ASP B 320 22.02 -2.31 -12.84
CA ASP B 320 21.71 -1.08 -13.60
C ASP B 320 22.92 -0.09 -13.61
N PRO B 321 24.10 -0.55 -14.10
CA PRO B 321 25.28 0.32 -13.94
C PRO B 321 25.13 1.68 -14.71
N ASP B 322 24.31 1.75 -15.76
CA ASP B 322 24.19 2.99 -16.51
C ASP B 322 23.36 4.05 -15.76
N ASN B 323 22.75 3.71 -14.62
CA ASN B 323 22.08 4.70 -13.82
C ASN B 323 23.06 5.10 -12.71
N PHE B 324 23.37 6.38 -12.57
CA PHE B 324 24.30 6.78 -11.50
C PHE B 324 23.49 6.81 -10.18
N ARG B 325 23.90 6.07 -9.14
CA ARG B 325 23.12 5.92 -7.89
C ARG B 325 24.02 5.91 -6.66
N ILE B 326 23.88 6.97 -5.84
CA ILE B 326 24.69 7.11 -4.64
C ILE B 326 24.29 6.08 -3.59
N ASP B 327 23.10 5.59 -3.70
CA ASP B 327 22.62 4.55 -2.81
C ASP B 327 22.89 3.10 -3.31
N ARG B 328 23.70 2.93 -4.35
CA ARG B 328 24.04 1.61 -4.87
C ARG B 328 24.71 0.81 -3.76
N ASN B 329 24.18 -0.38 -3.52
CA ASN B 329 24.67 -1.21 -2.40
C ASN B 329 24.22 -2.61 -2.63
N PRO B 330 25.15 -3.60 -2.68
CA PRO B 330 26.63 -3.45 -2.62
C PRO B 330 27.17 -2.70 -3.84
N ASN B 331 28.43 -2.28 -3.76
CA ASN B 331 29.06 -1.61 -4.87
C ASN B 331 30.52 -2.13 -4.96
N SER B 332 30.68 -3.35 -5.45
CA SER B 332 32.05 -3.95 -5.50
C SER B 332 32.74 -3.62 -6.79
N HIS B 333 32.96 -2.33 -7.03
CA HIS B 333 33.60 -1.87 -8.25
C HIS B 333 35.12 -2.20 -8.23
N VAL B 334 35.76 -2.13 -9.39
CA VAL B 334 37.14 -2.41 -9.50
C VAL B 334 37.92 -1.17 -9.91
N ALA B 335 37.45 0.02 -9.47
CA ALA B 335 38.16 1.23 -9.91
C ALA B 335 39.64 1.23 -9.39
N PHE B 336 39.86 0.60 -8.23
CA PHE B 336 41.19 0.42 -7.58
C PHE B 336 41.81 -0.97 -7.95
N GLY B 337 41.27 -1.64 -8.97
CA GLY B 337 41.67 -3.00 -9.29
C GLY B 337 41.17 -3.99 -8.25
N PHE B 338 41.93 -5.11 -8.07
CA PHE B 338 41.48 -6.25 -7.26
C PHE B 338 42.72 -7.12 -7.04
N GLY B 339 42.92 -7.65 -5.86
CA GLY B 339 43.89 -8.72 -5.74
C GLY B 339 45.19 -8.19 -5.16
N THR B 340 46.31 -8.87 -5.43
CA THR B 340 47.55 -8.50 -4.79
C THR B 340 47.96 -7.05 -5.08
N HIS B 341 47.64 -6.52 -6.27
CA HIS B 341 48.02 -5.15 -6.67
C HIS B 341 47.00 -4.08 -6.31
N PHE B 342 45.89 -4.48 -5.66
CA PHE B 342 44.80 -3.59 -5.26
C PHE B 342 45.38 -2.23 -4.73
N CYS B 343 44.95 -1.11 -5.34
CA CYS B 343 45.54 0.24 -5.07
C CYS B 343 46.00 0.46 -3.65
N LEU B 344 47.29 0.65 -3.48
CA LEU B 344 47.86 0.96 -2.19
C LEU B 344 47.34 2.31 -1.58
N GLY B 345 47.02 3.26 -2.44
CA GLY B 345 46.50 4.58 -2.00
C GLY B 345 44.99 4.64 -1.83
N ASN B 346 44.30 3.49 -1.91
CA ASN B 346 42.86 3.54 -1.97
C ASN B 346 42.24 4.28 -0.76
N GLN B 347 42.75 4.08 0.44
CA GLN B 347 42.20 4.75 1.63
CA GLN B 347 42.12 4.74 1.56
C GLN B 347 42.46 6.25 1.59
N LEU B 348 43.69 6.63 1.25
CA LEU B 348 44.04 8.06 1.12
C LEU B 348 43.16 8.70 0.02
N ALA B 349 43.04 8.05 -1.15
CA ALA B 349 42.16 8.55 -2.22
C ALA B 349 40.75 8.74 -1.68
N ARG B 350 40.19 7.71 -1.01
CA ARG B 350 38.81 7.89 -0.45
C ARG B 350 38.75 9.08 0.54
N LEU B 351 39.78 9.21 1.38
CA LEU B 351 39.76 10.31 2.35
C LEU B 351 39.77 11.67 1.64
N GLU B 352 40.58 11.83 0.59
CA GLU B 352 40.62 13.10 -0.11
C GLU B 352 39.24 13.42 -0.74
N LEU B 353 38.64 12.43 -1.40
CA LEU B 353 37.33 12.60 -2.00
C LEU B 353 36.29 12.94 -1.00
N ARG B 354 36.30 12.27 0.15
CA ARG B 354 35.28 12.50 1.15
C ARG B 354 35.45 13.90 1.80
N LEU B 355 36.69 14.21 2.21
CA LEU B 355 36.91 15.53 2.85
C LEU B 355 36.60 16.68 1.91
N MET B 356 37.05 16.63 0.67
CA MET B 356 36.74 17.74 -0.25
C MET B 356 35.24 17.80 -0.60
N THR B 357 34.63 16.67 -0.90
CA THR B 357 33.16 16.68 -1.26
C THR B 357 32.30 17.15 -0.10
N GLU B 358 32.64 16.73 1.12
CA GLU B 358 31.90 17.23 2.26
C GLU B 358 31.94 18.78 2.31
N ARG B 359 33.11 19.35 2.08
CA ARG B 359 33.26 20.81 2.09
C ARG B 359 32.53 21.52 0.93
N VAL B 360 32.62 20.94 -0.28
CA VAL B 360 31.90 21.39 -1.47
C VAL B 360 30.38 21.45 -1.20
N LEU B 361 29.85 20.37 -0.63
CA LEU B 361 28.38 20.29 -0.30
C LEU B 361 27.96 21.38 0.67
N ARG B 362 28.79 21.57 1.68
CA ARG B 362 28.44 22.47 2.75
C ARG B 362 28.70 23.94 2.29
N ARG B 363 29.83 24.18 1.62
CA ARG B 363 30.16 25.56 1.27
C ARG B 363 29.60 26.04 -0.07
N LEU B 364 29.34 25.12 -0.99
CA LEU B 364 28.79 25.43 -2.32
C LEU B 364 27.47 24.67 -2.55
N PRO B 365 26.49 24.81 -1.62
CA PRO B 365 25.31 23.90 -1.60
C PRO B 365 24.40 24.01 -2.83
N ASP B 366 24.51 25.12 -3.58
CA ASP B 366 23.68 25.27 -4.79
C ASP B 366 24.54 25.15 -6.04
N LEU B 367 25.69 24.47 -5.93
CA LEU B 367 26.57 24.24 -7.06
C LEU B 367 25.87 23.59 -8.25
N ARG B 368 26.22 24.08 -9.45
CA ARG B 368 25.67 23.60 -10.70
C ARG B 368 26.67 23.70 -11.81
N LEU B 369 26.58 22.77 -12.76
CA LEU B 369 27.32 22.94 -14.01
C LEU B 369 26.95 24.26 -14.68
N ALA B 370 27.92 24.99 -15.23
CA ALA B 370 27.55 26.26 -15.96
C ALA B 370 26.60 25.98 -17.15
N ASP B 371 26.78 24.88 -17.87
CA ASP B 371 25.67 24.40 -18.74
C ASP B 371 25.75 22.87 -18.85
N ASP B 372 24.74 22.25 -19.47
CA ASP B 372 24.58 20.79 -19.36
C ASP B 372 25.24 19.96 -20.41
N ALA B 373 25.89 20.59 -21.40
CA ALA B 373 26.57 19.85 -22.47
C ALA B 373 27.64 18.96 -21.83
N PRO B 374 28.12 17.96 -22.58
CA PRO B 374 29.14 17.09 -22.07
C PRO B 374 30.42 17.80 -21.69
N VAL B 375 31.02 17.33 -20.62
CA VAL B 375 32.28 17.82 -20.11
C VAL B 375 33.37 17.20 -21.05
N PRO B 376 34.31 18.01 -21.56
CA PRO B 376 35.37 17.40 -22.37
C PRO B 376 36.23 16.47 -21.50
N LEU B 377 36.62 15.31 -22.07
CA LEU B 377 37.53 14.38 -21.41
C LEU B 377 38.90 14.40 -22.10
N ARG B 378 39.88 14.01 -21.32
CA ARG B 378 41.29 14.07 -21.73
C ARG B 378 41.58 12.87 -22.61
N PRO B 379 41.96 13.11 -23.86
CA PRO B 379 42.40 11.94 -24.67
C PRO B 379 43.74 11.37 -24.09
N ALA B 380 43.67 10.17 -23.49
CA ALA B 380 44.81 9.49 -22.93
C ALA B 380 44.36 8.03 -22.82
N ASN B 381 45.28 7.07 -23.08
CA ASN B 381 44.92 5.67 -23.13
C ASN B 381 45.06 4.97 -21.76
N PHE B 382 45.43 5.72 -20.73
CA PHE B 382 45.80 5.12 -19.44
C PHE B 382 44.93 5.62 -18.32
N VAL B 383 45.07 6.92 -18.03
CA VAL B 383 44.36 7.56 -16.95
C VAL B 383 43.64 8.77 -17.60
N SER B 384 42.32 8.85 -17.41
CA SER B 384 41.56 9.93 -18.09
C SER B 384 40.30 10.32 -17.33
N GLY B 385 39.89 11.57 -17.54
CA GLY B 385 38.72 12.12 -16.89
C GLY B 385 38.60 13.55 -17.40
N PRO B 386 37.79 14.35 -16.72
CA PRO B 386 37.50 15.72 -17.25
C PRO B 386 38.72 16.69 -17.41
N GLU B 387 38.85 17.33 -18.58
CA GLU B 387 39.85 18.39 -18.75
CA GLU B 387 39.80 18.43 -18.88
C GLU B 387 39.41 19.78 -18.23
N SER B 388 38.10 20.05 -18.18
CA SER B 388 37.59 21.32 -17.64
C SER B 388 36.15 21.12 -17.26
N MET B 389 35.69 21.91 -16.30
CA MET B 389 34.30 21.80 -15.89
C MET B 389 33.84 23.09 -15.26
N PRO B 390 33.45 24.05 -16.08
CA PRO B 390 32.96 25.31 -15.49
C PRO B 390 31.71 25.08 -14.60
N VAL B 391 31.71 25.63 -13.39
CA VAL B 391 30.59 25.54 -12.46
C VAL B 391 30.19 26.92 -11.99
N VAL B 392 28.95 27.07 -11.49
CA VAL B 392 28.43 28.27 -10.83
C VAL B 392 27.77 27.94 -9.48
N PHE B 393 27.66 28.96 -8.62
CA PHE B 393 27.19 28.86 -7.23
C PHE B 393 27.02 30.27 -6.65
N THR B 394 26.12 30.46 -5.67
CA THR B 394 26.03 31.67 -4.94
C THR B 394 27.35 31.89 -4.22
N PRO B 395 27.94 33.09 -4.36
CA PRO B 395 29.22 33.38 -3.70
C PRO B 395 29.04 33.34 -2.17
N SER B 396 30.11 33.07 -1.45
CA SER B 396 30.14 33.09 0.02
C SER B 396 31.48 33.60 0.55
N ALA B 397 31.54 33.74 1.87
CA ALA B 397 32.68 34.31 2.55
C ALA B 397 33.73 33.23 2.87
N PRO B 398 35.01 33.51 2.55
CA PRO B 398 36.09 32.50 2.73
C PRO B 398 36.38 32.27 4.22
N VAL B 399 36.87 31.08 4.62
CA VAL B 399 37.28 30.89 6.06
C VAL B 399 38.65 31.54 6.42
N LEU B 400 39.61 31.52 5.49
CA LEU B 400 40.94 32.17 5.78
C LEU B 400 41.35 31.66 7.16
N ALA B 401 41.24 30.32 7.28
CA ALA B 401 41.59 29.59 8.51
C ALA B 401 42.94 30.05 9.20
N HIS B 402 43.99 30.23 8.41
CA HIS B 402 45.30 30.67 8.92
C HIS B 402 45.31 32.05 9.60
N HIS B 403 44.23 32.88 9.50
CA HIS B 403 44.18 34.26 10.16
C HIS B 403 43.61 34.19 11.60
N HIS B 404 42.71 33.21 11.80
CA HIS B 404 41.93 33.00 13.06
C HIS B 404 42.79 32.14 14.05
N HIS B 405 43.85 31.59 13.46
CA HIS B 405 44.81 30.63 14.04
C HIS B 405 46.07 31.34 14.49
N THR C 2 -24.14 53.03 30.56
CA THR C 2 -22.83 53.27 29.92
C THR C 2 -22.31 51.93 29.35
N GLN C 3 -23.08 51.28 28.45
CA GLN C 3 -22.54 50.13 27.70
C GLN C 3 -21.37 50.55 26.76
N MET C 4 -20.55 49.57 26.37
CA MET C 4 -19.38 49.81 25.58
C MET C 4 -19.82 49.85 24.12
N LEU C 5 -19.12 50.64 23.36
CA LEU C 5 -19.32 50.82 21.94
C LEU C 5 -19.37 49.51 21.21
N THR C 6 -18.47 48.60 21.59
CA THR C 6 -18.35 47.37 20.82
C THR C 6 -19.16 46.21 21.41
N ARG C 7 -19.94 46.44 22.49
CA ARG C 7 -20.83 45.38 23.03
C ARG C 7 -21.83 44.90 21.93
N PRO C 8 -21.89 43.59 21.68
CA PRO C 8 -22.86 43.08 20.71
C PRO C 8 -24.28 43.49 21.16
N ASP C 9 -25.10 43.94 20.23
CA ASP C 9 -26.48 44.27 20.46
C ASP C 9 -27.27 43.11 19.81
N VAL C 10 -27.56 42.05 20.59
CA VAL C 10 -28.09 40.83 20.03
C VAL C 10 -29.27 40.26 20.84
N ASP C 11 -30.04 39.43 20.17
CA ASP C 11 -31.14 38.71 20.80
C ASP C 11 -30.84 37.24 20.61
N LEU C 12 -30.43 36.57 21.67
CA LEU C 12 -30.04 35.19 21.58
C LEU C 12 -31.19 34.21 21.32
N VAL C 13 -32.42 34.67 21.24
N VAL C 13 -32.43 34.71 21.28
CA VAL C 13 -33.49 33.70 20.87
CA VAL C 13 -33.64 33.88 20.93
C VAL C 13 -33.85 33.94 19.40
C VAL C 13 -34.01 34.16 19.47
N ASN C 14 -33.17 34.91 18.77
CA ASN C 14 -33.46 35.21 17.36
C ASN C 14 -32.59 34.22 16.50
N GLY C 15 -33.26 33.37 15.70
CA GLY C 15 -32.62 32.36 14.92
C GLY C 15 -31.58 32.94 13.96
N MET C 16 -31.79 34.19 13.56
CA MET C 16 -30.82 34.85 12.66
C MET C 16 -29.42 35.05 13.26
N PHE C 17 -29.38 35.19 14.56
CA PHE C 17 -28.07 35.39 15.22
C PHE C 17 -27.17 34.18 14.95
N TYR C 18 -27.76 32.98 14.87
CA TYR C 18 -26.99 31.74 14.71
C TYR C 18 -26.70 31.36 13.26
N ALA C 19 -27.30 32.10 12.34
CA ALA C 19 -27.22 31.80 10.93
C ALA C 19 -26.44 32.86 10.13
N ASP C 20 -26.33 34.10 10.59
CA ASP C 20 -25.85 35.14 9.65
C ASP C 20 -24.32 35.25 9.61
N GLY C 21 -23.65 34.42 10.38
CA GLY C 21 -22.19 34.42 10.46
C GLY C 21 -21.55 35.35 11.49
N GLY C 22 -22.34 36.19 12.15
CA GLY C 22 -21.73 37.03 13.22
C GLY C 22 -21.59 36.40 14.60
N ALA C 23 -22.05 35.14 14.79
CA ALA C 23 -22.09 34.57 16.17
C ALA C 23 -20.69 34.47 16.80
N ARG C 24 -19.73 33.87 16.07
CA ARG C 24 -18.43 33.65 16.68
C ARG C 24 -17.73 34.97 17.07
N GLU C 25 -17.87 36.01 16.25
CA GLU C 25 -17.39 37.34 16.65
C GLU C 25 -18.04 37.84 17.98
N ALA C 26 -19.34 37.65 18.08
CA ALA C 26 -20.03 38.13 19.23
C ALA C 26 -19.56 37.34 20.46
N TYR C 27 -19.41 36.02 20.29
CA TYR C 27 -18.93 35.19 21.39
C TYR C 27 -17.54 35.62 21.83
N ARG C 28 -16.68 35.96 20.86
CA ARG C 28 -15.34 36.36 21.29
C ARG C 28 -15.48 37.53 22.25
N TRP C 29 -16.35 38.47 21.89
CA TRP C 29 -16.50 39.67 22.74
C TRP C 29 -16.98 39.21 24.14
N MET C 30 -18.01 38.33 24.17
CA MET C 30 -18.60 37.89 25.45
C MET C 30 -17.60 37.15 26.33
N ARG C 31 -16.87 36.16 25.79
CA ARG C 31 -15.89 35.41 26.60
C ARG C 31 -14.83 36.34 27.21
N ALA C 32 -14.43 37.38 26.49
CA ALA C 32 -13.38 38.30 26.90
C ALA C 32 -13.85 39.38 27.84
N ASN C 33 -15.13 39.77 27.75
CA ASN C 33 -15.59 40.99 28.42
C ASN C 33 -16.76 40.79 29.41
N GLU C 34 -17.57 39.78 29.20
CA GLU C 34 -18.71 39.56 30.12
C GLU C 34 -19.11 38.11 29.95
N PRO C 35 -18.36 37.21 30.57
CA PRO C 35 -18.39 35.79 30.24
C PRO C 35 -19.83 35.22 30.49
N VAL C 36 -20.54 35.75 31.47
CA VAL C 36 -21.99 35.43 31.61
C VAL C 36 -22.71 36.67 31.13
N PHE C 37 -23.14 36.62 29.88
CA PHE C 37 -23.52 37.81 29.10
C PHE C 37 -25.05 37.99 29.15
N ARG C 38 -25.55 39.21 29.25
CA ARG C 38 -27.05 39.43 29.17
C ARG C 38 -27.33 40.11 27.83
N ASP C 39 -28.21 39.50 27.01
CA ASP C 39 -28.49 40.06 25.73
C ASP C 39 -29.38 41.29 25.81
N ARG C 40 -29.87 41.76 24.66
CA ARG C 40 -30.64 42.99 24.66
C ARG C 40 -31.94 42.89 25.43
N ASN C 41 -32.44 41.69 25.65
CA ASN C 41 -33.62 41.47 26.51
C ASN C 41 -33.35 41.03 27.97
N GLY C 42 -32.09 41.08 28.36
CA GLY C 42 -31.75 40.74 29.75
C GLY C 42 -31.52 39.24 29.89
N LEU C 43 -31.53 38.47 28.79
CA LEU C 43 -31.47 36.98 28.89
C LEU C 43 -30.02 36.61 29.21
N ALA C 44 -29.78 35.82 30.26
CA ALA C 44 -28.38 35.47 30.65
C ALA C 44 -27.82 34.32 29.78
N ALA C 45 -26.53 34.33 29.44
CA ALA C 45 -25.93 33.26 28.65
C ALA C 45 -24.51 32.93 29.15
N ALA C 46 -24.25 31.66 29.45
CA ALA C 46 -22.91 31.22 29.85
C ALA C 46 -22.06 31.01 28.59
N THR C 47 -21.01 31.79 28.39
CA THR C 47 -20.34 31.77 27.11
C THR C 47 -18.95 31.12 27.13
N THR C 48 -18.34 31.00 28.31
CA THR C 48 -17.02 30.38 28.37
C THR C 48 -17.19 28.93 28.68
N TYR C 49 -16.16 28.16 28.32
CA TYR C 49 -16.18 26.75 28.56
C TYR C 49 -16.29 26.52 30.09
N GLN C 50 -15.49 27.27 30.84
CA GLN C 50 -15.54 27.12 32.27
C GLN C 50 -16.95 27.41 32.86
N ALA C 51 -17.61 28.49 32.43
CA ALA C 51 -18.94 28.77 32.98
C ALA C 51 -19.94 27.63 32.56
N VAL C 52 -19.78 27.13 31.35
CA VAL C 52 -20.67 26.04 30.89
C VAL C 52 -20.48 24.75 31.75
N LEU C 53 -19.24 24.34 31.94
CA LEU C 53 -18.92 23.21 32.77
C LEU C 53 -19.41 23.39 34.21
N ASP C 54 -19.11 24.55 34.82
CA ASP C 54 -19.56 24.85 36.19
C ASP C 54 -21.07 24.64 36.28
N ALA C 55 -21.83 25.16 35.30
CA ALA C 55 -23.27 25.06 35.38
C ALA C 55 -23.76 23.59 35.22
N GLU C 56 -23.09 22.87 34.30
CA GLU C 56 -23.37 21.46 34.01
C GLU C 56 -23.12 20.58 35.25
N ARG C 57 -22.03 20.87 35.98
CA ARG C 57 -21.67 20.11 37.16
C ARG C 57 -22.57 20.50 38.37
N ASN C 58 -23.36 21.59 38.28
CA ASN C 58 -24.15 22.07 39.46
C ASN C 58 -25.67 22.15 39.17
N PRO C 59 -26.29 21.01 38.75
CA PRO C 59 -27.74 21.03 38.49
C PRO C 59 -28.56 21.32 39.73
N GLU C 60 -27.99 21.13 40.95
CA GLU C 60 -28.64 21.62 42.14
C GLU C 60 -28.99 23.15 42.01
N LEU C 61 -28.07 23.92 41.46
CA LEU C 61 -28.27 25.36 41.30
C LEU C 61 -28.82 25.67 39.87
N PHE C 62 -28.41 24.89 38.89
CA PHE C 62 -28.86 25.07 37.48
C PHE C 62 -29.78 23.99 36.99
N SER C 63 -31.08 24.19 37.23
CA SER C 63 -32.03 23.07 37.09
C SER C 63 -32.51 22.90 35.65
N SER C 64 -32.78 21.66 35.25
CA SER C 64 -33.38 21.40 33.95
C SER C 64 -34.91 21.33 33.94
N THR C 65 -35.49 21.44 35.11
CA THR C 65 -36.90 21.13 35.28
C THR C 65 -37.82 22.28 34.84
N GLY C 66 -37.24 23.46 34.76
CA GLY C 66 -37.90 24.61 34.06
C GLY C 66 -38.03 24.45 32.50
N GLY C 67 -37.42 23.42 31.91
CA GLY C 67 -37.43 23.26 30.46
C GLY C 67 -36.08 23.78 29.91
N ILE C 68 -35.63 23.19 28.84
CA ILE C 68 -34.33 23.54 28.27
C ILE C 68 -34.32 24.55 27.13
N ARG C 69 -35.50 25.10 26.85
CA ARG C 69 -35.67 26.21 25.91
C ARG C 69 -36.03 27.49 26.67
N PRO C 70 -35.74 28.65 26.08
CA PRO C 70 -35.82 29.81 26.92
C PRO C 70 -37.23 30.36 27.13
N ASP C 71 -38.15 30.08 26.25
CA ASP C 71 -39.47 30.65 26.40
C ASP C 71 -40.60 29.57 26.43
N GLN C 72 -40.24 28.36 26.91
CA GLN C 72 -41.24 27.27 27.08
C GLN C 72 -41.01 26.58 28.41
N PRO C 73 -42.07 26.03 29.02
CA PRO C 73 -41.91 25.20 30.24
C PRO C 73 -41.36 23.80 29.92
N GLY C 74 -41.01 23.02 30.94
CA GLY C 74 -40.54 21.66 30.78
C GLY C 74 -41.60 20.69 30.24
N MET C 75 -41.11 19.68 29.54
CA MET C 75 -41.96 18.57 29.08
C MET C 75 -41.64 17.32 29.94
N PRO C 76 -42.56 16.35 29.93
CA PRO C 76 -42.35 15.15 30.74
C PRO C 76 -41.40 14.13 30.07
N TYR C 77 -40.18 14.52 29.80
CA TYR C 77 -39.20 13.54 29.32
C TYR C 77 -37.84 13.86 29.89
N MET C 78 -36.87 12.99 29.70
CA MET C 78 -35.75 13.01 30.67
C MET C 78 -34.92 14.33 30.61
N ILE C 79 -34.82 14.97 29.45
CA ILE C 79 -33.99 16.15 29.39
C ILE C 79 -34.56 17.32 30.25
N ASP C 80 -35.88 17.28 30.50
CA ASP C 80 -36.48 18.32 31.38
C ASP C 80 -36.64 17.88 32.85
N MET C 81 -35.81 16.93 33.28
CA MET C 81 -35.91 16.37 34.68
C MET C 81 -34.55 16.54 35.33
N ASP C 82 -34.54 16.57 36.66
CA ASP C 82 -33.30 16.57 37.47
C ASP C 82 -33.19 15.23 38.15
N ASP C 83 -31.99 14.85 38.56
CA ASP C 83 -31.84 13.68 39.45
C ASP C 83 -32.51 13.92 40.80
N PRO C 84 -33.05 12.87 41.43
CA PRO C 84 -33.00 11.45 41.09
C PRO C 84 -34.00 10.98 39.99
N GLN C 85 -35.06 11.73 39.71
N GLN C 85 -35.03 11.76 39.72
CA GLN C 85 -36.03 11.26 38.67
CA GLN C 85 -36.04 11.41 38.68
C GLN C 85 -35.34 11.10 37.31
C GLN C 85 -35.33 11.12 37.35
N HIS C 86 -34.45 12.03 36.96
CA HIS C 86 -33.79 11.96 35.68
C HIS C 86 -33.00 10.68 35.57
N LEU C 87 -32.32 10.31 36.64
CA LEU C 87 -31.38 9.23 36.53
C LEU C 87 -32.08 7.91 36.29
N LEU C 88 -33.19 7.68 37.00
CA LEU C 88 -33.95 6.50 36.81
C LEU C 88 -34.47 6.45 35.34
N ARG C 89 -35.04 7.54 34.86
CA ARG C 89 -35.65 7.57 33.51
C ARG C 89 -34.54 7.31 32.49
N ARG C 90 -33.41 7.96 32.68
CA ARG C 90 -32.26 7.73 31.83
C ARG C 90 -31.78 6.29 31.83
N LYS C 91 -31.61 5.69 33.01
CA LYS C 91 -31.21 4.29 33.10
C LYS C 91 -32.23 3.37 32.38
N LEU C 92 -33.53 3.64 32.53
CA LEU C 92 -34.56 2.90 31.77
C LEU C 92 -34.37 2.96 30.24
N VAL C 93 -34.18 4.17 29.73
CA VAL C 93 -34.10 4.40 28.30
C VAL C 93 -32.75 3.93 27.75
N ASN C 94 -31.71 3.95 28.61
CA ASN C 94 -30.36 3.52 28.25
C ASN C 94 -30.30 2.07 27.74
N ALA C 95 -31.27 1.23 28.12
CA ALA C 95 -31.38 -0.15 27.62
C ALA C 95 -31.31 -0.18 26.07
N GLY C 96 -31.81 0.89 25.42
CA GLY C 96 -31.85 1.04 23.95
C GLY C 96 -30.56 1.52 23.36
N PHE C 97 -29.63 1.98 24.21
CA PHE C 97 -28.37 2.61 23.75
C PHE C 97 -27.15 2.00 24.36
N THR C 98 -27.19 0.73 24.68
CA THR C 98 -26.03 0.05 25.20
C THR C 98 -24.97 -0.02 24.11
N ARG C 99 -23.71 -0.22 24.49
CA ARG C 99 -22.63 -0.39 23.50
C ARG C 99 -22.98 -1.52 22.54
N LYS C 100 -23.51 -2.64 23.06
CA LYS C 100 -23.91 -3.75 22.22
C LYS C 100 -25.05 -3.42 21.23
N ARG C 101 -26.09 -2.71 21.72
CA ARG C 101 -27.17 -2.30 20.80
C ARG C 101 -26.71 -1.33 19.69
N VAL C 102 -25.81 -0.41 20.02
CA VAL C 102 -25.25 0.51 19.05
C VAL C 102 -24.34 -0.25 18.04
N MET C 103 -23.49 -1.16 18.54
CA MET C 103 -22.49 -1.79 17.68
C MET C 103 -23.12 -2.78 16.75
N ASP C 104 -24.29 -3.28 17.14
CA ASP C 104 -24.98 -4.27 16.33
CA ASP C 104 -25.05 -4.27 16.37
C ASP C 104 -25.72 -3.62 15.13
N LYS C 105 -25.76 -2.27 15.08
CA LYS C 105 -26.31 -1.50 13.98
CA LYS C 105 -26.32 -1.60 13.93
C LYS C 105 -25.25 -1.18 12.91
N VAL C 106 -24.02 -1.66 13.09
CA VAL C 106 -22.94 -1.33 12.14
C VAL C 106 -23.31 -1.71 10.71
N ASP C 107 -23.74 -2.96 10.51
CA ASP C 107 -24.12 -3.41 9.19
C ASP C 107 -25.30 -2.62 8.62
N SER C 108 -26.38 -2.49 9.38
CA SER C 108 -27.51 -1.83 8.82
C SER C 108 -27.28 -0.37 8.51
N ILE C 109 -26.53 0.34 9.36
CA ILE C 109 -26.28 1.73 9.08
C ILE C 109 -25.34 1.84 7.84
N GLY C 110 -24.39 0.93 7.75
CA GLY C 110 -23.43 1.00 6.64
C GLY C 110 -24.17 0.72 5.35
N ARG C 111 -25.17 -0.19 5.42
CA ARG C 111 -25.96 -0.53 4.27
C ARG C 111 -26.78 0.70 3.86
N LEU C 112 -27.35 1.45 4.82
CA LEU C 112 -28.07 2.64 4.48
C LEU C 112 -27.17 3.65 3.78
N CYS C 113 -25.99 3.90 4.35
CA CYS C 113 -25.02 4.80 3.76
C CYS C 113 -24.75 4.50 2.28
N ASP C 114 -24.48 3.24 1.94
CA ASP C 114 -24.27 2.84 0.55
C ASP C 114 -25.44 3.15 -0.34
N THR C 115 -26.66 2.89 0.14
CA THR C 115 -27.84 3.18 -0.71
C THR C 115 -27.98 4.67 -0.95
N LEU C 116 -27.67 5.49 0.04
CA LEU C 116 -27.76 6.95 -0.16
C LEU C 116 -26.76 7.50 -1.18
N ILE C 117 -25.54 6.97 -1.12
CA ILE C 117 -24.46 7.33 -2.07
C ILE C 117 -24.80 6.78 -3.44
N ASP C 118 -25.36 5.56 -3.52
CA ASP C 118 -25.76 4.98 -4.80
C ASP C 118 -26.71 5.91 -5.52
N ALA C 119 -27.53 6.62 -4.76
CA ALA C 119 -28.56 7.48 -5.33
C ALA C 119 -27.95 8.73 -6.02
N VAL C 120 -26.69 9.09 -5.68
CA VAL C 120 -26.09 10.24 -6.35
C VAL C 120 -24.79 9.96 -7.11
N CYS C 121 -24.15 8.81 -6.92
CA CYS C 121 -22.75 8.66 -7.39
C CYS C 121 -22.51 8.74 -8.91
N GLU C 122 -23.54 8.47 -9.69
CA GLU C 122 -23.45 8.45 -11.12
C GLU C 122 -23.56 9.85 -11.69
N ARG C 123 -24.07 10.76 -10.89
CA ARG C 123 -24.38 12.08 -11.34
C ARG C 123 -23.19 13.05 -11.27
N GLY C 124 -22.28 12.90 -10.30
CA GLY C 124 -21.14 13.77 -10.25
C GLY C 124 -21.41 15.10 -9.56
N GLU C 125 -22.62 15.22 -8.98
CA GLU C 125 -22.98 16.42 -8.25
C GLU C 125 -24.17 16.03 -7.37
N CYS C 126 -24.30 16.66 -6.22
CA CYS C 126 -25.55 16.55 -5.46
C CYS C 126 -25.54 17.70 -4.45
N ASP C 127 -26.63 17.82 -3.69
CA ASP C 127 -26.69 18.70 -2.54
C ASP C 127 -26.36 17.83 -1.36
N PHE C 128 -25.20 18.05 -0.74
CA PHE C 128 -24.82 17.17 0.37
C PHE C 128 -25.84 17.09 1.52
N VAL C 129 -26.54 18.20 1.80
CA VAL C 129 -27.53 18.28 2.89
C VAL C 129 -28.73 17.44 2.50
N ARG C 130 -29.38 17.82 1.38
CA ARG C 130 -30.63 17.21 0.95
C ARG C 130 -30.41 15.73 0.67
N ASP C 131 -29.27 15.38 0.06
CA ASP C 131 -29.17 14.08 -0.54
C ASP C 131 -28.41 13.07 0.28
N ILE C 132 -27.63 13.51 1.29
CA ILE C 132 -26.79 12.59 2.09
C ILE C 132 -26.96 12.83 3.59
N ALA C 133 -26.76 14.08 4.06
CA ALA C 133 -26.76 14.36 5.49
C ALA C 133 -28.16 14.23 6.10
N ALA C 134 -29.16 14.86 5.45
CA ALA C 134 -30.54 14.86 5.96
C ALA C 134 -31.17 13.47 5.96
N PRO C 135 -31.10 12.69 4.84
CA PRO C 135 -31.80 11.38 4.95
C PRO C 135 -31.24 10.40 6.00
N LEU C 136 -29.92 10.34 6.18
CA LEU C 136 -29.27 9.35 7.01
C LEU C 136 -29.84 9.28 8.49
N PRO C 137 -29.80 10.41 9.27
CA PRO C 137 -30.18 10.25 10.70
C PRO C 137 -31.64 9.86 10.85
N MET C 138 -32.52 10.31 9.94
CA MET C 138 -33.93 9.94 10.01
C MET C 138 -34.11 8.45 9.72
N ALA C 139 -33.37 7.94 8.75
CA ALA C 139 -33.53 6.53 8.35
C ALA C 139 -33.00 5.65 9.51
N VAL C 140 -31.92 6.06 10.17
CA VAL C 140 -31.41 5.28 11.32
C VAL C 140 -32.45 5.20 12.47
N ILE C 141 -33.03 6.35 12.77
CA ILE C 141 -34.15 6.39 13.70
C ILE C 141 -35.32 5.52 13.33
N GLY C 142 -35.75 5.58 12.08
CA GLY C 142 -36.92 4.80 11.74
C GLY C 142 -36.54 3.33 11.84
N ASP C 143 -35.33 2.97 11.41
CA ASP C 143 -34.95 1.53 11.47
C ASP C 143 -34.87 1.09 12.96
N MET C 144 -34.31 1.97 13.81
CA MET C 144 -34.24 1.72 15.25
C MET C 144 -35.59 1.45 15.89
N LEU C 145 -36.58 2.23 15.47
CA LEU C 145 -37.96 2.02 15.92
C LEU C 145 -38.69 0.85 15.30
N GLY C 146 -38.13 0.21 14.25
CA GLY C 146 -38.76 -0.95 13.63
C GLY C 146 -39.99 -0.58 12.78
N VAL C 147 -40.11 0.71 12.42
CA VAL C 147 -41.27 1.18 11.65
C VAL C 147 -41.00 1.18 10.10
N LEU C 148 -42.07 1.30 9.32
CA LEU C 148 -41.90 1.49 7.90
C LEU C 148 -41.36 2.88 7.55
N PRO C 149 -40.69 2.99 6.41
CA PRO C 149 -40.25 4.35 6.00
C PRO C 149 -41.42 5.37 5.97
N THR C 150 -42.60 4.99 5.50
CA THR C 150 -43.76 5.86 5.56
C THR C 150 -44.10 6.29 7.01
N GLU C 151 -44.04 5.34 7.95
CA GLU C 151 -44.31 5.64 9.33
C GLU C 151 -43.26 6.57 9.89
N ARG C 152 -41.99 6.28 9.57
CA ARG C 152 -40.89 7.10 9.93
C ARG C 152 -41.14 8.56 9.46
N ASP C 153 -41.52 8.74 8.20
CA ASP C 153 -41.87 10.07 7.69
C ASP C 153 -43.02 10.79 8.46
N MET C 154 -44.14 10.11 8.74
CA MET C 154 -45.17 10.70 9.59
C MET C 154 -44.61 11.10 10.97
N LEU C 155 -43.79 10.23 11.57
CA LEU C 155 -43.35 10.47 12.94
C LEU C 155 -42.47 11.71 12.96
N LEU C 156 -41.60 11.79 11.96
CA LEU C 156 -40.50 12.76 12.11
C LEU C 156 -41.16 14.16 11.75
N LYS C 157 -42.19 14.15 10.97
CA LYS C 157 -42.98 15.36 10.72
C LYS C 157 -43.91 15.80 11.89
N TRP C 158 -44.65 14.87 12.48
CA TRP C 158 -45.23 15.12 13.82
C TRP C 158 -44.27 15.76 14.81
N SER C 159 -43.06 15.23 14.95
CA SER C 159 -42.15 15.69 15.91
C SER C 159 -41.61 17.09 15.51
N ASP C 160 -41.44 17.36 14.23
CA ASP C 160 -41.22 18.71 13.73
C ASP C 160 -42.34 19.69 14.10
N ASP C 161 -43.57 19.32 13.86
CA ASP C 161 -44.71 20.18 14.18
C ASP C 161 -44.93 20.38 15.65
N LEU C 162 -44.40 19.49 16.49
CA LEU C 162 -44.64 19.59 17.91
C LEU C 162 -43.59 20.57 18.35
N VAL C 163 -42.39 20.46 17.77
CA VAL C 163 -41.33 21.44 18.02
C VAL C 163 -41.87 22.91 17.64
N CYS C 164 -42.39 23.10 16.42
CA CYS C 164 -42.93 24.45 15.97
C CYS C 164 -44.04 24.97 16.88
N GLY C 165 -45.09 24.16 17.07
CA GLY C 165 -46.24 24.56 17.89
C GLY C 165 -45.88 24.81 19.37
N LEU C 166 -44.80 24.19 19.87
CA LEU C 166 -44.41 24.42 21.27
C LEU C 166 -43.81 25.83 21.40
N SER C 167 -42.77 26.09 20.58
CA SER C 167 -42.15 27.42 20.38
C SER C 167 -43.13 28.56 20.01
N SER C 168 -44.32 28.22 19.47
CA SER C 168 -45.34 29.23 19.08
C SER C 168 -46.83 28.77 19.28
N HIS C 169 -47.41 28.94 20.49
CA HIS C 169 -48.80 28.47 20.77
C HIS C 169 -49.78 29.47 21.38
N VAL C 170 -49.76 30.69 20.80
CA VAL C 170 -50.51 31.88 21.30
C VAL C 170 -51.95 32.05 20.71
N ASP C 171 -52.12 32.05 19.36
CA ASP C 171 -53.48 32.11 18.75
C ASP C 171 -54.27 30.84 19.13
N GLU C 172 -55.61 30.92 19.22
CA GLU C 172 -56.44 29.74 19.54
C GLU C 172 -56.38 28.62 18.46
N ALA C 173 -56.02 28.97 17.21
CA ALA C 173 -55.94 27.99 16.10
C ALA C 173 -54.61 27.24 16.19
N ALA C 174 -53.54 27.97 16.53
CA ALA C 174 -52.22 27.39 16.74
C ALA C 174 -52.16 26.42 17.93
N ILE C 175 -52.99 26.67 18.94
CA ILE C 175 -53.15 25.75 20.07
C ILE C 175 -53.89 24.48 19.61
N GLN C 176 -55.04 24.63 18.97
CA GLN C 176 -55.80 23.47 18.49
C GLN C 176 -54.94 22.59 17.55
N LYS C 177 -54.07 23.20 16.75
CA LYS C 177 -53.33 22.43 15.76
C LYS C 177 -52.26 21.60 16.49
N LEU C 178 -51.54 22.23 17.40
CA LEU C 178 -50.62 21.51 18.23
C LEU C 178 -51.28 20.38 19.02
N MET C 179 -52.46 20.60 19.59
CA MET C 179 -53.17 19.55 20.34
C MET C 179 -53.57 18.41 19.38
N ASP C 180 -54.02 18.75 18.18
CA ASP C 180 -54.34 17.69 17.18
C ASP C 180 -53.11 16.85 16.81
N THR C 181 -51.96 17.49 16.68
CA THR C 181 -50.75 16.81 16.30
C THR C 181 -50.30 15.86 17.42
N PHE C 182 -50.44 16.37 18.64
CA PHE C 182 -50.03 15.59 19.76
C PHE C 182 -50.93 14.34 19.89
N ALA C 183 -52.23 14.50 19.66
CA ALA C 183 -53.17 13.39 19.71
C ALA C 183 -52.83 12.34 18.61
N ALA C 184 -52.45 12.79 17.42
CA ALA C 184 -52.22 11.87 16.31
C ALA C 184 -50.90 11.12 16.58
N TYR C 185 -49.92 11.84 17.09
CA TYR C 185 -48.61 11.26 17.46
C TYR C 185 -48.80 10.15 18.51
N THR C 186 -49.53 10.47 19.58
CA THR C 186 -49.69 9.61 20.71
C THR C 186 -50.47 8.38 20.33
N GLU C 187 -51.55 8.59 19.55
CA GLU C 187 -52.36 7.51 19.08
C GLU C 187 -51.57 6.50 18.23
N PHE C 188 -50.81 6.99 17.28
CA PHE C 188 -49.93 6.11 16.46
C PHE C 188 -48.93 5.33 17.37
N THR C 189 -48.26 6.08 18.25
CA THR C 189 -47.22 5.50 19.04
C THR C 189 -47.75 4.50 20.09
N LYS C 190 -48.92 4.78 20.71
CA LYS C 190 -49.49 3.83 21.64
C LYS C 190 -49.87 2.54 20.91
N ASP C 191 -50.40 2.70 19.69
CA ASP C 191 -50.78 1.55 18.89
C ASP C 191 -49.56 0.65 18.71
N VAL C 192 -48.45 1.19 18.24
CA VAL C 192 -47.20 0.41 18.05
C VAL C 192 -46.80 -0.25 19.39
N ILE C 193 -46.80 0.54 20.48
CA ILE C 193 -46.45 0.00 21.79
C ILE C 193 -47.31 -1.21 22.20
N THR C 194 -48.61 -1.08 22.02
CA THR C 194 -49.53 -2.16 22.37
C THR C 194 -49.15 -3.40 21.55
N LYS C 195 -48.77 -3.19 20.33
CA LYS C 195 -48.40 -4.30 19.49
C LYS C 195 -47.13 -5.00 19.98
N ARG C 196 -46.18 -4.21 20.46
CA ARG C 196 -44.89 -4.70 20.87
C ARG C 196 -44.99 -5.45 22.17
N ARG C 197 -45.83 -4.96 23.10
CA ARG C 197 -46.17 -5.73 24.30
C ARG C 197 -46.66 -7.15 23.97
N ALA C 198 -47.45 -7.30 22.92
CA ALA C 198 -48.08 -8.58 22.65
C ALA C 198 -47.15 -9.44 21.79
N GLU C 199 -46.36 -8.82 20.93
CA GLU C 199 -45.54 -9.55 19.98
C GLU C 199 -44.21 -8.81 19.85
N PRO C 200 -43.33 -8.99 20.83
CA PRO C 200 -42.03 -8.31 20.97
C PRO C 200 -41.22 -8.47 19.71
N THR C 201 -40.45 -7.46 19.38
CA THR C 201 -39.43 -7.64 18.37
C THR C 201 -38.14 -7.26 19.08
N ASP C 202 -37.16 -6.83 18.30
CA ASP C 202 -35.90 -6.41 18.83
C ASP C 202 -35.72 -4.97 18.64
N ASP C 203 -36.78 -4.26 18.32
CA ASP C 203 -36.59 -2.80 18.12
C ASP C 203 -36.66 -1.99 19.45
N LEU C 204 -36.42 -0.68 19.36
CA LEU C 204 -36.38 0.19 20.48
C LEU C 204 -37.68 0.15 21.26
N PHE C 205 -38.83 0.08 20.59
CA PHE C 205 -40.07 0.00 21.36
C PHE C 205 -40.09 -1.23 22.28
N SER C 206 -39.72 -2.37 21.72
CA SER C 206 -39.69 -3.58 22.49
C SER C 206 -38.68 -3.48 23.63
N VAL C 207 -37.53 -2.87 23.34
CA VAL C 207 -36.49 -2.72 24.38
C VAL C 207 -37.02 -1.82 25.56
N LEU C 208 -37.72 -0.74 25.21
CA LEU C 208 -38.21 0.13 26.28
C LEU C 208 -39.29 -0.57 27.09
N VAL C 209 -40.06 -1.40 26.42
CA VAL C 209 -41.17 -2.09 27.10
C VAL C 209 -40.60 -3.06 28.15
N ASN C 210 -39.49 -3.71 27.78
CA ASN C 210 -38.83 -4.69 28.64
C ASN C 210 -37.77 -4.17 29.63
N SER C 211 -37.41 -2.91 29.50
CA SER C 211 -36.44 -2.30 30.40
C SER C 211 -36.97 -2.29 31.84
N GLU C 212 -36.10 -2.58 32.80
CA GLU C 212 -36.49 -2.63 34.18
C GLU C 212 -35.29 -2.18 35.00
N VAL C 213 -35.50 -1.20 35.87
CA VAL C 213 -34.41 -0.63 36.66
C VAL C 213 -34.92 -0.50 38.10
N GLU C 214 -34.29 -1.22 39.05
CA GLU C 214 -34.64 -1.12 40.48
C GLU C 214 -36.11 -1.46 40.64
N GLY C 215 -36.55 -2.58 40.06
CA GLY C 215 -37.93 -2.97 40.12
C GLY C 215 -38.95 -2.15 39.32
N GLN C 216 -38.55 -1.05 38.67
CA GLN C 216 -39.53 -0.26 37.90
C GLN C 216 -39.47 -0.45 36.39
N ARG C 217 -40.62 -0.29 35.74
CA ARG C 217 -40.70 -0.39 34.28
C ARG C 217 -41.32 0.90 33.74
N MET C 218 -41.17 1.21 32.44
CA MET C 218 -41.74 2.43 31.88
C MET C 218 -43.22 2.14 31.56
N SER C 219 -44.08 3.11 31.84
CA SER C 219 -45.46 3.06 31.31
C SER C 219 -45.49 3.43 29.82
N ASP C 220 -46.64 3.18 29.20
CA ASP C 220 -46.85 3.53 27.83
C ASP C 220 -46.67 5.04 27.62
N ASP C 221 -47.35 5.88 28.41
CA ASP C 221 -47.16 7.34 28.30
C ASP C 221 -45.71 7.74 28.34
N GLU C 222 -44.94 7.09 29.22
CA GLU C 222 -43.51 7.44 29.31
C GLU C 222 -42.78 7.07 28.06
N ILE C 223 -43.07 5.92 27.46
CA ILE C 223 -42.38 5.55 26.24
C ILE C 223 -42.75 6.55 25.11
N VAL C 224 -44.02 6.94 25.06
CA VAL C 224 -44.47 7.94 24.09
C VAL C 224 -43.63 9.20 24.19
N PHE C 225 -43.41 9.74 25.41
CA PHE C 225 -42.62 10.95 25.54
C PHE C 225 -41.13 10.76 25.25
N GLU C 226 -40.56 9.67 25.76
CA GLU C 226 -39.13 9.46 25.55
C GLU C 226 -38.85 9.22 24.06
N THR C 227 -39.78 8.59 23.37
CA THR C 227 -39.64 8.31 21.97
C THR C 227 -39.66 9.63 21.27
N LEU C 228 -40.58 10.50 21.66
CA LEU C 228 -40.59 11.86 21.10
C LEU C 228 -39.26 12.60 21.24
N LEU C 229 -38.66 12.48 22.43
CA LEU C 229 -37.41 13.19 22.71
C LEU C 229 -36.36 12.67 21.78
N ILE C 230 -36.33 11.35 21.61
CA ILE C 230 -35.37 10.73 20.65
C ILE C 230 -35.65 11.18 19.21
N LEU C 231 -36.91 11.22 18.76
CA LEU C 231 -37.18 11.71 17.39
C LEU C 231 -36.66 13.13 17.16
N ILE C 232 -36.77 13.94 18.19
CA ILE C 232 -36.38 15.33 18.09
C ILE C 232 -34.84 15.38 18.20
N GLY C 233 -34.26 14.64 19.14
CA GLY C 233 -32.84 14.89 19.54
C GLY C 233 -31.89 14.23 18.57
N GLY C 234 -32.38 13.24 17.83
CA GLY C 234 -31.45 12.39 17.06
C GLY C 234 -31.29 12.74 15.58
N ASP C 235 -32.09 13.66 15.09
CA ASP C 235 -32.25 13.89 13.69
C ASP C 235 -31.44 15.07 13.16
N GLU C 236 -31.96 16.28 13.31
CA GLU C 236 -31.24 17.41 12.71
C GLU C 236 -29.81 17.58 13.25
N THR C 237 -29.57 17.28 14.53
CA THR C 237 -28.24 17.51 15.08
C THR C 237 -27.21 16.71 14.27
N THR C 238 -27.47 15.40 14.14
CA THR C 238 -26.54 14.49 13.41
C THR C 238 -26.34 15.02 11.96
N ARG C 239 -27.45 15.45 11.34
CA ARG C 239 -27.42 15.99 9.99
C ARG C 239 -26.37 17.12 9.92
N HIS C 240 -26.48 18.08 10.84
CA HIS C 240 -25.65 19.28 10.77
C HIS C 240 -24.20 18.98 11.04
N THR C 241 -23.92 18.04 11.92
CA THR C 241 -22.51 17.67 12.05
C THR C 241 -21.96 17.01 10.79
N LEU C 242 -22.75 16.16 10.17
CA LEU C 242 -22.33 15.50 8.95
C LEU C 242 -22.07 16.55 7.86
N SER C 243 -23.03 17.46 7.64
CA SER C 243 -22.87 18.41 6.56
C SER C 243 -21.80 19.50 6.89
N GLY C 244 -21.93 20.14 8.03
CA GLY C 244 -20.98 21.17 8.45
C GLY C 244 -19.57 20.61 8.66
N GLY C 245 -19.51 19.36 9.12
CA GLY C 245 -18.20 18.74 9.40
C GLY C 245 -17.53 18.43 8.08
N THR C 246 -18.30 17.79 7.17
CA THR C 246 -17.77 17.54 5.87
C THR C 246 -17.36 18.81 5.16
N GLU C 247 -18.17 19.85 5.26
CA GLU C 247 -17.82 21.10 4.64
C GLU C 247 -16.34 21.53 5.00
N GLN C 248 -15.98 21.38 6.28
CA GLN C 248 -14.63 21.79 6.68
C GLN C 248 -13.55 20.86 6.14
N LEU C 249 -13.87 19.56 6.06
CA LEU C 249 -12.90 18.64 5.49
C LEU C 249 -12.66 19.08 4.08
N LEU C 250 -13.73 19.46 3.37
CA LEU C 250 -13.60 19.83 1.92
C LEU C 250 -12.80 21.10 1.75
N ARG C 251 -12.90 22.01 2.74
CA ARG C 251 -12.18 23.26 2.64
C ARG C 251 -10.71 23.12 3.10
N HIS C 252 -10.33 21.96 3.66
CA HIS C 252 -8.92 21.85 4.07
C HIS C 252 -8.35 20.68 3.36
N ARG C 253 -7.89 20.91 2.14
CA ARG C 253 -7.56 19.83 1.22
C ARG C 253 -6.48 18.88 1.75
N ASP C 254 -5.50 19.37 2.51
CA ASP C 254 -4.44 18.51 3.03
C ASP C 254 -5.03 17.56 4.05
N GLN C 255 -6.05 18.01 4.79
CA GLN C 255 -6.68 17.17 5.77
C GLN C 255 -7.55 16.11 5.09
N TRP C 256 -8.35 16.58 4.12
CA TRP C 256 -9.15 15.69 3.28
C TRP C 256 -8.26 14.58 2.71
N ASP C 257 -7.16 14.97 2.08
CA ASP C 257 -6.27 13.99 1.47
C ASP C 257 -5.69 13.02 2.45
N ALA C 258 -5.39 13.49 3.67
CA ALA C 258 -4.83 12.62 4.73
C ALA C 258 -5.83 11.55 5.13
N LEU C 259 -7.11 11.94 5.19
CA LEU C 259 -8.20 11.05 5.59
C LEU C 259 -8.48 10.03 4.46
N VAL C 260 -8.41 10.48 3.20
CA VAL C 260 -8.55 9.54 2.05
C VAL C 260 -7.42 8.51 2.14
N ALA C 261 -6.20 8.95 2.45
CA ALA C 261 -5.07 8.00 2.52
C ALA C 261 -5.05 7.13 3.79
N ASP C 262 -5.73 7.54 4.85
CA ASP C 262 -5.57 6.85 6.14
C ASP C 262 -6.79 6.93 7.04
N VAL C 263 -7.57 5.86 7.03
CA VAL C 263 -8.87 5.86 7.72
C VAL C 263 -8.74 5.91 9.23
N ASP C 264 -7.54 5.64 9.73
CA ASP C 264 -7.34 5.70 11.19
C ASP C 264 -7.33 7.09 11.72
N LEU C 265 -7.20 8.09 10.84
CA LEU C 265 -7.31 9.52 11.26
C LEU C 265 -8.78 9.93 11.50
N LEU C 266 -9.72 9.11 11.04
CA LEU C 266 -11.12 9.48 11.06
C LEU C 266 -11.80 9.68 12.44
N PRO C 267 -11.50 8.85 13.47
CA PRO C 267 -12.09 9.18 14.78
C PRO C 267 -11.72 10.60 15.30
N GLY C 268 -10.46 10.98 15.19
CA GLY C 268 -10.04 12.34 15.52
C GLY C 268 -10.77 13.40 14.70
N ALA C 269 -10.97 13.14 13.41
CA ALA C 269 -11.70 14.08 12.49
C ALA C 269 -13.15 14.29 12.95
N ILE C 270 -13.80 13.17 13.36
CA ILE C 270 -15.19 13.19 13.81
C ILE C 270 -15.30 14.13 15.06
N GLU C 271 -14.37 13.98 16.00
CA GLU C 271 -14.39 14.85 17.16
C GLU C 271 -14.23 16.34 16.71
N GLU C 272 -13.26 16.65 15.85
CA GLU C 272 -13.19 18.05 15.29
C GLU C 272 -14.46 18.55 14.55
N MET C 273 -15.06 17.67 13.72
CA MET C 273 -16.36 17.97 13.13
C MET C 273 -17.42 18.32 14.18
N LEU C 274 -17.49 17.51 15.23
CA LEU C 274 -18.49 17.80 16.33
C LEU C 274 -18.20 19.15 16.96
N ARG C 275 -16.93 19.37 17.32
CA ARG C 275 -16.63 20.65 18.03
C ARG C 275 -16.97 21.84 17.14
N TRP C 276 -16.50 21.79 15.90
CA TRP C 276 -16.64 22.85 14.94
C TRP C 276 -18.11 23.17 14.66
N THR C 277 -18.92 22.13 14.44
CA THR C 277 -20.30 22.38 14.06
C THR C 277 -21.26 22.73 15.21
N SER C 278 -20.97 22.18 16.40
CA SER C 278 -21.79 22.43 17.65
C SER C 278 -23.25 22.64 17.31
N PRO C 279 -23.90 21.63 16.76
CA PRO C 279 -25.29 21.80 16.17
C PRO C 279 -26.30 22.31 17.22
N VAL C 280 -26.15 21.87 18.49
CA VAL C 280 -26.99 22.40 19.55
C VAL C 280 -26.33 23.68 20.07
N LYS C 281 -26.94 24.80 19.73
CA LYS C 281 -26.40 26.11 20.03
C LYS C 281 -26.55 26.50 21.48
N ASN C 282 -27.58 26.00 22.16
CA ASN C 282 -27.71 26.26 23.56
C ASN C 282 -28.71 25.26 24.21
N MET C 283 -28.55 25.08 25.50
CA MET C 283 -29.59 24.45 26.34
C MET C 283 -29.81 25.36 27.56
N CYS C 284 -31.06 25.53 27.99
CA CYS C 284 -31.32 26.39 29.16
C CYS C 284 -31.24 25.63 30.50
N ARG C 285 -30.94 26.38 31.55
CA ARG C 285 -31.07 25.92 32.93
C ARG C 285 -31.81 26.99 33.68
N THR C 286 -32.54 26.62 34.74
CA THR C 286 -33.26 27.56 35.57
C THR C 286 -32.53 27.72 36.91
N LEU C 287 -32.20 28.95 37.35
CA LEU C 287 -31.53 29.17 38.68
C LEU C 287 -32.46 28.74 39.78
N THR C 288 -32.01 27.91 40.72
CA THR C 288 -32.81 27.55 41.89
C THR C 288 -32.55 28.48 43.13
N ALA C 289 -31.47 29.24 43.07
CA ALA C 289 -31.07 30.28 44.05
C ALA C 289 -30.46 31.48 43.36
N ASP C 290 -30.42 32.62 44.05
CA ASP C 290 -29.61 33.75 43.64
C ASP C 290 -28.12 33.36 43.66
N THR C 291 -27.34 33.76 42.69
CA THR C 291 -25.94 33.49 42.85
C THR C 291 -25.11 34.48 42.02
N VAL C 292 -23.88 34.78 42.41
CA VAL C 292 -23.02 35.54 41.49
C VAL C 292 -22.18 34.58 40.73
N PHE C 293 -22.37 34.53 39.41
CA PHE C 293 -21.81 33.48 38.58
C PHE C 293 -20.85 34.08 37.53
N HIS C 294 -19.56 33.83 37.72
CA HIS C 294 -18.50 34.33 36.81
C HIS C 294 -18.72 35.81 36.54
N GLY C 295 -19.01 36.53 37.58
CA GLY C 295 -19.12 37.95 37.44
C GLY C 295 -20.53 38.50 37.30
N THR C 296 -21.54 37.67 37.05
CA THR C 296 -22.87 38.22 36.84
C THR C 296 -23.84 37.79 37.90
N GLU C 297 -24.62 38.74 38.40
CA GLU C 297 -25.64 38.45 39.39
C GLU C 297 -26.82 37.77 38.70
N LEU C 298 -27.13 36.54 39.08
CA LEU C 298 -28.28 35.80 38.59
C LEU C 298 -29.31 35.65 39.70
N ARG C 299 -30.58 35.68 39.32
CA ARG C 299 -31.63 35.65 40.27
C ARG C 299 -32.34 34.28 40.21
N ALA C 300 -32.82 33.79 41.36
CA ALA C 300 -33.62 32.54 41.41
C ALA C 300 -34.77 32.65 40.42
N GLY C 301 -35.01 31.60 39.69
CA GLY C 301 -36.16 31.59 38.76
C GLY C 301 -35.86 32.03 37.32
N GLU C 302 -34.72 32.65 37.05
CA GLU C 302 -34.44 33.05 35.67
C GLU C 302 -33.73 31.90 34.98
N LYS C 303 -33.77 31.91 33.66
CA LYS C 303 -33.08 30.92 32.85
C LYS C 303 -31.76 31.49 32.39
N ILE C 304 -30.81 30.59 32.16
CA ILE C 304 -29.51 30.96 31.56
C ILE C 304 -29.29 29.97 30.40
N MET C 305 -28.73 30.47 29.32
CA MET C 305 -28.45 29.64 28.14
C MET C 305 -27.06 29.18 28.22
N LEU C 306 -26.85 27.88 28.09
CA LEU C 306 -25.46 27.37 28.03
C LEU C 306 -25.10 27.35 26.58
N MET C 307 -24.11 28.16 26.21
CA MET C 307 -23.82 28.41 24.78
C MET C 307 -22.71 27.46 24.36
N PHE C 308 -23.08 26.29 23.83
CA PHE C 308 -22.06 25.28 23.60
C PHE C 308 -21.08 25.60 22.47
N GLU C 309 -21.55 26.31 21.45
CA GLU C 309 -20.64 26.69 20.41
C GLU C 309 -19.59 27.65 21.00
N SER C 310 -20.06 28.61 21.78
CA SER C 310 -19.15 29.56 22.36
C SER C 310 -18.10 28.85 23.21
N ALA C 311 -18.55 27.86 24.02
CA ALA C 311 -17.63 27.05 24.86
C ALA C 311 -16.60 26.30 23.98
N ASN C 312 -17.07 25.77 22.85
CA ASN C 312 -16.26 24.96 21.99
C ASN C 312 -15.25 25.79 21.21
N PHE C 313 -15.36 27.13 21.29
CA PHE C 313 -14.38 28.06 20.65
C PHE C 313 -13.66 28.92 21.67
N ASP C 314 -13.65 28.40 22.91
CA ASP C 314 -12.96 29.05 24.02
C ASP C 314 -11.46 28.86 23.88
N GLU C 315 -10.74 29.89 23.50
CA GLU C 315 -9.30 29.73 23.32
C GLU C 315 -8.58 29.34 24.60
N SER C 316 -9.17 29.64 25.76
CA SER C 316 -8.42 29.43 26.99
C SER C 316 -8.35 27.93 27.18
N VAL C 317 -9.27 27.18 26.58
CA VAL C 317 -9.25 25.71 26.64
C VAL C 317 -8.63 25.00 25.43
N PHE C 318 -8.94 25.42 24.19
CA PHE C 318 -8.51 24.74 22.97
C PHE C 318 -7.22 25.36 22.37
N GLY C 319 -6.82 26.55 22.81
CA GLY C 319 -5.57 27.14 22.28
C GLY C 319 -5.89 27.82 20.93
N ASP C 320 -6.10 27.04 19.84
CA ASP C 320 -6.41 27.59 18.52
C ASP C 320 -7.75 27.09 17.90
N PRO C 321 -8.87 27.29 18.64
CA PRO C 321 -10.11 26.72 18.20
C PRO C 321 -10.52 27.25 16.79
N ASP C 322 -10.03 28.43 16.38
CA ASP C 322 -10.52 29.00 15.09
C ASP C 322 -9.81 28.30 13.92
N ASN C 323 -8.89 27.40 14.20
CA ASN C 323 -8.25 26.67 13.15
C ASN C 323 -8.97 25.31 13.15
N PHE C 324 -9.53 24.87 12.03
CA PHE C 324 -10.10 23.53 12.00
C PHE C 324 -8.99 22.48 11.88
N ARG C 325 -8.89 21.55 12.81
CA ARG C 325 -7.73 20.56 12.85
C ARG C 325 -8.18 19.13 13.20
N ILE C 326 -8.12 18.22 12.22
CA ILE C 326 -8.57 16.85 12.46
C ILE C 326 -7.61 16.12 13.44
N ASP C 327 -6.42 16.66 13.62
CA ASP C 327 -5.43 16.07 14.54
C ASP C 327 -5.48 16.74 15.96
N ARG C 328 -6.49 17.54 16.24
CA ARG C 328 -6.63 18.17 17.53
C ARG C 328 -6.68 17.09 18.61
N ASN C 329 -5.80 17.21 19.60
CA ASN C 329 -5.70 16.17 20.61
C ASN C 329 -5.00 16.76 21.80
N PRO C 330 -5.65 16.77 22.99
CA PRO C 330 -7.01 16.30 23.24
C PRO C 330 -8.11 17.19 22.59
N ASN C 331 -9.34 16.75 22.69
CA ASN C 331 -10.44 17.53 22.14
C ASN C 331 -11.67 17.35 23.03
N SER C 332 -11.69 18.00 24.19
CA SER C 332 -12.73 17.75 25.20
C SER C 332 -13.87 18.70 24.87
N HIS C 333 -14.42 18.62 23.68
CA HIS C 333 -15.46 19.56 23.29
C HIS C 333 -16.80 19.24 24.03
N VAL C 334 -17.77 20.17 24.02
CA VAL C 334 -19.01 19.98 24.73
C VAL C 334 -20.16 19.96 23.73
N ALA C 335 -19.93 19.46 22.51
CA ALA C 335 -20.99 19.47 21.50
C ALA C 335 -22.24 18.65 22.03
N PHE C 336 -21.96 17.59 22.81
CA PHE C 336 -22.94 16.74 23.45
C PHE C 336 -23.26 17.19 24.89
N GLY C 337 -22.89 18.40 25.29
CA GLY C 337 -23.07 18.78 26.70
C GLY C 337 -22.02 18.14 27.58
N PHE C 338 -22.34 17.98 28.86
CA PHE C 338 -21.40 17.48 29.85
C PHE C 338 -22.25 17.10 31.08
N GLY C 339 -21.95 16.01 31.77
CA GLY C 339 -22.55 15.79 33.09
C GLY C 339 -23.74 14.87 33.01
N THR C 340 -24.67 15.01 33.95
CA THR C 340 -25.72 13.97 34.05
C THR C 340 -26.55 13.90 32.79
N HIS C 341 -26.72 15.03 32.06
CA HIS C 341 -27.52 15.06 30.82
C HIS C 341 -26.73 14.71 29.50
N PHE C 342 -25.42 14.54 29.61
CA PHE C 342 -24.54 14.25 28.49
C PHE C 342 -25.27 13.34 27.42
N CYS C 343 -25.30 13.79 26.17
CA CYS C 343 -26.15 13.20 25.07
C CYS C 343 -26.21 11.69 25.14
N LEU C 344 -27.41 11.18 25.36
CA LEU C 344 -27.59 9.72 25.42
C LEU C 344 -27.26 9.04 24.06
N GLY C 345 -27.47 9.76 22.98
CA GLY C 345 -27.28 9.23 21.65
C GLY C 345 -25.86 9.45 21.11
N ASN C 346 -24.94 9.88 21.98
CA ASN C 346 -23.61 10.32 21.51
C ASN C 346 -22.85 9.22 20.77
N GLN C 347 -22.96 7.98 21.24
N GLN C 347 -22.94 7.98 21.22
CA GLN C 347 -22.25 6.87 20.58
CA GLN C 347 -22.19 6.92 20.55
C GLN C 347 -22.86 6.54 19.18
C GLN C 347 -22.85 6.55 19.17
N LEU C 348 -24.16 6.52 19.12
CA LEU C 348 -24.88 6.30 17.84
C LEU C 348 -24.59 7.44 16.84
N ALA C 349 -24.62 8.70 17.29
CA ALA C 349 -24.27 9.82 16.43
C ALA C 349 -22.86 9.65 15.91
N ARG C 350 -21.90 9.36 16.81
CA ARG C 350 -20.51 9.15 16.36
C ARG C 350 -20.47 8.02 15.29
N LEU C 351 -21.24 6.96 15.53
CA LEU C 351 -21.22 5.81 14.59
C LEU C 351 -21.75 6.23 13.20
N GLU C 352 -22.93 6.86 13.17
CA GLU C 352 -23.47 7.35 11.91
C GLU C 352 -22.42 8.25 11.19
N LEU C 353 -21.85 9.22 11.90
CA LEU C 353 -20.86 10.11 11.27
C LEU C 353 -19.67 9.36 10.72
N ARG C 354 -19.15 8.41 11.48
CA ARG C 354 -18.02 7.65 11.07
C ARG C 354 -18.36 6.75 9.84
N LEU C 355 -19.47 6.00 9.92
CA LEU C 355 -19.80 5.07 8.82
C LEU C 355 -20.08 5.86 7.54
N MET C 356 -20.79 6.96 7.60
CA MET C 356 -21.08 7.70 6.37
C MET C 356 -19.79 8.39 5.84
N THR C 357 -19.01 9.00 6.73
CA THR C 357 -17.81 9.77 6.26
C THR C 357 -16.79 8.81 5.65
N GLU C 358 -16.60 7.66 6.27
CA GLU C 358 -15.68 6.66 5.76
C GLU C 358 -16.10 6.30 4.29
N ARG C 359 -17.41 6.24 4.06
CA ARG C 359 -17.83 5.82 2.73
C ARG C 359 -17.77 6.99 1.71
N VAL C 360 -18.08 8.21 2.18
CA VAL C 360 -17.91 9.42 1.40
C VAL C 360 -16.42 9.51 0.92
N LEU C 361 -15.49 9.24 1.84
CA LEU C 361 -14.01 9.33 1.53
C LEU C 361 -13.60 8.31 0.50
N ARG C 362 -14.09 7.08 0.69
CA ARG C 362 -13.74 6.00 -0.22
C ARG C 362 -14.44 6.15 -1.59
N ARG C 363 -15.73 6.51 -1.59
CA ARG C 363 -16.50 6.45 -2.85
C ARG C 363 -16.51 7.77 -3.66
N LEU C 364 -16.24 8.90 -2.99
CA LEU C 364 -16.23 10.21 -3.61
C LEU C 364 -14.90 10.89 -3.22
N PRO C 365 -13.76 10.23 -3.56
CA PRO C 365 -12.44 10.65 -3.06
C PRO C 365 -11.97 12.02 -3.56
N ASP C 366 -12.59 12.54 -4.63
CA ASP C 366 -12.26 13.90 -5.11
C ASP C 366 -13.38 14.95 -4.79
N LEU C 367 -14.24 14.62 -3.84
CA LEU C 367 -15.32 15.52 -3.47
C LEU C 367 -14.85 16.94 -3.20
N ARG C 368 -15.59 17.91 -3.73
CA ARG C 368 -15.35 19.30 -3.35
CA ARG C 368 -15.33 19.35 -3.56
C ARG C 368 -16.64 20.11 -3.38
N LEU C 369 -16.61 21.27 -2.71
CA LEU C 369 -17.71 22.22 -2.77
C LEU C 369 -17.92 22.68 -4.20
N ALA C 370 -19.16 22.82 -4.68
CA ALA C 370 -19.40 23.29 -6.07
C ALA C 370 -18.78 24.67 -6.22
N ASP C 371 -18.82 25.45 -5.14
CA ASP C 371 -18.24 26.80 -5.11
C ASP C 371 -17.81 27.17 -3.65
N ASP C 372 -16.76 27.97 -3.48
CA ASP C 372 -16.20 28.20 -2.14
CA ASP C 372 -16.21 28.19 -2.13
C ASP C 372 -16.93 29.23 -1.26
N ALA C 373 -18.00 29.88 -1.79
CA ALA C 373 -18.78 30.89 -1.03
C ALA C 373 -19.27 30.29 0.28
N PRO C 374 -19.69 31.14 1.26
CA PRO C 374 -20.18 30.50 2.46
C PRO C 374 -21.44 29.67 2.24
N VAL C 375 -21.58 28.58 2.98
CA VAL C 375 -22.75 27.67 2.92
C VAL C 375 -23.87 28.36 3.75
N PRO C 376 -25.12 28.49 3.20
CA PRO C 376 -26.20 29.12 4.04
C PRO C 376 -26.52 28.23 5.25
N LEU C 377 -26.72 28.84 6.44
CA LEU C 377 -27.13 28.14 7.62
C LEU C 377 -28.60 28.40 7.97
N ARG C 378 -29.13 27.46 8.72
CA ARG C 378 -30.57 27.53 9.05
C ARG C 378 -30.81 28.54 10.17
N PRO C 379 -31.58 29.59 9.89
CA PRO C 379 -31.95 30.46 11.03
C PRO C 379 -32.86 29.68 12.06
N ALA C 380 -32.33 29.36 13.23
CA ALA C 380 -33.08 28.66 14.27
C ALA C 380 -32.32 28.98 15.56
N ASN C 381 -32.99 29.03 16.70
CA ASN C 381 -32.31 29.48 17.93
C ASN C 381 -31.86 28.30 18.80
N PHE C 382 -32.03 27.08 18.28
CA PHE C 382 -31.80 25.89 19.07
C PHE C 382 -30.80 24.95 18.40
N VAL C 383 -31.17 24.34 17.28
CA VAL C 383 -30.28 23.39 16.59
C VAL C 383 -30.19 23.99 15.19
N SER C 384 -28.95 24.23 14.70
CA SER C 384 -28.77 24.84 13.43
C SER C 384 -27.46 24.33 12.73
N GLY C 385 -27.49 24.37 11.41
CA GLY C 385 -26.35 23.90 10.56
C GLY C 385 -26.72 24.23 9.14
N PRO C 386 -25.94 23.67 8.16
CA PRO C 386 -26.15 23.97 6.72
C PRO C 386 -27.59 23.69 6.19
N GLU C 387 -28.17 24.67 5.52
CA GLU C 387 -29.43 24.50 4.77
C GLU C 387 -29.28 23.74 3.46
N SER C 388 -28.14 23.93 2.78
CA SER C 388 -27.84 23.29 1.50
C SER C 388 -26.34 23.33 1.26
N MET C 389 -25.82 22.43 0.45
CA MET C 389 -24.36 22.45 0.20
C MET C 389 -24.11 21.72 -1.09
N PRO C 390 -24.20 22.45 -2.21
CA PRO C 390 -23.91 21.82 -3.50
C PRO C 390 -22.44 21.26 -3.55
N VAL C 391 -22.27 20.02 -3.99
CA VAL C 391 -20.92 19.43 -4.10
C VAL C 391 -20.71 18.81 -5.45
N VAL C 392 -19.45 18.57 -5.82
CA VAL C 392 -19.10 17.92 -7.06
C VAL C 392 -18.00 16.84 -6.86
N PHE C 393 -17.95 15.88 -7.77
CA PHE C 393 -17.08 14.69 -7.68
C PHE C 393 -17.07 13.94 -9.02
N THR C 394 -16.03 13.15 -9.28
CA THR C 394 -16.02 12.28 -10.42
C THR C 394 -17.07 11.21 -10.13
N PRO C 395 -18.02 11.01 -11.08
CA PRO C 395 -19.09 10.01 -10.92
C PRO C 395 -18.46 8.59 -10.84
N SER C 396 -19.18 7.65 -10.26
CA SER C 396 -18.76 6.24 -10.18
C SER C 396 -20.02 5.39 -10.19
N ALA C 397 -19.86 4.06 -10.32
CA ALA C 397 -21.03 3.20 -10.48
C ALA C 397 -21.64 2.78 -9.13
N PRO C 398 -22.99 2.68 -9.05
CA PRO C 398 -23.59 2.46 -7.70
C PRO C 398 -23.20 1.09 -7.19
N VAL C 399 -23.23 0.84 -5.86
CA VAL C 399 -22.90 -0.55 -5.36
C VAL C 399 -24.12 -1.49 -5.41
N LEU C 400 -25.31 -0.94 -5.21
CA LEU C 400 -26.59 -1.70 -5.38
C LEU C 400 -26.44 -3.02 -4.60
N ALA C 401 -26.08 -2.87 -3.31
CA ALA C 401 -25.94 -4.04 -2.40
C ALA C 401 -27.11 -5.11 -2.44
N HIS C 402 -28.36 -4.69 -2.27
CA HIS C 402 -29.55 -5.62 -2.35
C HIS C 402 -29.68 -6.48 -3.64
N HIS C 403 -28.88 -6.26 -4.72
CA HIS C 403 -29.00 -7.16 -5.94
C HIS C 403 -28.18 -8.46 -5.78
N THR D 2 -85.50 -0.68 -1.47
CA THR D 2 -84.24 -0.65 -2.27
C THR D 2 -83.25 -1.65 -1.67
N GLN D 3 -83.68 -2.91 -1.48
CA GLN D 3 -82.75 -3.97 -1.07
C GLN D 3 -81.72 -4.31 -2.17
N MET D 4 -80.55 -4.81 -1.75
CA MET D 4 -79.46 -5.04 -2.65
C MET D 4 -79.77 -6.34 -3.41
N LEU D 5 -79.34 -6.37 -4.66
CA LEU D 5 -79.46 -7.52 -5.51
C LEU D 5 -79.02 -8.80 -4.85
N THR D 6 -77.95 -8.74 -4.05
CA THR D 6 -77.39 -9.97 -3.50
C THR D 6 -77.86 -10.28 -2.09
N ARG D 7 -78.75 -9.45 -1.51
CA ARG D 7 -79.32 -9.77 -0.19
C ARG D 7 -80.00 -11.15 -0.19
N PRO D 8 -79.62 -12.04 0.74
CA PRO D 8 -80.32 -13.35 0.82
C PRO D 8 -81.84 -13.14 1.04
N ASP D 9 -82.67 -13.92 0.34
CA ASP D 9 -84.11 -13.86 0.48
C ASP D 9 -84.43 -15.18 1.21
N VAL D 10 -84.46 -15.13 2.55
CA VAL D 10 -84.57 -16.33 3.38
C VAL D 10 -85.60 -16.16 4.51
N ASP D 11 -86.06 -17.31 5.01
CA ASP D 11 -86.94 -17.39 6.16
C ASP D 11 -86.22 -18.19 7.18
N LEU D 12 -85.75 -17.54 8.24
CA LEU D 12 -84.90 -18.24 9.16
C LEU D 12 -85.64 -19.26 10.04
N VAL D 13 -86.95 -19.40 9.87
CA VAL D 13 -87.67 -20.39 10.66
C VAL D 13 -88.00 -21.56 9.73
N ASN D 14 -87.51 -21.50 8.49
CA ASN D 14 -87.77 -22.61 7.58
C ASN D 14 -86.59 -23.60 7.73
N GLY D 15 -86.88 -24.87 8.10
CA GLY D 15 -85.87 -25.83 8.34
C GLY D 15 -84.95 -26.05 7.14
N MET D 16 -85.47 -25.85 5.91
CA MET D 16 -84.68 -26.08 4.71
C MET D 16 -83.49 -25.13 4.62
N PHE D 17 -83.65 -23.92 5.14
CA PHE D 17 -82.50 -22.97 5.13
C PHE D 17 -81.23 -23.62 5.78
N TYR D 18 -81.45 -24.42 6.83
CA TYR D 18 -80.34 -25.01 7.63
C TYR D 18 -79.79 -26.35 7.02
N ALA D 19 -80.53 -26.89 6.10
CA ALA D 19 -80.20 -28.21 5.51
C ALA D 19 -79.75 -28.17 4.06
N ASP D 20 -80.04 -27.12 3.30
CA ASP D 20 -79.84 -27.26 1.86
C ASP D 20 -78.41 -26.86 1.45
N GLY D 21 -77.59 -26.47 2.41
CA GLY D 21 -76.18 -26.13 2.11
C GLY D 21 -75.90 -24.66 1.81
N GLY D 22 -76.98 -23.85 1.77
CA GLY D 22 -76.86 -22.42 1.44
C GLY D 22 -76.64 -21.50 2.63
N ALA D 23 -76.69 -22.04 3.86
CA ALA D 23 -76.66 -21.19 5.10
C ALA D 23 -75.34 -20.43 5.25
N ARG D 24 -74.20 -21.10 5.06
CA ARG D 24 -72.93 -20.40 5.32
C ARG D 24 -72.72 -19.21 4.35
N GLU D 25 -73.10 -19.39 3.09
CA GLU D 25 -73.03 -18.27 2.14
C GLU D 25 -73.93 -17.10 2.56
N ALA D 26 -75.16 -17.41 3.00
CA ALA D 26 -76.03 -16.36 3.45
C ALA D 26 -75.44 -15.65 4.70
N TYR D 27 -74.88 -16.42 5.64
CA TYR D 27 -74.25 -15.81 6.80
C TYR D 27 -73.10 -14.90 6.45
N ARG D 28 -72.31 -15.30 5.45
CA ARG D 28 -71.24 -14.44 5.03
C ARG D 28 -71.77 -13.09 4.61
N TRP D 29 -72.83 -13.08 3.82
CA TRP D 29 -73.40 -11.79 3.39
C TRP D 29 -73.92 -10.98 4.63
N MET D 30 -74.69 -11.64 5.51
CA MET D 30 -75.20 -10.96 6.73
C MET D 30 -74.08 -10.36 7.59
N ARG D 31 -73.08 -11.17 7.94
CA ARG D 31 -71.99 -10.66 8.83
C ARG D 31 -71.31 -9.45 8.19
N ALA D 32 -71.17 -9.45 6.87
CA ALA D 32 -70.48 -8.35 6.21
C ALA D 32 -71.36 -7.13 5.92
N ASN D 33 -72.65 -7.29 5.71
CA ASN D 33 -73.49 -6.22 5.20
C ASN D 33 -74.62 -5.77 6.14
N GLU D 34 -75.06 -6.64 7.03
CA GLU D 34 -76.16 -6.33 7.95
C GLU D 34 -76.07 -7.33 9.12
N PRO D 35 -75.16 -7.04 10.06
CA PRO D 35 -74.79 -8.03 11.07
C PRO D 35 -75.99 -8.43 11.96
N VAL D 36 -76.91 -7.53 12.17
CA VAL D 36 -78.18 -7.92 12.85
C VAL D 36 -79.20 -7.86 11.73
N PHE D 37 -79.43 -9.00 11.09
CA PHE D 37 -80.08 -9.09 9.78
C PHE D 37 -81.60 -9.33 9.99
N ARG D 38 -82.47 -8.71 9.22
CA ARG D 38 -83.89 -9.07 9.26
C ARG D 38 -84.24 -9.96 8.02
N ASP D 39 -84.84 -11.13 8.28
CA ASP D 39 -85.21 -12.03 7.22
C ASP D 39 -86.42 -11.51 6.48
N ARG D 40 -86.92 -12.28 5.52
CA ARG D 40 -88.00 -11.76 4.72
C ARG D 40 -89.29 -11.57 5.50
N ASN D 41 -89.44 -12.15 6.68
CA ASN D 41 -90.63 -11.83 7.53
C ASN D 41 -90.34 -10.81 8.65
N GLY D 42 -89.17 -10.20 8.61
CA GLY D 42 -88.84 -9.16 9.58
C GLY D 42 -88.16 -9.74 10.80
N LEU D 43 -87.92 -11.03 10.89
CA LEU D 43 -87.35 -11.62 12.10
C LEU D 43 -85.86 -11.24 12.24
N ALA D 44 -85.47 -10.58 13.34
CA ALA D 44 -84.07 -10.16 13.52
C ALA D 44 -83.18 -11.35 13.88
N ALA D 45 -81.92 -11.34 13.42
CA ALA D 45 -80.96 -12.35 13.76
C ALA D 45 -79.57 -11.76 14.04
N ALA D 46 -78.97 -12.12 15.16
CA ALA D 46 -77.63 -11.69 15.48
C ALA D 46 -76.64 -12.67 14.77
N THR D 47 -75.85 -12.21 13.81
CA THR D 47 -75.14 -13.13 12.96
C THR D 47 -73.63 -13.09 13.20
N THR D 48 -73.13 -12.04 13.85
CA THR D 48 -71.66 -11.94 14.11
C THR D 48 -71.39 -12.45 15.51
N TYR D 49 -70.16 -12.90 15.72
CA TYR D 49 -69.74 -13.40 16.99
C TYR D 49 -69.91 -12.26 18.01
N GLN D 50 -69.55 -11.04 17.62
CA GLN D 50 -69.60 -9.95 18.58
C GLN D 50 -71.09 -9.71 18.96
N ALA D 51 -72.01 -9.76 17.99
CA ALA D 51 -73.41 -9.44 18.32
C ALA D 51 -74.00 -10.57 19.21
N VAL D 52 -73.54 -11.81 18.98
CA VAL D 52 -74.08 -12.94 19.76
C VAL D 52 -73.56 -12.84 21.21
N LEU D 53 -72.28 -12.55 21.34
CA LEU D 53 -71.67 -12.41 22.65
C LEU D 53 -72.29 -11.23 23.43
N ASP D 54 -72.45 -10.07 22.75
CA ASP D 54 -73.05 -8.89 23.40
C ASP D 54 -74.45 -9.23 23.89
N ALA D 55 -75.23 -9.93 23.06
CA ALA D 55 -76.58 -10.25 23.48
C ALA D 55 -76.55 -11.22 24.70
N GLU D 56 -75.63 -12.20 24.66
CA GLU D 56 -75.50 -13.19 25.74
C GLU D 56 -75.07 -12.59 27.07
N ARG D 57 -74.16 -11.58 26.99
CA ARG D 57 -73.70 -10.91 28.19
C ARG D 57 -74.74 -9.91 28.72
N ASN D 58 -75.85 -9.66 27.97
CA ASN D 58 -76.81 -8.67 28.41
C ASN D 58 -78.22 -9.20 28.53
N PRO D 59 -78.44 -10.25 29.37
CA PRO D 59 -79.79 -10.77 29.46
C PRO D 59 -80.82 -9.78 30.06
N GLU D 60 -80.39 -8.75 30.79
CA GLU D 60 -81.32 -7.64 31.20
C GLU D 60 -82.09 -7.06 29.94
N LEU D 61 -81.40 -6.94 28.83
CA LEU D 61 -81.95 -6.44 27.57
C LEU D 61 -82.49 -7.55 26.65
N PHE D 62 -81.78 -8.67 26.66
CA PHE D 62 -82.09 -9.83 25.81
C PHE D 62 -82.57 -11.00 26.67
N SER D 63 -83.85 -11.01 26.98
CA SER D 63 -84.41 -11.90 27.98
C SER D 63 -84.68 -13.29 27.42
N SER D 64 -84.55 -14.32 28.26
CA SER D 64 -84.93 -15.70 27.86
C SER D 64 -86.38 -16.08 28.24
N THR D 65 -87.06 -15.23 29.00
CA THR D 65 -88.38 -15.62 29.54
C THR D 65 -89.51 -15.59 28.54
N GLY D 66 -89.29 -14.96 27.40
CA GLY D 66 -90.27 -15.09 26.30
C GLY D 66 -90.18 -16.48 25.56
N GLY D 67 -89.23 -17.33 25.95
CA GLY D 67 -89.05 -18.60 25.23
C GLY D 67 -87.86 -18.48 24.25
N ILE D 68 -87.13 -19.55 24.10
CA ILE D 68 -85.96 -19.55 23.17
C ILE D 68 -86.21 -20.04 21.73
N ARG D 69 -87.49 -20.23 21.39
CA ARG D 69 -87.90 -20.47 19.98
C ARG D 69 -88.68 -19.29 19.44
N PRO D 70 -88.68 -19.10 18.10
CA PRO D 70 -89.22 -17.84 17.58
C PRO D 70 -90.72 -17.78 17.61
N ASP D 71 -91.41 -18.90 17.63
CA ASP D 71 -92.85 -18.76 17.47
C ASP D 71 -93.61 -19.51 18.59
N GLN D 72 -93.02 -19.57 19.79
CA GLN D 72 -93.66 -20.20 20.98
C GLN D 72 -93.26 -19.44 22.24
N PRO D 73 -94.15 -19.43 23.27
CA PRO D 73 -93.80 -18.84 24.58
C PRO D 73 -92.85 -19.74 25.38
N GLY D 74 -92.44 -19.25 26.55
CA GLY D 74 -91.56 -19.97 27.46
C GLY D 74 -92.18 -21.16 28.14
N MET D 75 -91.36 -22.14 28.42
CA MET D 75 -91.82 -23.29 29.24
C MET D 75 -91.26 -23.09 30.67
N PRO D 76 -91.82 -23.79 31.65
CA PRO D 76 -91.26 -23.60 32.97
C PRO D 76 -90.00 -24.47 33.20
N TYR D 77 -88.92 -24.26 32.49
CA TYR D 77 -87.67 -24.88 32.89
C TYR D 77 -86.57 -23.88 32.68
N MET D 78 -85.35 -24.21 33.07
CA MET D 78 -84.33 -23.20 33.33
C MET D 78 -83.93 -22.39 32.02
N ILE D 79 -84.00 -22.98 30.85
CA ILE D 79 -83.51 -22.27 29.63
C ILE D 79 -84.44 -21.08 29.27
N ASP D 80 -85.68 -21.13 29.79
CA ASP D 80 -86.68 -20.08 29.54
C ASP D 80 -86.86 -19.17 30.74
N MET D 81 -85.81 -19.07 31.53
CA MET D 81 -85.85 -18.25 32.77
C MET D 81 -84.66 -17.27 32.76
N ASP D 82 -84.81 -16.15 33.46
CA ASP D 82 -83.72 -15.16 33.65
C ASP D 82 -83.30 -15.25 35.13
N ASP D 83 -82.07 -14.88 35.43
CA ASP D 83 -81.58 -14.72 36.80
C ASP D 83 -82.43 -13.64 37.48
N PRO D 84 -82.71 -13.74 38.80
CA PRO D 84 -82.18 -14.72 39.75
C PRO D 84 -82.84 -16.12 39.73
N GLN D 85 -84.03 -16.22 39.14
N GLN D 85 -84.04 -16.26 39.17
CA GLN D 85 -84.81 -17.45 39.11
CA GLN D 85 -84.77 -17.55 39.20
C GLN D 85 -83.98 -18.56 38.44
C GLN D 85 -83.96 -18.61 38.45
N HIS D 86 -83.42 -18.21 37.29
CA HIS D 86 -82.64 -19.13 36.50
C HIS D 86 -81.48 -19.71 37.34
N LEU D 87 -80.78 -18.85 38.06
CA LEU D 87 -79.54 -19.21 38.74
C LEU D 87 -79.82 -20.24 39.80
N LEU D 88 -80.88 -20.00 40.58
CA LEU D 88 -81.29 -20.95 41.55
C LEU D 88 -81.62 -22.33 40.92
N ARG D 89 -82.46 -22.33 39.88
CA ARG D 89 -82.88 -23.58 39.24
C ARG D 89 -81.61 -24.28 38.69
N ARG D 90 -80.76 -23.52 38.03
CA ARG D 90 -79.54 -24.06 37.49
C ARG D 90 -78.66 -24.69 38.56
N LYS D 91 -78.47 -23.98 39.67
CA LYS D 91 -77.69 -24.51 40.80
C LYS D 91 -78.29 -25.82 41.36
N LEU D 92 -79.61 -25.89 41.43
CA LEU D 92 -80.25 -27.13 41.93
C LEU D 92 -79.99 -28.27 40.95
N VAL D 93 -80.21 -28.00 39.65
CA VAL D 93 -80.03 -29.05 38.63
C VAL D 93 -78.54 -29.41 38.51
N ASN D 94 -77.66 -28.43 38.81
CA ASN D 94 -76.20 -28.64 38.63
C ASN D 94 -75.64 -29.85 39.44
N ALA D 95 -76.35 -30.24 40.51
CA ALA D 95 -75.92 -31.35 41.34
C ALA D 95 -75.75 -32.61 40.50
N GLY D 96 -76.49 -32.72 39.38
CA GLY D 96 -76.45 -33.90 38.52
C GLY D 96 -75.31 -33.83 37.56
N PHE D 97 -74.63 -32.68 37.46
CA PHE D 97 -73.60 -32.47 36.46
C PHE D 97 -72.31 -31.97 37.02
N THR D 98 -71.96 -32.35 38.22
CA THR D 98 -70.68 -31.95 38.78
C THR D 98 -69.58 -32.70 38.00
N ARG D 99 -68.35 -32.21 38.12
N ARG D 99 -68.33 -32.23 38.09
CA ARG D 99 -67.22 -32.85 37.49
CA ARG D 99 -67.21 -32.96 37.46
C ARG D 99 -67.06 -34.30 37.99
C ARG D 99 -67.12 -34.37 37.97
N LYS D 100 -67.36 -34.56 39.27
CA LYS D 100 -67.32 -35.91 39.86
C LYS D 100 -68.40 -36.81 39.25
N ARG D 101 -69.62 -36.28 39.14
CA ARG D 101 -70.69 -37.04 38.50
C ARG D 101 -70.47 -37.36 37.02
N VAL D 102 -69.93 -36.40 36.28
CA VAL D 102 -69.62 -36.60 34.89
C VAL D 102 -68.48 -37.62 34.77
N MET D 103 -67.39 -37.44 35.54
CA MET D 103 -66.19 -38.32 35.41
C MET D 103 -66.47 -39.75 35.87
N ASP D 104 -67.48 -39.94 36.70
CA ASP D 104 -67.78 -41.24 37.19
C ASP D 104 -68.50 -42.09 36.13
N LYS D 105 -68.92 -41.48 35.01
CA LYS D 105 -69.55 -42.24 33.93
C LYS D 105 -68.58 -42.64 32.85
N VAL D 106 -67.28 -42.46 33.06
CA VAL D 106 -66.29 -42.81 32.04
C VAL D 106 -66.38 -44.32 31.68
N ASP D 107 -66.40 -45.18 32.71
CA ASP D 107 -66.47 -46.62 32.41
C ASP D 107 -67.82 -46.98 31.75
N SER D 108 -68.97 -46.51 32.25
CA SER D 108 -70.24 -46.95 31.63
C SER D 108 -70.38 -46.40 30.23
N ILE D 109 -69.94 -45.16 30.01
CA ILE D 109 -70.02 -44.61 28.65
C ILE D 109 -69.07 -45.34 27.73
N GLY D 110 -67.87 -45.61 28.21
CA GLY D 110 -66.92 -46.34 27.34
C GLY D 110 -67.47 -47.72 26.99
N ARG D 111 -68.11 -48.37 27.96
N ARG D 111 -68.12 -48.34 27.98
CA ARG D 111 -68.58 -49.73 27.74
CA ARG D 111 -68.63 -49.68 27.83
C ARG D 111 -69.71 -49.68 26.69
C ARG D 111 -69.70 -49.67 26.72
N LEU D 112 -70.55 -48.66 26.76
CA LEU D 112 -71.58 -48.47 25.78
C LEU D 112 -71.04 -48.26 24.35
N CYS D 113 -69.99 -47.45 24.25
CA CYS D 113 -69.34 -47.16 22.96
C CYS D 113 -68.89 -48.48 22.35
N ASP D 114 -68.30 -49.33 23.18
CA ASP D 114 -67.78 -50.61 22.73
C ASP D 114 -68.87 -51.50 22.23
N THR D 115 -69.98 -51.57 22.95
CA THR D 115 -71.15 -52.34 22.50
C THR D 115 -71.66 -51.79 21.19
N LEU D 116 -71.70 -50.49 21.02
CA LEU D 116 -72.21 -49.98 19.73
C LEU D 116 -71.32 -50.33 18.55
N ILE D 117 -70.01 -50.26 18.76
CA ILE D 117 -69.03 -50.61 17.67
C ILE D 117 -69.11 -52.10 17.39
N ASP D 118 -69.32 -52.88 18.46
CA ASP D 118 -69.44 -54.33 18.32
C ASP D 118 -70.53 -54.71 17.35
N ALA D 119 -71.61 -53.95 17.37
CA ALA D 119 -72.74 -54.29 16.51
C ALA D 119 -72.45 -53.99 15.02
N VAL D 120 -71.37 -53.25 14.71
CA VAL D 120 -71.03 -53.03 13.29
C VAL D 120 -69.65 -53.50 12.81
N CYS D 121 -68.71 -53.80 13.72
CA CYS D 121 -67.32 -53.92 13.30
C CYS D 121 -67.07 -55.11 12.36
N GLU D 122 -67.87 -56.17 12.47
CA GLU D 122 -67.69 -57.35 11.62
C GLU D 122 -68.14 -57.11 10.18
N ARG D 123 -69.03 -56.14 10.00
CA ARG D 123 -69.65 -55.91 8.70
C ARG D 123 -68.77 -55.15 7.71
N GLY D 124 -67.98 -54.18 8.14
CA GLY D 124 -67.15 -53.49 7.22
C GLY D 124 -67.81 -52.25 6.64
N GLU D 125 -69.02 -51.96 7.12
CA GLU D 125 -69.73 -50.76 6.71
C GLU D 125 -70.88 -50.59 7.69
N CYS D 126 -71.31 -49.35 7.83
CA CYS D 126 -72.54 -49.05 8.57
C CYS D 126 -73.00 -47.67 8.16
N ASP D 127 -74.12 -47.21 8.73
CA ASP D 127 -74.57 -45.84 8.62
C ASP D 127 -74.17 -45.22 9.93
N PHE D 128 -73.19 -44.33 9.89
CA PHE D 128 -72.62 -43.77 11.08
C PHE D 128 -73.63 -43.02 11.93
N VAL D 129 -74.64 -42.41 11.31
CA VAL D 129 -75.68 -41.68 12.09
C VAL D 129 -76.57 -42.72 12.79
N ARG D 130 -77.17 -43.59 11.98
CA ARG D 130 -78.14 -44.55 12.52
C ARG D 130 -77.46 -45.50 13.53
N ASP D 131 -76.25 -45.95 13.22
CA ASP D 131 -75.70 -47.06 13.98
C ASP D 131 -74.75 -46.68 15.11
N ILE D 132 -74.22 -45.44 15.09
CA ILE D 132 -73.22 -45.01 16.07
C ILE D 132 -73.58 -43.70 16.71
N ALA D 133 -73.80 -42.63 15.94
CA ALA D 133 -74.08 -41.31 16.51
C ALA D 133 -75.41 -41.23 17.27
N ALA D 134 -76.47 -41.72 16.63
CA ALA D 134 -77.83 -41.56 17.16
C ALA D 134 -78.03 -42.39 18.43
N PRO D 135 -77.61 -43.68 18.46
CA PRO D 135 -77.90 -44.43 19.71
C PRO D 135 -77.18 -43.96 20.96
N LEU D 136 -75.91 -43.56 20.86
CA LEU D 136 -75.10 -43.19 22.00
C LEU D 136 -75.74 -42.16 23.00
N PRO D 137 -76.12 -40.94 22.54
CA PRO D 137 -76.53 -39.89 23.50
C PRO D 137 -77.81 -40.28 24.19
N MET D 138 -78.68 -41.00 23.47
CA MET D 138 -79.91 -41.47 24.10
C MET D 138 -79.59 -42.52 25.18
N ALA D 139 -78.67 -43.46 24.90
CA ALA D 139 -78.37 -44.51 25.89
C ALA D 139 -77.68 -43.86 27.12
N VAL D 140 -76.82 -42.87 26.89
CA VAL D 140 -76.19 -42.20 28.04
C VAL D 140 -77.26 -41.56 28.97
N ILE D 141 -78.16 -40.79 28.37
CA ILE D 141 -79.32 -40.25 29.06
C ILE D 141 -80.15 -41.29 29.81
N GLY D 142 -80.53 -42.42 29.19
CA GLY D 142 -81.38 -43.39 29.94
C GLY D 142 -80.56 -43.98 31.08
N ASP D 143 -79.28 -44.21 30.87
CA ASP D 143 -78.48 -44.78 31.96
C ASP D 143 -78.39 -43.73 33.13
N MET D 144 -78.16 -42.47 32.75
CA MET D 144 -78.14 -41.35 33.71
C MET D 144 -79.41 -41.28 34.57
N LEU D 145 -80.59 -41.36 33.93
CA LEU D 145 -81.88 -41.42 34.63
C LEU D 145 -82.16 -42.68 35.38
N GLY D 146 -81.34 -43.73 35.14
CA GLY D 146 -81.49 -45.01 35.82
C GLY D 146 -82.68 -45.85 35.36
N VAL D 147 -83.13 -45.61 34.12
CA VAL D 147 -84.33 -46.29 33.59
C VAL D 147 -83.96 -47.52 32.70
N LEU D 148 -84.96 -48.32 32.40
CA LEU D 148 -84.75 -49.45 31.44
C LEU D 148 -84.66 -48.91 30.00
N PRO D 149 -83.88 -49.60 29.13
CA PRO D 149 -83.89 -49.19 27.69
C PRO D 149 -85.33 -48.94 27.12
N THR D 150 -86.28 -49.83 27.37
CA THR D 150 -87.69 -49.61 27.00
C THR D 150 -88.26 -48.27 27.51
N GLU D 151 -87.94 -47.94 28.75
CA GLU D 151 -88.38 -46.69 29.31
C GLU D 151 -87.73 -45.48 28.68
N ARG D 152 -86.39 -45.56 28.47
CA ARG D 152 -85.59 -44.58 27.81
C ARG D 152 -86.23 -44.31 26.45
N ASP D 153 -86.58 -45.37 25.73
CA ASP D 153 -87.23 -45.22 24.42
C ASP D 153 -88.61 -44.51 24.45
N MET D 154 -89.46 -44.89 25.38
CA MET D 154 -90.72 -44.21 25.63
C MET D 154 -90.50 -42.70 25.92
N LEU D 155 -89.52 -42.38 26.78
CA LEU D 155 -89.27 -41.04 27.21
C LEU D 155 -88.80 -40.19 26.06
N LEU D 156 -87.86 -40.76 25.33
CA LEU D 156 -87.16 -39.99 24.34
C LEU D 156 -88.20 -39.73 23.19
N LYS D 157 -89.15 -40.62 22.99
CA LYS D 157 -90.22 -40.38 22.04
C LYS D 157 -91.32 -39.36 22.47
N TRP D 158 -91.85 -39.50 23.69
CA TRP D 158 -92.55 -38.38 24.33
C TRP D 158 -91.85 -37.06 24.15
N SER D 159 -90.57 -36.96 24.44
CA SER D 159 -89.96 -35.72 24.41
C SER D 159 -89.86 -35.21 22.96
N ASP D 160 -89.78 -36.10 21.98
CA ASP D 160 -89.80 -35.65 20.56
C ASP D 160 -91.18 -35.11 20.21
N ASP D 161 -92.23 -35.81 20.63
CA ASP D 161 -93.63 -35.53 20.30
C ASP D 161 -94.01 -34.22 20.99
N LEU D 162 -93.40 -33.90 22.14
CA LEU D 162 -93.66 -32.67 22.86
C LEU D 162 -93.07 -31.51 22.06
N VAL D 163 -91.85 -31.71 21.54
CA VAL D 163 -91.16 -30.72 20.73
C VAL D 163 -92.00 -30.45 19.41
N CYS D 164 -92.33 -31.51 18.65
CA CYS D 164 -93.23 -31.37 17.49
CA CYS D 164 -93.24 -31.37 17.49
C CYS D 164 -94.57 -30.86 18.01
N GLY D 165 -95.17 -29.84 17.43
CA GLY D 165 -96.52 -29.57 18.00
C GLY D 165 -96.56 -28.74 19.32
N LEU D 166 -95.44 -28.62 20.07
CA LEU D 166 -95.19 -27.29 20.69
C LEU D 166 -94.96 -26.36 19.48
N SER D 167 -94.06 -26.79 18.54
CA SER D 167 -93.85 -26.04 17.26
C SER D 167 -95.12 -25.98 16.34
N SER D 168 -96.08 -26.90 16.49
CA SER D 168 -97.30 -26.97 15.63
C SER D 168 -98.64 -27.32 16.37
N HIS D 169 -99.24 -26.34 17.09
CA HIS D 169 -100.43 -26.65 17.95
C HIS D 169 -101.66 -25.73 17.82
N VAL D 170 -101.88 -25.22 16.58
CA VAL D 170 -103.16 -24.54 16.22
C VAL D 170 -104.42 -25.38 16.17
N ASP D 171 -104.43 -26.53 15.47
CA ASP D 171 -105.75 -27.17 15.35
C ASP D 171 -106.14 -28.03 16.59
N GLU D 172 -107.45 -28.11 16.85
CA GLU D 172 -108.04 -28.89 17.95
C GLU D 172 -107.42 -30.29 18.26
N ALA D 173 -107.38 -31.18 17.26
CA ALA D 173 -106.89 -32.55 17.41
C ALA D 173 -105.39 -32.58 17.71
N ALA D 174 -104.66 -31.60 17.19
CA ALA D 174 -103.21 -31.50 17.42
C ALA D 174 -102.89 -31.02 18.85
N ILE D 175 -103.82 -30.27 19.43
CA ILE D 175 -103.69 -29.75 20.78
C ILE D 175 -103.94 -30.92 21.76
N GLN D 176 -105.02 -31.63 21.50
CA GLN D 176 -105.37 -32.84 22.22
C GLN D 176 -104.22 -33.89 22.27
N LYS D 177 -103.53 -34.10 21.15
CA LYS D 177 -102.49 -35.10 21.11
C LYS D 177 -101.32 -34.59 22.00
N LEU D 178 -101.15 -33.28 22.01
CA LEU D 178 -100.03 -32.70 22.75
C LEU D 178 -100.34 -32.84 24.25
N MET D 179 -101.59 -32.56 24.63
CA MET D 179 -101.96 -32.58 26.03
C MET D 179 -101.84 -34.02 26.52
N ASP D 180 -102.33 -34.97 25.71
CA ASP D 180 -102.24 -36.40 26.04
C ASP D 180 -100.80 -36.89 26.19
N THR D 181 -99.90 -36.46 25.33
CA THR D 181 -98.54 -36.96 25.53
C THR D 181 -97.89 -36.30 26.75
N PHE D 182 -98.30 -35.06 27.01
CA PHE D 182 -97.77 -34.41 28.18
C PHE D 182 -98.24 -35.11 29.46
N ALA D 183 -99.52 -35.52 29.50
CA ALA D 183 -100.07 -36.25 30.62
C ALA D 183 -99.32 -37.60 30.81
N ALA D 184 -99.03 -38.29 29.70
CA ALA D 184 -98.42 -39.63 29.77
C ALA D 184 -96.97 -39.49 30.27
N TYR D 185 -96.27 -38.53 29.70
CA TYR D 185 -94.94 -38.11 30.15
C TYR D 185 -94.85 -37.79 31.66
N THR D 186 -95.75 -36.91 32.12
CA THR D 186 -95.78 -36.49 33.51
C THR D 186 -96.10 -37.63 34.46
N GLU D 187 -97.09 -38.46 34.09
CA GLU D 187 -97.47 -39.59 34.90
CA GLU D 187 -97.48 -39.58 34.91
C GLU D 187 -96.32 -40.59 35.06
N PHE D 188 -95.62 -40.88 33.99
CA PHE D 188 -94.50 -41.82 34.10
C PHE D 188 -93.37 -41.21 34.98
N THR D 189 -93.06 -39.93 34.73
CA THR D 189 -91.92 -39.31 35.41
C THR D 189 -92.24 -39.09 36.90
N LYS D 190 -93.49 -38.76 37.21
CA LYS D 190 -93.84 -38.58 38.61
C LYS D 190 -93.78 -39.90 39.37
N ASP D 191 -94.23 -40.99 38.73
CA ASP D 191 -94.16 -42.30 39.31
C ASP D 191 -92.69 -42.64 39.67
N VAL D 192 -91.77 -42.49 38.69
CA VAL D 192 -90.33 -42.71 38.95
C VAL D 192 -89.84 -41.86 40.13
N ILE D 193 -90.21 -40.58 40.09
CA ILE D 193 -89.82 -39.69 41.18
C ILE D 193 -90.28 -40.14 42.56
N THR D 194 -91.55 -40.58 42.67
CA THR D 194 -92.15 -40.97 43.95
C THR D 194 -91.35 -42.17 44.44
N LYS D 195 -91.00 -43.05 43.52
CA LYS D 195 -90.24 -44.23 43.89
C LYS D 195 -88.85 -43.87 44.45
N ARG D 196 -88.24 -42.80 43.93
CA ARG D 196 -86.88 -42.45 44.26
C ARG D 196 -86.88 -41.74 45.58
N ARG D 197 -87.94 -40.98 45.89
CA ARG D 197 -88.03 -40.28 47.14
C ARG D 197 -88.04 -41.35 48.25
N ALA D 198 -88.75 -42.46 48.03
CA ALA D 198 -88.93 -43.51 49.04
C ALA D 198 -87.64 -44.34 49.18
N GLU D 199 -87.01 -44.62 48.04
CA GLU D 199 -85.90 -45.55 47.92
C GLU D 199 -84.88 -44.98 46.94
N PRO D 200 -84.00 -44.10 47.45
CA PRO D 200 -82.95 -43.43 46.66
C PRO D 200 -82.10 -44.39 45.86
N THR D 201 -81.72 -43.99 44.68
CA THR D 201 -80.58 -44.67 44.10
C THR D 201 -79.54 -43.56 43.93
N ASP D 202 -78.62 -43.82 43.04
CA ASP D 202 -77.59 -42.87 42.70
C ASP D 202 -77.83 -42.22 41.35
N ASP D 203 -79.03 -42.36 40.82
CA ASP D 203 -79.28 -41.79 39.48
C ASP D 203 -79.68 -40.30 39.57
N LEU D 204 -79.79 -39.66 38.40
CA LEU D 204 -80.22 -38.31 38.29
C LEU D 204 -81.54 -37.99 38.99
N PHE D 205 -82.55 -38.85 38.93
CA PHE D 205 -83.77 -38.51 39.66
C PHE D 205 -83.50 -38.38 41.19
N SER D 206 -82.71 -39.31 41.72
CA SER D 206 -82.37 -39.24 43.15
C SER D 206 -81.54 -38.01 43.51
N VAL D 207 -80.60 -37.70 42.65
CA VAL D 207 -79.78 -36.54 42.83
C VAL D 207 -80.62 -35.24 42.80
N LEU D 208 -81.53 -35.11 41.85
CA LEU D 208 -82.40 -33.96 41.83
C LEU D 208 -83.35 -33.94 43.05
N VAL D 209 -83.78 -35.10 43.51
CA VAL D 209 -84.64 -35.14 44.73
C VAL D 209 -83.85 -34.55 45.95
N ASN D 210 -82.56 -34.87 46.03
CA ASN D 210 -81.77 -34.59 47.22
C ASN D 210 -81.05 -33.23 47.18
N SER D 211 -81.04 -32.62 46.00
CA SER D 211 -80.38 -31.32 45.78
C SER D 211 -81.00 -30.20 46.64
N GLU D 212 -80.15 -29.40 47.26
CA GLU D 212 -80.62 -28.30 48.10
C GLU D 212 -79.63 -27.15 47.92
N VAL D 213 -80.18 -25.95 47.67
CA VAL D 213 -79.39 -24.75 47.38
C VAL D 213 -80.07 -23.64 48.16
N GLU D 214 -79.36 -23.05 49.13
CA GLU D 214 -79.86 -21.84 49.78
C GLU D 214 -81.16 -22.23 50.49
N GLY D 215 -81.18 -23.39 51.14
CA GLY D 215 -82.37 -23.81 51.82
C GLY D 215 -83.52 -24.31 50.94
N GLN D 216 -83.40 -24.28 49.61
CA GLN D 216 -84.53 -24.72 48.80
C GLN D 216 -84.28 -26.04 48.12
N ARG D 217 -85.35 -26.77 47.85
CA ARG D 217 -85.26 -28.08 47.13
C ARG D 217 -86.23 -28.03 45.95
N MET D 218 -86.03 -28.90 44.96
CA MET D 218 -86.92 -28.99 43.83
C MET D 218 -88.21 -29.73 44.23
N SER D 219 -89.34 -29.25 43.70
CA SER D 219 -90.61 -30.00 43.79
C SER D 219 -90.67 -31.09 42.70
N ASP D 220 -91.65 -31.98 42.79
CA ASP D 220 -91.78 -32.99 41.74
C ASP D 220 -92.01 -32.40 40.33
N ASP D 221 -92.92 -31.42 40.23
CA ASP D 221 -93.24 -30.78 38.95
C ASP D 221 -92.01 -30.12 38.34
N GLU D 222 -91.23 -29.42 39.18
CA GLU D 222 -89.93 -28.91 38.68
C GLU D 222 -89.03 -30.00 38.13
N ILE D 223 -88.83 -31.09 38.85
CA ILE D 223 -87.98 -32.17 38.30
C ILE D 223 -88.54 -32.72 36.96
N VAL D 224 -89.86 -32.87 36.86
CA VAL D 224 -90.51 -33.29 35.62
C VAL D 224 -90.07 -32.39 34.47
N PHE D 225 -90.13 -31.06 34.68
CA PHE D 225 -89.80 -30.14 33.61
C PHE D 225 -88.31 -30.10 33.32
N GLU D 226 -87.48 -30.16 34.38
CA GLU D 226 -86.04 -30.09 34.09
C GLU D 226 -85.60 -31.38 33.44
N THR D 227 -86.28 -32.46 33.78
CA THR D 227 -85.91 -33.74 33.15
C THR D 227 -86.26 -33.63 31.67
N LEU D 228 -87.44 -33.07 31.37
CA LEU D 228 -87.81 -32.82 29.99
C LEU D 228 -86.75 -32.03 29.22
N LEU D 229 -86.24 -30.95 29.83
CA LEU D 229 -85.25 -30.09 29.13
C LEU D 229 -84.02 -30.91 28.86
N ILE D 230 -83.65 -31.78 29.79
CA ILE D 230 -82.41 -32.56 29.57
C ILE D 230 -82.67 -33.63 28.48
N LEU D 231 -83.84 -34.24 28.48
CA LEU D 231 -84.16 -35.25 27.41
C LEU D 231 -84.08 -34.63 26.03
N ILE D 232 -84.57 -33.39 25.93
CA ILE D 232 -84.59 -32.70 24.66
C ILE D 232 -83.16 -32.23 24.37
N GLY D 233 -82.50 -31.66 25.38
CA GLY D 233 -81.29 -30.89 25.12
C GLY D 233 -80.06 -31.74 24.89
N GLY D 234 -80.05 -32.97 25.41
CA GLY D 234 -78.81 -33.74 25.43
C GLY D 234 -78.72 -34.81 24.36
N ASP D 235 -79.71 -34.90 23.50
CA ASP D 235 -79.81 -36.06 22.64
C ASP D 235 -79.31 -35.72 21.24
N GLU D 236 -80.16 -35.12 20.40
CA GLU D 236 -79.83 -34.89 18.99
C GLU D 236 -78.61 -33.95 18.82
N THR D 237 -78.42 -32.98 19.73
CA THR D 237 -77.25 -32.11 19.61
C THR D 237 -75.96 -32.95 19.55
N THR D 238 -75.76 -33.78 20.59
CA THR D 238 -74.55 -34.61 20.70
C THR D 238 -74.41 -35.55 19.47
N ARG D 239 -75.56 -36.07 19.02
CA ARG D 239 -75.58 -36.94 17.80
C ARG D 239 -74.90 -36.17 16.64
N HIS D 240 -75.37 -34.94 16.39
CA HIS D 240 -74.94 -34.16 15.24
C HIS D 240 -73.47 -33.75 15.35
N THR D 241 -73.01 -33.42 16.55
CA THR D 241 -71.57 -33.20 16.64
C THR D 241 -70.74 -34.47 16.33
N LEU D 242 -71.19 -35.62 16.84
CA LEU D 242 -70.47 -36.84 16.60
C LEU D 242 -70.46 -37.20 15.09
N SER D 243 -71.65 -37.12 14.43
CA SER D 243 -71.72 -37.49 13.00
C SER D 243 -71.05 -36.42 12.07
N GLY D 244 -71.41 -35.14 12.23
CA GLY D 244 -70.88 -34.11 11.37
C GLY D 244 -69.42 -33.85 11.74
N GLY D 245 -69.06 -34.11 12.99
CA GLY D 245 -67.65 -33.94 13.37
C GLY D 245 -66.75 -34.99 12.80
N THR D 246 -67.20 -36.25 12.92
CA THR D 246 -66.48 -37.40 12.29
C THR D 246 -66.43 -37.20 10.79
N GLU D 247 -67.52 -36.74 10.21
CA GLU D 247 -67.50 -36.50 8.74
C GLU D 247 -66.28 -35.62 8.33
N GLN D 248 -66.00 -34.55 9.08
CA GLN D 248 -64.86 -33.69 8.69
C GLN D 248 -63.51 -34.35 8.85
N LEU D 249 -63.41 -35.16 9.91
CA LEU D 249 -62.19 -35.92 10.16
C LEU D 249 -61.98 -36.86 9.00
N LEU D 250 -63.06 -37.53 8.57
CA LEU D 250 -62.94 -38.45 7.44
C LEU D 250 -62.55 -37.77 6.14
N ARG D 251 -62.95 -36.49 5.97
CA ARG D 251 -62.62 -35.73 4.75
C ARG D 251 -61.21 -35.10 4.87
N HIS D 252 -60.58 -35.17 6.05
CA HIS D 252 -59.26 -34.55 6.11
C HIS D 252 -58.25 -35.60 6.48
N ARG D 253 -57.76 -36.35 5.49
CA ARG D 253 -57.03 -37.58 5.76
C ARG D 253 -55.77 -37.38 6.63
N ASP D 254 -55.05 -36.29 6.47
CA ASP D 254 -53.83 -36.07 7.24
C ASP D 254 -54.19 -35.81 8.71
N GLN D 255 -55.33 -35.17 8.95
CA GLN D 255 -55.84 -34.94 10.31
C GLN D 255 -56.34 -36.24 11.00
N TRP D 256 -57.13 -37.03 10.25
CA TRP D 256 -57.51 -38.37 10.68
C TRP D 256 -56.25 -39.18 11.06
N ASP D 257 -55.27 -39.19 10.16
CA ASP D 257 -54.09 -39.97 10.41
C ASP D 257 -53.33 -39.56 11.66
N ALA D 258 -53.23 -38.27 11.86
CA ALA D 258 -52.61 -37.70 13.06
C ALA D 258 -53.29 -38.12 14.33
N LEU D 259 -54.62 -38.17 14.31
CA LEU D 259 -55.43 -38.56 15.46
C LEU D 259 -55.29 -40.07 15.72
N VAL D 260 -55.16 -40.87 14.66
CA VAL D 260 -54.94 -42.29 14.81
C VAL D 260 -53.59 -42.49 15.49
N ALA D 261 -52.56 -41.77 15.04
CA ALA D 261 -51.22 -41.96 15.59
C ALA D 261 -51.14 -41.33 16.99
N ASP D 262 -51.89 -40.27 17.25
CA ASP D 262 -51.69 -39.54 18.52
C ASP D 262 -52.95 -39.01 19.23
N VAL D 263 -53.32 -39.70 20.30
CA VAL D 263 -54.62 -39.49 20.94
C VAL D 263 -54.66 -38.19 21.74
N ASP D 264 -53.49 -37.59 22.01
CA ASP D 264 -53.38 -36.28 22.67
C ASP D 264 -53.98 -35.18 21.82
N LEU D 265 -54.08 -35.39 20.50
CA LEU D 265 -54.68 -34.42 19.57
C LEU D 265 -56.21 -34.39 19.69
N LEU D 266 -56.79 -35.37 20.37
CA LEU D 266 -58.24 -35.50 20.36
C LEU D 266 -59.06 -34.35 21.05
N PRO D 267 -58.62 -33.86 22.23
CA PRO D 267 -59.41 -32.75 22.86
C PRO D 267 -59.53 -31.55 21.91
N GLY D 268 -58.41 -31.18 21.24
CA GLY D 268 -58.44 -30.09 20.24
C GLY D 268 -59.39 -30.38 19.05
N ALA D 269 -59.42 -31.65 18.57
CA ALA D 269 -60.26 -32.08 17.46
C ALA D 269 -61.76 -31.97 17.84
N ILE D 270 -62.07 -32.32 19.09
CA ILE D 270 -63.43 -32.29 19.61
C ILE D 270 -63.93 -30.83 19.60
N GLU D 271 -63.08 -29.90 20.04
CA GLU D 271 -63.46 -28.48 19.96
C GLU D 271 -63.72 -28.03 18.51
N GLU D 272 -62.80 -28.33 17.56
CA GLU D 272 -63.12 -28.05 16.14
C GLU D 272 -64.41 -28.76 15.63
N MET D 273 -64.61 -30.04 16.02
CA MET D 273 -65.89 -30.70 15.69
C MET D 273 -67.12 -29.93 16.17
N LEU D 274 -67.05 -29.44 17.38
CA LEU D 274 -68.18 -28.64 17.97
C LEU D 274 -68.37 -27.31 17.22
N ARG D 275 -67.25 -26.61 16.94
CA ARG D 275 -67.36 -25.29 16.23
C ARG D 275 -67.99 -25.58 14.85
N TRP D 276 -67.44 -26.57 14.16
CA TRP D 276 -67.82 -26.81 12.77
C TRP D 276 -69.30 -27.21 12.69
N THR D 277 -69.74 -28.07 13.59
CA THR D 277 -71.10 -28.62 13.45
C THR D 277 -72.17 -27.72 14.00
N SER D 278 -71.84 -26.97 15.05
CA SER D 278 -72.82 -25.98 15.63
C SER D 278 -74.25 -26.51 15.59
N PRO D 279 -74.50 -27.63 16.27
CA PRO D 279 -75.82 -28.37 16.04
C PRO D 279 -77.04 -27.50 16.44
N VAL D 280 -76.88 -26.69 17.48
CA VAL D 280 -77.90 -25.71 17.83
C VAL D 280 -77.67 -24.46 16.89
N LYS D 281 -78.53 -24.30 15.94
CA LYS D 281 -78.47 -23.23 14.92
C LYS D 281 -78.86 -21.88 15.45
N ASN D 282 -79.77 -21.84 16.43
CA ASN D 282 -80.14 -20.57 17.03
C ASN D 282 -80.86 -20.77 18.39
N MET D 283 -80.84 -19.73 19.22
CA MET D 283 -81.70 -19.63 20.41
C MET D 283 -82.17 -18.19 20.35
N CYS D 284 -83.43 -17.95 20.72
CA CYS D 284 -84.04 -16.62 20.73
C CYS D 284 -83.88 -15.91 22.08
N ARG D 285 -84.03 -14.61 21.99
CA ARG D 285 -84.12 -13.73 23.13
C ARG D 285 -85.17 -12.72 22.84
N THR D 286 -85.85 -12.23 23.87
CA THR D 286 -86.84 -11.20 23.73
C THR D 286 -86.27 -9.87 24.21
N LEU D 287 -86.42 -8.83 23.42
CA LEU D 287 -86.00 -7.44 23.81
C LEU D 287 -86.86 -6.94 24.93
N THR D 288 -86.23 -6.44 25.99
CA THR D 288 -86.96 -5.81 27.09
C THR D 288 -87.08 -4.27 26.96
N ALA D 289 -86.35 -3.69 25.98
CA ALA D 289 -86.40 -2.28 25.65
C ALA D 289 -86.06 -2.05 24.16
N ASP D 290 -86.43 -0.89 23.60
CA ASP D 290 -85.94 -0.53 22.30
C ASP D 290 -84.40 -0.36 22.37
N THR D 291 -83.66 -0.77 21.38
CA THR D 291 -82.26 -0.46 21.39
C THR D 291 -81.76 -0.45 19.92
N VAL D 292 -80.67 0.24 19.64
CA VAL D 292 -80.03 0.07 18.34
C VAL D 292 -78.85 -0.83 18.52
N PHE D 293 -78.86 -1.95 17.83
CA PHE D 293 -77.96 -3.02 18.13
C PHE D 293 -77.21 -3.40 16.90
N HIS D 294 -75.92 -3.10 16.93
CA HIS D 294 -74.98 -3.39 15.80
C HIS D 294 -75.63 -2.88 14.51
N GLY D 295 -76.13 -1.68 14.57
CA GLY D 295 -76.73 -1.05 13.41
C GLY D 295 -78.20 -1.33 13.10
N THR D 296 -78.89 -2.15 13.90
CA THR D 296 -80.29 -2.39 13.57
C THR D 296 -81.18 -1.93 14.72
N GLU D 297 -82.24 -1.20 14.39
CA GLU D 297 -83.21 -0.78 15.42
C GLU D 297 -84.05 -1.96 15.82
N LEU D 298 -84.07 -2.29 17.11
CA LEU D 298 -84.91 -3.34 17.66
C LEU D 298 -85.91 -2.72 18.63
N ARG D 299 -87.09 -3.34 18.71
CA ARG D 299 -88.14 -2.83 19.54
C ARG D 299 -88.40 -3.75 20.72
N ALA D 300 -88.79 -3.18 21.85
CA ALA D 300 -89.15 -3.97 23.04
C ALA D 300 -90.15 -5.05 22.59
N GLY D 301 -90.02 -6.26 23.09
CA GLY D 301 -91.08 -7.29 22.86
C GLY D 301 -90.82 -8.14 21.59
N GLU D 302 -89.90 -7.76 20.69
CA GLU D 302 -89.63 -8.66 19.55
C GLU D 302 -88.54 -9.65 19.95
N LYS D 303 -88.46 -10.77 19.22
CA LYS D 303 -87.42 -11.75 19.43
C LYS D 303 -86.30 -11.57 18.40
N ILE D 304 -85.09 -11.89 18.82
CA ILE D 304 -83.89 -11.93 17.95
C ILE D 304 -83.28 -13.34 18.05
N MET D 305 -82.82 -13.90 16.94
CA MET D 305 -82.30 -15.26 16.96
C MET D 305 -80.82 -15.13 17.10
N LEU D 306 -80.20 -15.80 18.06
CA LEU D 306 -78.72 -15.77 18.13
C LEU D 306 -78.23 -16.88 17.24
N MET D 307 -77.48 -16.57 16.18
CA MET D 307 -77.17 -17.56 15.18
C MET D 307 -75.79 -18.14 15.48
N PHE D 308 -75.78 -19.25 16.18
CA PHE D 308 -74.52 -19.73 16.69
C PHE D 308 -73.55 -20.18 15.63
N GLU D 309 -74.08 -20.76 14.56
CA GLU D 309 -73.21 -21.30 13.56
C GLU D 309 -72.55 -20.12 12.83
N SER D 310 -73.34 -19.13 12.52
CA SER D 310 -72.80 -17.93 11.88
C SER D 310 -71.68 -17.29 12.72
N ALA D 311 -71.93 -17.17 14.03
CA ALA D 311 -70.90 -16.67 14.99
C ALA D 311 -69.64 -17.56 14.95
N ASN D 312 -69.85 -18.89 14.87
CA ASN D 312 -68.75 -19.82 14.83
C ASN D 312 -67.95 -19.83 13.50
N PHE D 313 -68.46 -19.14 12.47
CA PHE D 313 -67.76 -18.95 11.18
C PHE D 313 -67.37 -17.48 10.93
N ASP D 314 -67.28 -16.71 12.03
CA ASP D 314 -67.01 -15.28 11.95
C ASP D 314 -65.50 -15.14 11.75
N GLU D 315 -65.10 -14.74 10.55
CA GLU D 315 -63.67 -14.62 10.24
C GLU D 315 -62.93 -13.62 11.10
N SER D 316 -63.67 -12.59 11.53
CA SER D 316 -63.02 -11.57 12.34
C SER D 316 -62.53 -12.18 13.66
N VAL D 317 -63.12 -13.26 14.12
CA VAL D 317 -62.71 -13.90 15.39
C VAL D 317 -61.78 -15.10 15.13
N PHE D 318 -62.14 -15.97 14.19
CA PHE D 318 -61.42 -17.20 13.94
C PHE D 318 -60.31 -17.10 12.87
N GLY D 319 -60.32 -16.09 11.98
CA GLY D 319 -59.26 -15.98 10.98
C GLY D 319 -59.67 -16.83 9.73
N ASP D 320 -59.46 -18.14 9.84
CA ASP D 320 -59.79 -19.04 8.74
C ASP D 320 -60.88 -20.10 9.10
N PRO D 321 -62.08 -19.65 9.52
CA PRO D 321 -63.02 -20.67 10.03
C PRO D 321 -63.49 -21.68 8.94
N ASP D 322 -63.42 -21.29 7.66
CA ASP D 322 -63.89 -22.20 6.60
C ASP D 322 -62.91 -23.37 6.39
N ASN D 323 -61.74 -23.33 7.02
CA ASN D 323 -60.79 -24.45 6.96
C ASN D 323 -61.06 -25.27 8.23
N PHE D 324 -61.39 -26.54 8.10
CA PHE D 324 -61.60 -27.39 9.27
C PHE D 324 -60.19 -27.77 9.77
N ARG D 325 -59.86 -27.41 11.02
CA ARG D 325 -58.54 -27.63 11.61
C ARG D 325 -58.61 -28.17 13.06
N ILE D 326 -58.16 -29.41 13.24
CA ILE D 326 -58.13 -29.97 14.57
C ILE D 326 -57.09 -29.26 15.48
N ASP D 327 -56.14 -28.57 14.88
CA ASP D 327 -55.10 -27.87 15.63
C ASP D 327 -55.47 -26.37 15.96
N ARG D 328 -56.69 -26.00 15.65
CA ARG D 328 -57.16 -24.66 15.91
C ARG D 328 -57.01 -24.33 17.40
N ASN D 329 -56.27 -23.26 17.66
CA ASN D 329 -55.95 -22.90 19.03
C ASN D 329 -55.60 -21.44 19.07
N PRO D 330 -56.31 -20.62 19.87
CA PRO D 330 -57.50 -20.97 20.68
C PRO D 330 -58.71 -21.28 19.82
N ASN D 331 -59.79 -21.72 20.45
CA ASN D 331 -60.95 -22.08 19.71
C ASN D 331 -62.18 -21.73 20.56
N SER D 332 -62.44 -20.44 20.73
CA SER D 332 -63.54 -19.98 21.63
C SER D 332 -64.86 -20.00 20.96
N HIS D 333 -65.22 -21.15 20.46
CA HIS D 333 -66.49 -21.27 19.76
C HIS D 333 -67.67 -21.10 20.72
N VAL D 334 -68.85 -20.86 20.17
CA VAL D 334 -70.05 -20.72 20.96
C VAL D 334 -71.05 -21.82 20.64
N ALA D 335 -70.58 -23.04 20.33
CA ALA D 335 -71.54 -24.10 20.04
C ALA D 335 -72.52 -24.40 21.25
N PHE D 336 -71.99 -24.16 22.46
CA PHE D 336 -72.69 -24.40 23.77
C PHE D 336 -73.25 -23.04 24.28
N GLY D 337 -73.22 -22.02 23.44
CA GLY D 337 -73.69 -20.68 23.83
C GLY D 337 -72.57 -20.02 24.61
N PHE D 338 -72.96 -19.13 25.51
CA PHE D 338 -72.03 -18.29 26.30
C PHE D 338 -72.83 -17.65 27.45
N GLY D 339 -72.28 -17.55 28.65
CA GLY D 339 -72.87 -16.67 29.65
C GLY D 339 -73.70 -17.49 30.62
N THR D 340 -74.73 -16.86 31.19
CA THR D 340 -75.45 -17.54 32.25
C THR D 340 -76.10 -18.88 31.80
N HIS D 341 -76.58 -18.99 30.55
CA HIS D 341 -77.22 -20.20 30.06
C HIS D 341 -76.24 -21.17 29.37
N PHE D 342 -74.95 -20.92 29.46
CA PHE D 342 -73.92 -21.76 28.80
C PHE D 342 -74.21 -23.23 29.09
N CYS D 343 -74.27 -24.04 28.04
CA CYS D 343 -74.78 -25.45 28.12
C CYS D 343 -74.43 -26.18 29.41
N LEU D 344 -75.45 -26.56 30.16
CA LEU D 344 -75.19 -27.31 31.40
C LEU D 344 -74.59 -28.70 31.16
N GLY D 345 -74.91 -29.28 30.01
CA GLY D 345 -74.41 -30.60 29.62
C GLY D 345 -73.06 -30.61 28.92
N ASN D 346 -72.37 -29.48 28.89
CA ASN D 346 -71.22 -29.35 27.98
C ASN D 346 -70.11 -30.33 28.28
N GLN D 347 -69.85 -30.57 29.58
N GLN D 347 -69.84 -30.58 29.56
CA GLN D 347 -68.78 -31.52 29.98
CA GLN D 347 -68.76 -31.50 29.89
C GLN D 347 -69.15 -32.98 29.62
C GLN D 347 -69.15 -32.98 29.60
N LEU D 348 -70.41 -33.33 29.88
CA LEU D 348 -70.93 -34.63 29.49
C LEU D 348 -70.91 -34.79 27.98
N ALA D 349 -71.40 -33.80 27.23
CA ALA D 349 -71.30 -33.87 25.75
C ALA D 349 -69.83 -34.09 25.28
N ARG D 350 -68.89 -33.33 25.85
CA ARG D 350 -67.49 -33.49 25.50
C ARG D 350 -66.97 -34.88 25.82
N LEU D 351 -67.38 -35.41 26.97
CA LEU D 351 -66.95 -36.73 27.37
C LEU D 351 -67.49 -37.79 26.38
N GLU D 352 -68.77 -37.72 26.03
CA GLU D 352 -69.35 -38.68 25.04
C GLU D 352 -68.58 -38.63 23.67
N LEU D 353 -68.34 -37.42 23.16
CA LEU D 353 -67.60 -37.25 21.91
C LEU D 353 -66.22 -37.78 22.01
N ARG D 354 -65.54 -37.52 23.13
CA ARG D 354 -64.22 -37.97 23.30
C ARG D 354 -64.10 -39.54 23.44
N LEU D 355 -64.93 -40.14 24.28
CA LEU D 355 -64.88 -41.60 24.47
C LEU D 355 -65.27 -42.27 23.18
N MET D 356 -66.32 -41.85 22.52
CA MET D 356 -66.67 -42.55 21.28
C MET D 356 -65.58 -42.37 20.18
N THR D 357 -65.15 -41.14 19.94
CA THR D 357 -64.17 -40.87 18.84
C THR D 357 -62.88 -41.61 19.15
N GLU D 358 -62.49 -41.67 20.41
CA GLU D 358 -61.26 -42.44 20.71
C GLU D 358 -61.37 -43.93 20.24
N ARG D 359 -62.53 -44.52 20.48
CA ARG D 359 -62.74 -45.92 20.12
C ARG D 359 -62.93 -46.11 18.60
N VAL D 360 -63.64 -45.18 17.96
CA VAL D 360 -63.78 -45.13 16.51
C VAL D 360 -62.36 -45.12 15.83
N LEU D 361 -61.50 -44.21 16.28
CA LEU D 361 -60.09 -44.12 15.81
C LEU D 361 -59.29 -45.43 16.01
N ARG D 362 -59.44 -46.03 17.19
CA ARG D 362 -58.65 -47.23 17.47
C ARG D 362 -59.22 -48.46 16.74
N ARG D 363 -60.55 -48.61 16.71
CA ARG D 363 -61.16 -49.87 16.26
C ARG D 363 -61.50 -49.83 14.77
N LEU D 364 -61.69 -48.64 14.24
CA LEU D 364 -62.00 -48.45 12.82
C LEU D 364 -60.98 -47.50 12.17
N PRO D 365 -59.67 -47.84 12.24
CA PRO D 365 -58.61 -46.88 11.88
C PRO D 365 -58.53 -46.48 10.39
N ASP D 366 -59.10 -47.31 9.49
CA ASP D 366 -59.16 -46.92 8.06
C ASP D 366 -60.60 -46.48 7.64
N LEU D 367 -61.42 -46.04 8.61
CA LEU D 367 -62.72 -45.51 8.31
C LEU D 367 -62.75 -44.44 7.21
N ARG D 368 -63.75 -44.53 6.32
CA ARG D 368 -63.93 -43.60 5.23
C ARG D 368 -65.39 -43.43 4.90
N LEU D 369 -65.72 -42.27 4.36
CA LEU D 369 -67.05 -42.05 3.79
C LEU D 369 -67.26 -43.08 2.69
N ALA D 370 -68.46 -43.65 2.56
CA ALA D 370 -68.72 -44.61 1.48
C ALA D 370 -68.62 -43.87 0.14
N ASP D 371 -69.04 -42.60 0.05
CA ASP D 371 -68.48 -41.75 -1.04
C ASP D 371 -68.48 -40.26 -0.70
N ASP D 372 -67.80 -39.43 -1.48
CA ASP D 372 -67.51 -38.04 -1.04
C ASP D 372 -68.61 -37.02 -1.26
N ALA D 373 -69.74 -37.42 -1.85
CA ALA D 373 -70.88 -36.49 -2.04
C ALA D 373 -71.32 -35.87 -0.70
N PRO D 374 -72.00 -34.70 -0.74
CA PRO D 374 -72.40 -34.16 0.52
C PRO D 374 -73.32 -35.06 1.31
N VAL D 375 -73.18 -35.00 2.61
CA VAL D 375 -73.98 -35.76 3.56
C VAL D 375 -75.33 -35.01 3.73
N PRO D 376 -76.49 -35.69 3.56
CA PRO D 376 -77.79 -35.01 3.72
C PRO D 376 -77.97 -34.54 5.16
N LEU D 377 -78.45 -33.30 5.29
CA LEU D 377 -78.70 -32.67 6.56
C LEU D 377 -80.22 -32.60 6.85
N ARG D 378 -80.52 -32.63 8.12
CA ARG D 378 -81.93 -32.68 8.55
C ARG D 378 -82.59 -31.30 8.47
N PRO D 379 -83.66 -31.16 7.70
CA PRO D 379 -84.31 -29.83 7.61
C PRO D 379 -85.07 -29.54 8.93
N ALA D 380 -84.52 -28.68 9.78
CA ALA D 380 -85.13 -28.31 11.02
C ALA D 380 -84.56 -26.93 11.35
N ASN D 381 -85.33 -26.07 12.04
CA ASN D 381 -84.86 -24.68 12.24
C ASN D 381 -84.14 -24.49 13.56
N PHE D 382 -83.94 -25.58 14.30
CA PHE D 382 -83.49 -25.46 15.68
C PHE D 382 -82.21 -26.21 15.93
N VAL D 383 -82.31 -27.53 15.87
CA VAL D 383 -81.19 -28.44 16.05
C VAL D 383 -81.06 -29.30 14.76
N SER D 384 -79.88 -29.30 14.11
CA SER D 384 -79.77 -30.00 12.81
C SER D 384 -78.36 -30.48 12.57
N GLY D 385 -78.28 -31.55 11.76
CA GLY D 385 -76.97 -32.17 11.47
C GLY D 385 -77.32 -33.29 10.54
N PRO D 386 -76.34 -34.21 10.30
CA PRO D 386 -76.55 -35.29 9.30
C PRO D 386 -77.76 -36.24 9.55
N GLU D 387 -78.54 -36.49 8.50
N GLU D 387 -78.56 -36.45 8.50
CA GLU D 387 -79.64 -37.47 8.53
CA GLU D 387 -79.63 -37.49 8.50
C GLU D 387 -79.17 -38.91 8.25
C GLU D 387 -78.99 -38.87 8.47
N SER D 388 -78.04 -39.05 7.56
CA SER D 388 -77.42 -40.36 7.36
C SER D 388 -76.01 -40.19 6.86
N MET D 389 -75.18 -41.21 7.07
CA MET D 389 -73.74 -41.13 6.68
C MET D 389 -73.16 -42.52 6.49
N PRO D 390 -73.40 -43.11 5.34
CA PRO D 390 -72.76 -44.42 5.02
C PRO D 390 -71.22 -44.37 5.13
N VAL D 391 -70.63 -45.33 5.83
CA VAL D 391 -69.17 -45.35 5.99
C VAL D 391 -68.66 -46.76 5.69
N VAL D 392 -67.36 -46.90 5.41
CA VAL D 392 -66.77 -48.19 5.23
C VAL D 392 -65.47 -48.28 6.02
N PHE D 393 -65.01 -49.51 6.28
CA PHE D 393 -63.81 -49.82 7.07
C PHE D 393 -63.44 -51.29 6.92
N THR D 394 -62.20 -51.65 7.24
CA THR D 394 -61.80 -53.05 7.27
C THR D 394 -62.50 -53.67 8.48
N PRO D 395 -63.21 -54.82 8.27
CA PRO D 395 -63.92 -55.41 9.44
C PRO D 395 -62.93 -55.88 10.54
N SER D 396 -63.42 -56.01 11.76
CA SER D 396 -62.67 -56.54 12.91
C SER D 396 -63.63 -57.28 13.88
N ALA D 397 -63.05 -57.96 14.88
CA ALA D 397 -63.77 -58.80 15.82
C ALA D 397 -64.29 -58.02 17.02
N PRO D 398 -65.54 -58.29 17.44
CA PRO D 398 -66.12 -57.44 18.53
C PRO D 398 -65.36 -57.66 19.85
N VAL D 399 -65.43 -56.71 20.80
CA VAL D 399 -64.89 -57.01 22.18
C VAL D 399 -65.86 -57.85 23.03
N LEU D 400 -67.17 -57.58 22.91
CA LEU D 400 -68.21 -58.43 23.59
C LEU D 400 -67.80 -58.46 25.08
N ALA D 401 -67.54 -57.25 25.61
CA ALA D 401 -67.00 -57.07 26.97
C ALA D 401 -67.79 -57.80 28.11
N HIS D 402 -69.13 -57.80 28.00
CA HIS D 402 -70.00 -58.49 28.98
C HIS D 402 -69.74 -60.00 29.03
N HIS D 403 -68.91 -60.59 28.13
CA HIS D 403 -68.64 -62.07 28.16
C HIS D 403 -67.54 -62.49 29.17
N THR E 2 10.47 3.10 4.08
CA THR E 2 11.81 3.61 3.68
C THR E 2 12.09 3.16 2.25
N GLN E 3 11.36 3.70 1.28
CA GLN E 3 11.80 3.55 -0.09
C GLN E 3 13.18 4.23 -0.35
N MET E 4 13.92 3.64 -1.29
CA MET E 4 15.22 4.10 -1.70
C MET E 4 15.11 5.41 -2.46
N LEU E 5 16.13 6.23 -2.27
CA LEU E 5 16.23 7.53 -2.88
C LEU E 5 16.05 7.50 -4.35
N THR E 6 16.57 6.47 -5.01
CA THR E 6 16.56 6.43 -6.45
C THR E 6 15.39 5.60 -6.97
N ARG E 7 14.48 5.10 -6.10
CA ARG E 7 13.30 4.37 -6.67
C ARG E 7 12.49 5.32 -7.62
N PRO E 8 12.16 4.89 -8.84
CA PRO E 8 11.31 5.73 -9.71
C PRO E 8 9.94 5.98 -9.02
N ASP E 9 9.42 7.21 -9.13
CA ASP E 9 8.15 7.62 -8.54
C ASP E 9 7.28 7.80 -9.81
N VAL E 10 6.58 6.74 -10.21
CA VAL E 10 5.93 6.73 -11.49
C VAL E 10 4.51 6.15 -11.36
N ASP E 11 3.69 6.48 -12.36
CA ASP E 11 2.34 5.91 -12.52
C ASP E 11 2.32 5.24 -13.86
N LEU E 12 2.27 3.91 -13.89
CA LEU E 12 2.41 3.24 -15.16
C LEU E 12 1.15 3.28 -16.02
N VAL E 13 0.10 3.91 -15.49
CA VAL E 13 -1.14 4.10 -16.29
C VAL E 13 -1.07 5.54 -16.90
N ASN E 14 -0.01 6.28 -16.60
CA ASN E 14 0.12 7.66 -17.11
C ASN E 14 0.86 7.63 -18.46
N GLY E 15 0.19 8.07 -19.54
CA GLY E 15 0.71 7.99 -20.88
C GLY E 15 2.03 8.73 -21.01
N MET E 16 2.21 9.79 -20.23
CA MET E 16 3.47 10.56 -20.27
C MET E 16 4.72 9.72 -19.87
N PHE E 17 4.53 8.73 -19.02
CA PHE E 17 5.67 7.87 -18.64
C PHE E 17 6.29 7.18 -19.92
N TYR E 18 5.44 6.81 -20.89
CA TYR E 18 5.90 6.10 -22.08
C TYR E 18 6.40 7.03 -23.20
N ALA E 19 6.18 8.33 -23.03
CA ALA E 19 6.48 9.33 -24.09
C ALA E 19 7.63 10.25 -23.71
N ASP E 20 7.95 10.44 -22.44
CA ASP E 20 8.86 11.58 -22.11
C ASP E 20 10.35 11.17 -22.20
N GLY E 21 10.59 9.92 -22.57
CA GLY E 21 11.97 9.40 -22.69
C GLY E 21 12.62 8.91 -21.38
N GLY E 22 11.88 8.95 -20.25
CA GLY E 22 12.44 8.42 -18.95
C GLY E 22 12.16 6.92 -18.71
N ALA E 23 11.37 6.27 -19.60
CA ALA E 23 10.95 4.92 -19.34
C ALA E 23 12.10 3.92 -19.18
N ARG E 24 13.05 3.94 -20.13
CA ARG E 24 14.09 2.89 -20.12
C ARG E 24 14.98 3.00 -18.88
N GLU E 25 15.29 4.23 -18.44
CA GLU E 25 16.02 4.42 -17.22
C GLU E 25 15.23 3.82 -16.03
N ALA E 26 13.92 4.09 -16.00
CA ALA E 26 13.04 3.60 -14.95
C ALA E 26 13.08 2.05 -14.95
N TYR E 27 12.94 1.45 -16.14
CA TYR E 27 13.01 -0.02 -16.28
C TYR E 27 14.34 -0.59 -15.80
N ARG E 28 15.45 0.09 -16.11
CA ARG E 28 16.69 -0.42 -15.65
C ARG E 28 16.66 -0.55 -14.13
N TRP E 29 16.19 0.49 -13.44
CA TRP E 29 16.11 0.42 -11.97
C TRP E 29 15.23 -0.81 -11.51
N MET E 30 14.05 -0.95 -12.13
CA MET E 30 13.15 -2.05 -11.74
C MET E 30 13.72 -3.45 -11.95
N ARG E 31 14.27 -3.72 -13.15
CA ARG E 31 14.81 -5.06 -13.46
C ARG E 31 15.92 -5.37 -12.42
N ALA E 32 16.68 -4.36 -12.03
CA ALA E 32 17.84 -4.54 -11.17
C ALA E 32 17.46 -4.61 -9.69
N ASN E 33 16.39 -3.94 -9.27
CA ASN E 33 16.14 -3.75 -7.83
C ASN E 33 14.80 -4.30 -7.33
N GLU E 34 13.83 -4.43 -8.24
CA GLU E 34 12.48 -4.95 -7.86
C GLU E 34 11.79 -5.38 -9.15
N PRO E 35 12.16 -6.58 -9.63
CA PRO E 35 11.81 -7.07 -10.94
C PRO E 35 10.27 -7.10 -11.13
N VAL E 36 9.52 -7.41 -10.09
CA VAL E 36 8.06 -7.19 -10.21
C VAL E 36 7.75 -5.95 -9.39
N PHE E 37 7.62 -4.82 -10.07
CA PHE E 37 7.65 -3.51 -9.41
C PHE E 37 6.24 -3.05 -9.07
N ARG E 38 6.03 -2.37 -7.95
CA ARG E 38 4.70 -1.74 -7.73
C ARG E 38 4.89 -0.21 -7.90
N ASP E 39 4.07 0.40 -8.78
CA ASP E 39 4.16 1.83 -9.02
C ASP E 39 3.57 2.63 -7.85
N ARG E 40 3.50 3.96 -7.98
CA ARG E 40 3.09 4.74 -6.83
C ARG E 40 1.65 4.46 -6.41
N ASN E 41 0.81 3.90 -7.26
CA ASN E 41 -0.55 3.49 -6.77
C ASN E 41 -0.71 1.99 -6.45
N GLY E 42 0.41 1.30 -6.35
CA GLY E 42 0.44 -0.11 -6.00
C GLY E 42 0.33 -1.05 -7.18
N LEU E 43 0.27 -0.52 -8.41
CA LEU E 43 -0.03 -1.40 -9.56
C LEU E 43 1.24 -2.25 -9.83
N ALA E 44 1.11 -3.58 -9.88
CA ALA E 44 2.28 -4.47 -10.15
C ALA E 44 2.65 -4.55 -11.62
N ALA E 45 3.96 -4.67 -11.94
CA ALA E 45 4.42 -4.77 -13.29
C ALA E 45 5.57 -5.75 -13.37
N ALA E 46 5.49 -6.70 -14.31
CA ALA E 46 6.55 -7.64 -14.55
C ALA E 46 7.56 -6.98 -15.54
N THR E 47 8.81 -6.77 -15.10
CA THR E 47 9.70 -5.94 -15.86
C THR E 47 10.87 -6.67 -16.48
N THR E 48 11.12 -7.88 -16.00
CA THR E 48 12.23 -8.64 -16.56
C THR E 48 11.66 -9.57 -17.59
N TYR E 49 12.52 -9.93 -18.54
CA TYR E 49 12.13 -10.89 -19.56
C TYR E 49 11.69 -12.18 -18.88
N GLN E 50 12.45 -12.63 -17.86
CA GLN E 50 12.06 -13.86 -17.21
C GLN E 50 10.65 -13.76 -16.55
N ALA E 51 10.37 -12.66 -15.87
CA ALA E 51 9.05 -12.56 -15.23
C ALA E 51 7.94 -12.50 -16.34
N VAL E 52 8.18 -11.79 -17.45
CA VAL E 52 7.13 -11.69 -18.51
C VAL E 52 6.88 -13.10 -19.07
N LEU E 53 7.94 -13.79 -19.40
CA LEU E 53 7.81 -15.15 -19.94
C LEU E 53 7.13 -16.12 -18.95
N ASP E 54 7.59 -16.15 -17.69
CA ASP E 54 6.88 -16.98 -16.68
C ASP E 54 5.37 -16.68 -16.66
N ALA E 55 4.97 -15.40 -16.68
CA ALA E 55 3.54 -15.07 -16.62
C ALA E 55 2.82 -15.55 -17.87
N GLU E 56 3.48 -15.33 -19.02
CA GLU E 56 2.97 -15.74 -20.32
C GLU E 56 2.74 -17.22 -20.41
N ARG E 57 3.69 -17.99 -19.87
CA ARG E 57 3.57 -19.45 -19.88
C ARG E 57 2.58 -20.01 -18.85
N ASN E 58 2.09 -19.17 -17.95
CA ASN E 58 1.23 -19.66 -16.85
C ASN E 58 -0.12 -18.97 -16.79
N PRO E 59 -0.86 -19.01 -17.91
CA PRO E 59 -2.18 -18.33 -17.88
C PRO E 59 -3.16 -18.91 -16.86
N GLU E 60 -2.97 -20.17 -16.38
CA GLU E 60 -3.85 -20.70 -15.31
C GLU E 60 -3.79 -19.72 -14.07
N LEU E 61 -2.59 -19.20 -13.83
CA LEU E 61 -2.33 -18.25 -12.76
C LEU E 61 -2.47 -16.78 -13.19
N PHE E 62 -2.04 -16.46 -14.42
CA PHE E 62 -2.10 -15.09 -14.96
C PHE E 62 -3.13 -15.01 -16.09
N SER E 63 -4.37 -14.76 -15.70
CA SER E 63 -5.54 -14.94 -16.60
C SER E 63 -5.72 -13.69 -17.49
N SER E 64 -6.20 -13.89 -18.72
CA SER E 64 -6.64 -12.77 -19.57
C SER E 64 -8.12 -12.32 -19.50
N THR E 65 -8.93 -13.06 -18.74
CA THR E 65 -10.38 -12.83 -18.73
C THR E 65 -10.83 -11.64 -17.93
N GLY E 66 -9.96 -11.10 -17.12
CA GLY E 66 -10.26 -9.79 -16.49
C GLY E 66 -10.07 -8.56 -17.44
N GLY E 67 -9.61 -8.79 -18.67
CA GLY E 67 -9.25 -7.70 -19.58
C GLY E 67 -7.74 -7.45 -19.58
N ILE E 68 -7.21 -7.00 -20.69
CA ILE E 68 -5.74 -6.79 -20.84
C ILE E 68 -5.28 -5.34 -20.60
N ARG E 69 -6.21 -4.51 -20.16
CA ARG E 69 -5.95 -3.09 -19.72
C ARG E 69 -6.19 -2.95 -18.21
N PRO E 70 -5.50 -1.97 -17.58
CA PRO E 70 -5.45 -2.01 -16.15
C PRO E 70 -6.74 -1.50 -15.48
N ASP E 71 -7.54 -0.73 -16.17
CA ASP E 71 -8.65 -0.13 -15.47
C ASP E 71 -9.93 -0.44 -16.20
N GLN E 72 -9.98 -1.53 -16.97
CA GLN E 72 -11.22 -1.87 -17.72
C GLN E 72 -11.43 -3.37 -17.62
N PRO E 73 -12.70 -3.81 -17.64
CA PRO E 73 -12.97 -5.25 -17.73
C PRO E 73 -12.73 -5.79 -19.14
N GLY E 74 -12.84 -7.10 -19.26
CA GLY E 74 -12.67 -7.85 -20.48
C GLY E 74 -13.81 -7.62 -21.48
N MET E 75 -13.47 -7.71 -22.75
CA MET E 75 -14.46 -7.61 -23.82
C MET E 75 -14.64 -9.02 -24.41
N PRO E 76 -15.72 -9.19 -25.18
CA PRO E 76 -15.92 -10.52 -25.74
C PRO E 76 -15.13 -10.84 -27.01
N TYR E 77 -13.82 -10.74 -26.97
CA TYR E 77 -13.04 -11.19 -28.14
C TYR E 77 -11.81 -11.89 -27.64
N MET E 78 -11.01 -12.48 -28.52
CA MET E 78 -10.13 -13.57 -28.13
C MET E 78 -9.04 -13.12 -27.12
N ILE E 79 -8.63 -11.86 -27.15
CA ILE E 79 -7.49 -11.48 -26.34
C ILE E 79 -7.89 -11.42 -24.85
N ASP E 80 -9.20 -11.27 -24.57
CA ASP E 80 -9.70 -11.28 -23.18
C ASP E 80 -10.30 -12.66 -22.77
N MET E 81 -9.77 -13.71 -23.37
CA MET E 81 -10.26 -15.08 -23.10
C MET E 81 -9.08 -15.96 -22.72
N ASP E 82 -9.39 -17.03 -21.98
CA ASP E 82 -8.40 -18.06 -21.60
C ASP E 82 -8.74 -19.32 -22.41
N ASP E 83 -7.75 -20.16 -22.70
CA ASP E 83 -8.03 -21.56 -23.11
C ASP E 83 -8.91 -22.29 -22.10
N PRO E 84 -9.85 -23.15 -22.57
CA PRO E 84 -10.02 -23.61 -23.95
C PRO E 84 -10.84 -22.68 -24.89
N GLN E 85 -11.59 -21.74 -24.31
N GLN E 85 -11.61 -21.74 -24.33
CA GLN E 85 -12.41 -20.76 -25.08
CA GLN E 85 -12.43 -20.84 -25.18
C GLN E 85 -11.57 -19.99 -26.11
C GLN E 85 -11.56 -20.01 -26.15
N HIS E 86 -10.44 -19.50 -25.64
CA HIS E 86 -9.56 -18.71 -26.44
C HIS E 86 -9.08 -19.50 -27.64
N LEU E 87 -8.66 -20.76 -27.42
CA LEU E 87 -8.02 -21.54 -28.46
C LEU E 87 -9.01 -21.80 -29.58
N LEU E 88 -10.25 -22.13 -29.23
CA LEU E 88 -11.25 -22.32 -30.27
C LEU E 88 -11.45 -21.01 -31.08
N ARG E 89 -11.59 -19.88 -30.38
CA ARG E 89 -11.87 -18.63 -31.09
C ARG E 89 -10.68 -18.28 -31.99
N ARG E 90 -9.49 -18.43 -31.44
CA ARG E 90 -8.27 -18.22 -32.20
C ARG E 90 -8.17 -19.10 -33.42
N LYS E 91 -8.44 -20.41 -33.28
CA LYS E 91 -8.44 -21.30 -34.42
C LYS E 91 -9.45 -20.85 -35.50
N LEU E 92 -10.62 -20.37 -35.07
CA LEU E 92 -11.65 -19.93 -36.06
C LEU E 92 -11.15 -18.72 -36.87
N VAL E 93 -10.55 -17.78 -36.15
CA VAL E 93 -10.12 -16.54 -36.75
C VAL E 93 -8.82 -16.72 -37.53
N ASN E 94 -8.03 -17.74 -37.12
CA ASN E 94 -6.77 -18.08 -37.80
C ASN E 94 -6.95 -18.38 -39.29
N ALA E 95 -8.16 -18.76 -39.70
CA ALA E 95 -8.44 -18.99 -41.13
C ALA E 95 -8.08 -17.74 -41.99
N GLY E 96 -8.12 -16.55 -41.39
CA GLY E 96 -7.91 -15.29 -42.06
C GLY E 96 -6.42 -14.99 -42.13
N PHE E 97 -5.59 -15.75 -41.40
CA PHE E 97 -4.18 -15.45 -41.17
C PHE E 97 -3.27 -16.61 -41.47
N THR E 98 -3.69 -17.46 -42.37
CA THR E 98 -2.81 -18.58 -42.71
C THR E 98 -1.60 -18.03 -43.47
N ARG E 99 -0.53 -18.82 -43.54
CA ARG E 99 0.58 -18.44 -44.34
C ARG E 99 0.17 -18.17 -45.80
N LYS E 100 -0.76 -18.96 -46.36
CA LYS E 100 -1.18 -18.71 -47.75
C LYS E 100 -1.92 -17.35 -47.93
N ARG E 101 -2.87 -17.06 -47.05
CA ARG E 101 -3.55 -15.77 -47.13
C ARG E 101 -2.65 -14.53 -46.96
N VAL E 102 -1.66 -14.65 -46.10
CA VAL E 102 -0.73 -13.59 -45.86
C VAL E 102 0.19 -13.43 -47.09
N MET E 103 0.77 -14.53 -47.56
CA MET E 103 1.72 -14.47 -48.65
C MET E 103 1.03 -14.01 -49.93
N ASP E 104 -0.28 -14.28 -50.05
CA ASP E 104 -1.00 -13.85 -51.20
C ASP E 104 -1.27 -12.35 -51.26
N LYS E 105 -0.93 -11.59 -50.21
CA LYS E 105 -1.08 -10.12 -50.24
C LYS E 105 0.22 -9.40 -50.59
N VAL E 106 1.22 -10.16 -50.99
CA VAL E 106 2.51 -9.57 -51.36
C VAL E 106 2.32 -8.52 -52.43
N ASP E 107 1.64 -8.89 -53.54
CA ASP E 107 1.46 -7.93 -54.61
C ASP E 107 0.62 -6.72 -54.19
N SER E 108 -0.53 -6.93 -53.53
CA SER E 108 -1.37 -5.79 -53.19
C SER E 108 -0.69 -4.86 -52.19
N ILE E 109 0.05 -5.44 -51.23
CA ILE E 109 0.71 -4.62 -50.23
C ILE E 109 1.87 -3.86 -50.89
N GLY E 110 2.58 -4.53 -51.79
CA GLY E 110 3.68 -3.86 -52.51
C GLY E 110 3.15 -2.69 -53.26
N ARG E 111 2.02 -2.90 -53.91
CA ARG E 111 1.43 -1.85 -54.73
CA ARG E 111 1.35 -1.88 -54.72
C ARG E 111 1.04 -0.69 -53.81
N LEU E 112 0.49 -0.96 -52.63
CA LEU E 112 0.14 0.12 -51.73
C LEU E 112 1.35 0.94 -51.37
N CYS E 113 2.45 0.25 -50.99
CA CYS E 113 3.70 0.88 -50.63
C CYS E 113 4.18 1.82 -51.73
N ASP E 114 4.09 1.40 -53.01
CA ASP E 114 4.58 2.21 -54.12
C ASP E 114 3.77 3.45 -54.25
N THR E 115 2.45 3.32 -54.08
CA THR E 115 1.56 4.48 -54.15
C THR E 115 1.83 5.51 -53.08
N LEU E 116 2.09 5.09 -51.87
CA LEU E 116 2.40 6.03 -50.78
C LEU E 116 3.70 6.78 -50.99
N ILE E 117 4.73 6.03 -51.42
CA ILE E 117 6.03 6.62 -51.77
C ILE E 117 5.86 7.61 -52.94
N ASP E 118 4.94 7.29 -53.87
CA ASP E 118 4.70 8.13 -55.02
C ASP E 118 4.16 9.47 -54.59
N ALA E 119 3.39 9.47 -53.51
CA ALA E 119 2.80 10.73 -53.06
C ALA E 119 3.89 11.66 -52.43
N VAL E 120 5.08 11.12 -52.12
CA VAL E 120 6.10 12.03 -51.56
C VAL E 120 7.42 12.13 -52.30
N CYS E 121 7.71 11.25 -53.26
CA CYS E 121 9.10 11.11 -53.74
C CYS E 121 9.66 12.34 -54.54
N GLU E 122 8.79 13.15 -55.12
CA GLU E 122 9.18 14.30 -55.93
C GLU E 122 9.50 15.47 -55.02
N ARG E 123 9.02 15.43 -53.78
CA ARG E 123 9.16 16.57 -52.89
C ARG E 123 10.52 16.64 -52.17
N GLY E 124 11.18 15.50 -51.93
CA GLY E 124 12.47 15.53 -51.26
C GLY E 124 12.35 15.67 -49.75
N GLU E 125 11.12 15.60 -49.24
CA GLU E 125 10.89 15.61 -47.79
C GLU E 125 9.46 15.17 -47.55
N CYS E 126 9.22 14.66 -46.35
CA CYS E 126 7.84 14.37 -45.91
C CYS E 126 7.87 14.14 -44.41
N ASP E 127 6.71 13.99 -43.79
CA ASP E 127 6.67 13.51 -42.43
C ASP E 127 6.55 12.01 -42.51
N PHE E 128 7.54 11.26 -42.04
CA PHE E 128 7.50 9.80 -42.24
C PHE E 128 6.32 9.12 -41.58
N VAL E 129 5.92 9.62 -40.40
CA VAL E 129 4.73 9.09 -39.71
C VAL E 129 3.45 9.36 -40.50
N ARG E 130 3.18 10.65 -40.73
CA ARG E 130 1.93 11.07 -41.40
C ARG E 130 1.82 10.52 -42.83
N ASP E 131 2.90 10.57 -43.57
CA ASP E 131 2.83 10.25 -45.00
C ASP E 131 3.15 8.81 -45.38
N ILE E 132 3.81 8.03 -44.51
CA ILE E 132 4.23 6.67 -44.90
C ILE E 132 3.77 5.63 -43.87
N ALA E 133 4.19 5.79 -42.62
CA ALA E 133 3.95 4.80 -41.57
C ALA E 133 2.48 4.68 -41.19
N ALA E 134 1.79 5.81 -41.03
CA ALA E 134 0.40 5.78 -40.57
C ALA E 134 -0.53 5.24 -41.63
N PRO E 135 -0.35 5.64 -42.91
CA PRO E 135 -1.43 5.19 -43.84
C PRO E 135 -1.39 3.71 -44.19
N LEU E 136 -0.19 3.13 -44.24
CA LEU E 136 0.03 1.77 -44.73
C LEU E 136 -0.83 0.70 -43.96
N PRO E 137 -0.73 0.64 -42.59
CA PRO E 137 -1.40 -0.47 -41.88
C PRO E 137 -2.90 -0.36 -41.95
N MET E 138 -3.47 0.86 -42.01
CA MET E 138 -4.90 0.99 -42.10
C MET E 138 -5.40 0.57 -43.47
N ALA E 139 -4.66 0.96 -44.52
CA ALA E 139 -5.01 0.58 -45.92
C ALA E 139 -4.91 -0.94 -46.10
N VAL E 140 -3.88 -1.58 -45.54
CA VAL E 140 -3.81 -3.07 -45.60
C VAL E 140 -5.06 -3.71 -44.97
N ILE E 141 -5.41 -3.21 -43.78
CA ILE E 141 -6.64 -3.62 -43.09
C ILE E 141 -7.91 -3.38 -43.92
N GLY E 142 -8.10 -2.20 -44.51
CA GLY E 142 -9.35 -2.02 -45.28
C GLY E 142 -9.37 -2.96 -46.49
N ASP E 143 -8.23 -3.13 -47.15
CA ASP E 143 -8.16 -4.06 -48.30
C ASP E 143 -8.43 -5.49 -47.87
N MET E 144 -7.91 -5.87 -46.70
CA MET E 144 -8.20 -7.19 -46.11
C MET E 144 -9.68 -7.44 -45.85
N LEU E 145 -10.34 -6.39 -45.36
CA LEU E 145 -11.80 -6.47 -45.16
C LEU E 145 -12.65 -6.34 -46.39
N GLY E 146 -12.02 -5.97 -47.51
CA GLY E 146 -12.69 -5.85 -48.82
C GLY E 146 -13.60 -4.60 -48.88
N VAL E 147 -13.31 -3.58 -48.04
CA VAL E 147 -14.24 -2.42 -47.95
C VAL E 147 -13.68 -1.24 -48.76
N LEU E 148 -14.50 -0.24 -49.10
CA LEU E 148 -14.02 0.98 -49.75
C LEU E 148 -13.11 1.78 -48.80
N PRO E 149 -12.17 2.54 -49.36
CA PRO E 149 -11.37 3.46 -48.47
C PRO E 149 -12.24 4.34 -47.52
N THR E 150 -13.33 4.95 -48.02
CA THR E 150 -14.26 5.68 -47.14
C THR E 150 -14.79 4.83 -45.95
N GLU E 151 -15.14 3.57 -46.23
CA GLU E 151 -15.57 2.64 -45.18
C GLU E 151 -14.47 2.29 -44.23
N ARG E 152 -13.27 2.06 -44.76
CA ARG E 152 -12.13 1.84 -43.95
C ARG E 152 -11.95 3.00 -42.96
N ASP E 153 -11.92 4.22 -43.45
CA ASP E 153 -11.76 5.40 -42.60
C ASP E 153 -12.88 5.53 -41.50
N MET E 154 -14.12 5.30 -41.86
CA MET E 154 -15.20 5.20 -40.88
C MET E 154 -14.90 4.10 -39.80
N LEU E 155 -14.49 2.90 -40.21
CA LEU E 155 -14.25 1.80 -39.30
C LEU E 155 -13.12 2.16 -38.32
N LEU E 156 -12.08 2.79 -38.86
CA LEU E 156 -10.85 2.88 -38.10
C LEU E 156 -11.13 4.06 -37.10
N LYS E 157 -11.93 4.99 -37.51
CA LYS E 157 -12.37 6.01 -36.57
C LYS E 157 -13.28 5.53 -35.38
N TRP E 158 -14.42 4.92 -35.71
CA TRP E 158 -15.15 4.07 -34.74
C TRP E 158 -14.26 3.29 -33.79
N SER E 159 -13.32 2.49 -34.28
CA SER E 159 -12.50 1.70 -33.46
C SER E 159 -11.60 2.57 -32.53
N ASP E 160 -11.18 3.73 -32.98
CA ASP E 160 -10.50 4.70 -32.11
C ASP E 160 -11.44 5.24 -31.02
N ASP E 161 -12.63 5.71 -31.38
CA ASP E 161 -13.59 6.30 -30.45
C ASP E 161 -14.03 5.25 -29.45
N LEU E 162 -13.95 3.97 -29.84
CA LEU E 162 -14.32 2.89 -28.97
C LEU E 162 -13.20 2.68 -27.99
N VAL E 163 -11.96 2.59 -28.44
CA VAL E 163 -10.82 2.49 -27.52
C VAL E 163 -10.86 3.68 -26.49
N CYS E 164 -11.05 4.92 -26.96
CA CYS E 164 -11.03 6.11 -26.06
C CYS E 164 -12.21 6.13 -25.04
N GLY E 165 -13.43 5.81 -25.51
CA GLY E 165 -14.62 5.76 -24.62
C GLY E 165 -14.56 4.61 -23.58
N LEU E 166 -14.00 3.44 -23.94
CA LEU E 166 -13.88 2.29 -22.99
C LEU E 166 -13.01 2.78 -21.83
N SER E 167 -11.88 3.39 -22.24
CA SER E 167 -10.94 4.05 -21.32
C SER E 167 -11.40 5.37 -20.57
N SER E 168 -12.57 5.95 -20.96
CA SER E 168 -13.21 7.21 -20.46
C SER E 168 -14.76 7.03 -20.23
N HIS E 169 -15.07 6.27 -19.18
CA HIS E 169 -16.39 5.63 -18.93
C HIS E 169 -17.42 6.30 -17.99
N VAL E 170 -17.00 7.36 -17.27
CA VAL E 170 -17.72 7.78 -16.03
C VAL E 170 -19.01 8.56 -16.21
N ASP E 171 -19.02 9.68 -16.93
CA ASP E 171 -20.21 10.52 -16.91
C ASP E 171 -21.23 10.10 -18.00
N GLU E 172 -22.52 10.38 -17.75
CA GLU E 172 -23.67 10.00 -18.61
C GLU E 172 -23.48 10.19 -20.12
N ALA E 173 -22.96 11.36 -20.50
CA ALA E 173 -22.85 11.76 -21.89
C ALA E 173 -21.71 11.00 -22.55
N ALA E 174 -20.62 10.75 -21.81
CA ALA E 174 -19.53 9.94 -22.32
C ALA E 174 -19.96 8.48 -22.55
N ILE E 175 -20.87 7.98 -21.70
CA ILE E 175 -21.42 6.61 -21.81
C ILE E 175 -22.28 6.56 -23.07
N GLN E 176 -23.16 7.54 -23.19
CA GLN E 176 -23.98 7.64 -24.37
C GLN E 176 -23.20 7.75 -25.69
N LYS E 177 -22.07 8.47 -25.73
CA LYS E 177 -21.39 8.58 -27.02
C LYS E 177 -20.78 7.19 -27.36
N LEU E 178 -20.17 6.56 -26.37
CA LEU E 178 -19.65 5.21 -26.49
C LEU E 178 -20.72 4.22 -27.02
N MET E 179 -21.92 4.22 -26.44
CA MET E 179 -22.98 3.30 -26.90
C MET E 179 -23.43 3.69 -28.31
N ASP E 180 -23.55 4.99 -28.60
CA ASP E 180 -23.89 5.39 -29.98
C ASP E 180 -22.84 4.88 -31.01
N THR E 181 -21.57 4.91 -30.65
CA THR E 181 -20.52 4.52 -31.55
C THR E 181 -20.59 3.00 -31.78
N PHE E 182 -20.80 2.29 -30.67
CA PHE E 182 -20.77 0.87 -30.76
C PHE E 182 -21.97 0.43 -31.60
N ALA E 183 -23.10 1.09 -31.46
CA ALA E 183 -24.28 0.77 -32.26
C ALA E 183 -23.95 0.99 -33.77
N ALA E 184 -23.37 2.15 -34.09
CA ALA E 184 -23.07 2.48 -35.49
C ALA E 184 -22.06 1.48 -36.07
N TYR E 185 -21.03 1.16 -35.30
CA TYR E 185 -20.04 0.17 -35.72
C TYR E 185 -20.64 -1.22 -36.00
N THR E 186 -21.47 -1.69 -35.07
CA THR E 186 -22.10 -2.98 -35.15
C THR E 186 -23.01 -3.05 -36.30
N GLU E 187 -23.81 -2.00 -36.47
CA GLU E 187 -24.76 -1.99 -37.52
C GLU E 187 -24.08 -2.02 -38.92
N PHE E 188 -23.06 -1.24 -39.09
CA PHE E 188 -22.30 -1.27 -40.36
C PHE E 188 -21.71 -2.69 -40.60
N THR E 189 -21.09 -3.25 -39.57
CA THR E 189 -20.38 -4.52 -39.73
C THR E 189 -21.35 -5.68 -39.94
N LYS E 190 -22.51 -5.65 -39.28
CA LYS E 190 -23.47 -6.72 -39.44
C LYS E 190 -24.01 -6.61 -40.87
N ASP E 191 -24.21 -5.39 -41.39
CA ASP E 191 -24.71 -5.28 -42.74
C ASP E 191 -23.74 -5.94 -43.74
N VAL E 192 -22.45 -5.67 -43.64
CA VAL E 192 -21.44 -6.28 -44.53
C VAL E 192 -21.42 -7.81 -44.38
N ILE E 193 -21.41 -8.28 -43.12
CA ILE E 193 -21.47 -9.73 -42.86
C ILE E 193 -22.66 -10.40 -43.56
N THR E 194 -23.83 -9.78 -43.44
CA THR E 194 -25.03 -10.32 -44.03
C THR E 194 -24.84 -10.40 -45.55
N LYS E 195 -24.25 -9.38 -46.12
CA LYS E 195 -23.99 -9.42 -47.54
C LYS E 195 -23.04 -10.57 -47.96
N ARG E 196 -22.01 -10.80 -47.16
CA ARG E 196 -20.96 -11.77 -47.48
C ARG E 196 -21.49 -13.16 -47.33
N ARG E 197 -22.40 -13.40 -46.37
CA ARG E 197 -23.07 -14.66 -46.23
C ARG E 197 -23.86 -14.96 -47.50
N ALA E 198 -24.46 -13.92 -48.09
CA ALA E 198 -25.36 -14.09 -49.24
C ALA E 198 -24.50 -14.36 -50.49
N GLU E 199 -23.45 -13.57 -50.63
CA GLU E 199 -22.53 -13.73 -51.72
C GLU E 199 -21.08 -13.51 -51.35
N PRO E 200 -20.41 -14.63 -51.06
CA PRO E 200 -19.02 -14.69 -50.61
C PRO E 200 -18.13 -13.89 -51.52
N THR E 201 -17.10 -13.31 -50.97
CA THR E 201 -16.00 -12.85 -51.77
C THR E 201 -14.83 -13.59 -51.17
N ASP E 202 -13.63 -13.08 -51.40
CA ASP E 202 -12.44 -13.66 -50.82
C ASP E 202 -11.88 -12.84 -49.70
N ASP E 203 -12.64 -11.89 -49.19
CA ASP E 203 -12.07 -11.09 -48.09
C ASP E 203 -12.23 -11.73 -46.69
N LEU E 204 -11.65 -11.07 -45.67
CA LEU E 204 -11.67 -11.56 -44.34
C LEU E 204 -13.08 -11.80 -43.82
N PHE E 205 -14.02 -10.92 -44.11
CA PHE E 205 -15.36 -11.23 -43.65
C PHE E 205 -15.88 -12.59 -44.15
N SER E 206 -15.68 -12.87 -45.44
CA SER E 206 -16.11 -14.13 -46.03
C SER E 206 -15.36 -15.33 -45.43
N VAL E 207 -14.06 -15.18 -45.24
CA VAL E 207 -13.27 -16.24 -44.64
C VAL E 207 -13.77 -16.51 -43.19
N LEU E 208 -14.09 -15.48 -42.45
CA LEU E 208 -14.63 -15.71 -41.12
C LEU E 208 -16.00 -16.35 -41.12
N VAL E 209 -16.84 -16.00 -42.09
CA VAL E 209 -18.17 -16.62 -42.17
C VAL E 209 -17.97 -18.11 -42.46
N ASN E 210 -16.98 -18.44 -43.27
CA ASN E 210 -16.81 -19.83 -43.72
C ASN E 210 -15.96 -20.75 -42.81
N SER E 211 -15.24 -20.12 -41.92
CA SER E 211 -14.39 -20.82 -40.95
C SER E 211 -15.18 -21.82 -40.07
N GLU E 212 -14.63 -23.02 -39.90
CA GLU E 212 -15.25 -24.06 -39.14
C GLU E 212 -14.15 -24.89 -38.49
N VAL E 213 -14.29 -25.06 -37.18
CA VAL E 213 -13.29 -25.68 -36.30
C VAL E 213 -14.06 -26.59 -35.38
N GLU E 214 -13.66 -27.87 -35.35
CA GLU E 214 -14.26 -28.86 -34.45
C GLU E 214 -15.80 -28.79 -34.56
N GLY E 215 -16.35 -28.73 -35.76
CA GLY E 215 -17.80 -28.66 -35.90
C GLY E 215 -18.43 -27.30 -35.64
N GLN E 216 -17.66 -26.29 -35.21
CA GLN E 216 -18.26 -24.98 -34.91
C GLN E 216 -17.93 -23.87 -35.88
N ARG E 217 -18.85 -22.91 -35.99
N ARG E 217 -18.84 -22.90 -35.93
CA ARG E 217 -18.66 -21.70 -36.81
CA ARG E 217 -18.69 -21.72 -36.78
C ARG E 217 -19.03 -20.43 -36.04
C ARG E 217 -18.77 -20.46 -35.88
N MET E 218 -18.45 -19.31 -36.45
CA MET E 218 -18.62 -18.03 -35.75
C MET E 218 -20.00 -17.48 -36.05
N SER E 219 -20.64 -16.95 -35.00
CA SER E 219 -21.89 -16.17 -35.19
C SER E 219 -21.52 -14.76 -35.72
N ASP E 220 -22.52 -14.04 -36.22
CA ASP E 220 -22.29 -12.66 -36.65
C ASP E 220 -21.69 -11.79 -35.53
N ASP E 221 -22.25 -11.87 -34.31
CA ASP E 221 -21.80 -11.01 -33.20
C ASP E 221 -20.34 -11.29 -32.87
N GLU E 222 -19.95 -12.55 -32.99
CA GLU E 222 -18.51 -12.88 -32.79
C GLU E 222 -17.62 -12.31 -33.85
N ILE E 223 -18.06 -12.32 -35.11
CA ILE E 223 -17.25 -11.74 -36.14
C ILE E 223 -17.13 -10.23 -35.93
N VAL E 224 -18.22 -9.56 -35.52
CA VAL E 224 -18.20 -8.14 -35.19
C VAL E 224 -17.12 -7.85 -34.14
N PHE E 225 -17.10 -8.63 -33.07
CA PHE E 225 -16.08 -8.39 -32.04
C PHE E 225 -14.67 -8.72 -32.49
N GLU E 226 -14.50 -9.83 -33.22
CA GLU E 226 -13.13 -10.17 -33.64
C GLU E 226 -12.60 -9.18 -34.71
N THR E 227 -13.53 -8.65 -35.53
CA THR E 227 -13.15 -7.63 -36.49
C THR E 227 -12.70 -6.42 -35.71
N LEU E 228 -13.41 -6.09 -34.63
CA LEU E 228 -13.05 -4.91 -33.87
C LEU E 228 -11.65 -5.06 -33.28
N LEU E 229 -11.33 -6.27 -32.81
CA LEU E 229 -9.98 -6.50 -32.21
C LEU E 229 -8.93 -6.34 -33.23
N ILE E 230 -9.15 -6.85 -34.44
CA ILE E 230 -8.16 -6.71 -35.54
C ILE E 230 -8.05 -5.25 -35.97
N LEU E 231 -9.19 -4.51 -36.07
CA LEU E 231 -9.08 -3.04 -36.38
C LEU E 231 -8.15 -2.28 -35.41
N ILE E 232 -8.26 -2.67 -34.13
CA ILE E 232 -7.53 -1.97 -33.07
C ILE E 232 -6.11 -2.51 -33.04
N GLY E 233 -6.00 -3.81 -33.13
CA GLY E 233 -4.68 -4.49 -32.99
C GLY E 233 -3.68 -4.32 -34.13
N GLY E 234 -4.17 -4.08 -35.34
CA GLY E 234 -3.29 -4.17 -36.51
C GLY E 234 -2.79 -2.84 -37.08
N ASP E 235 -3.26 -1.75 -36.49
CA ASP E 235 -3.16 -0.44 -37.02
C ASP E 235 -1.94 0.29 -36.42
N GLU E 236 -2.11 0.95 -35.27
CA GLU E 236 -1.05 1.82 -34.73
C GLU E 236 0.20 1.05 -34.36
N THR E 237 0.06 -0.23 -33.94
CA THR E 237 1.26 -0.97 -33.57
C THR E 237 2.20 -1.04 -34.77
N THR E 238 1.68 -1.52 -35.92
CA THR E 238 2.55 -1.58 -37.15
C THR E 238 3.14 -0.23 -37.56
N ARG E 239 2.31 0.80 -37.43
CA ARG E 239 2.77 2.15 -37.68
C ARG E 239 4.06 2.46 -36.88
N HIS E 240 3.98 2.28 -35.57
CA HIS E 240 5.10 2.64 -34.66
C HIS E 240 6.33 1.86 -34.91
N THR E 241 6.19 0.60 -35.26
CA THR E 241 7.41 -0.13 -35.58
C THR E 241 8.02 0.40 -36.90
N LEU E 242 7.20 0.64 -37.91
CA LEU E 242 7.72 1.19 -39.12
C LEU E 242 8.40 2.57 -38.89
N SER E 243 7.76 3.50 -38.18
CA SER E 243 8.36 4.84 -38.03
C SER E 243 9.55 4.81 -37.01
N GLY E 244 9.36 4.17 -35.86
CA GLY E 244 10.41 4.13 -34.81
C GLY E 244 11.54 3.19 -35.28
N GLY E 245 11.18 2.17 -36.05
CA GLY E 245 12.23 1.25 -36.55
C GLY E 245 13.09 1.96 -37.60
N THR E 246 12.42 2.63 -38.54
CA THR E 246 13.13 3.37 -39.61
C THR E 246 13.99 4.47 -38.96
N GLU E 247 13.45 5.10 -37.93
CA GLU E 247 14.20 6.14 -37.23
C GLU E 247 15.62 5.62 -36.79
N GLN E 248 15.66 4.42 -36.20
CA GLN E 248 16.98 3.89 -35.78
C GLN E 248 17.86 3.52 -36.95
N LEU E 249 17.27 3.00 -38.04
CA LEU E 249 18.05 2.77 -39.26
C LEU E 249 18.72 4.07 -39.70
N LEU E 250 17.97 5.17 -39.62
CA LEU E 250 18.45 6.45 -40.12
C LEU E 250 19.53 7.03 -39.23
N ARG E 251 19.49 6.73 -37.92
CA ARG E 251 20.51 7.18 -37.00
C ARG E 251 21.73 6.26 -37.05
N HIS E 252 21.67 5.13 -37.75
CA HIS E 252 22.90 4.32 -37.75
C HIS E 252 23.36 4.13 -39.16
N ARG E 253 24.10 5.09 -39.70
CA ARG E 253 24.41 5.15 -41.13
C ARG E 253 25.08 3.93 -41.72
N ASP E 254 25.99 3.29 -41.00
CA ASP E 254 26.63 2.12 -41.52
C ASP E 254 25.64 0.94 -41.70
N GLN E 255 24.66 0.84 -40.83
CA GLN E 255 23.61 -0.19 -40.95
C GLN E 255 22.63 0.16 -42.08
N TRP E 256 22.18 1.43 -42.10
CA TRP E 256 21.42 1.94 -43.25
C TRP E 256 22.12 1.58 -44.55
N ASP E 257 23.41 1.94 -44.64
CA ASP E 257 24.14 1.67 -45.90
C ASP E 257 24.26 0.20 -46.24
N ALA E 258 24.44 -0.62 -45.22
CA ALA E 258 24.51 -2.06 -45.42
C ALA E 258 23.23 -2.63 -45.95
N LEU E 259 22.07 -2.15 -45.49
CA LEU E 259 20.76 -2.57 -46.00
C LEU E 259 20.47 -2.10 -47.42
N VAL E 260 20.82 -0.84 -47.72
CA VAL E 260 20.77 -0.30 -49.07
C VAL E 260 21.54 -1.26 -50.01
N ALA E 261 22.74 -1.67 -49.59
CA ALA E 261 23.61 -2.52 -50.43
C ALA E 261 23.15 -3.97 -50.47
N ASP E 262 22.42 -4.41 -49.43
CA ASP E 262 22.14 -5.84 -49.31
C ASP E 262 20.84 -6.19 -48.64
N VAL E 263 19.86 -6.58 -49.45
CA VAL E 263 18.49 -6.67 -49.00
C VAL E 263 18.27 -7.95 -48.16
N ASP E 264 19.21 -8.88 -48.22
CA ASP E 264 19.13 -10.08 -47.40
C ASP E 264 19.36 -9.77 -45.93
N LEU E 265 19.86 -8.57 -45.61
CA LEU E 265 20.00 -8.10 -44.24
C LEU E 265 18.65 -7.63 -43.65
N LEU E 266 17.62 -7.49 -44.47
CA LEU E 266 16.40 -6.92 -43.99
C LEU E 266 15.58 -7.74 -42.93
N PRO E 267 15.46 -9.08 -43.08
CA PRO E 267 14.67 -9.81 -42.04
C PRO E 267 15.22 -9.59 -40.59
N GLY E 268 16.56 -9.63 -40.43
CA GLY E 268 17.24 -9.33 -39.15
C GLY E 268 16.98 -7.89 -38.68
N ALA E 269 17.04 -6.92 -39.62
CA ALA E 269 16.73 -5.50 -39.33
C ALA E 269 15.32 -5.37 -38.77
N ILE E 270 14.36 -6.03 -39.42
CA ILE E 270 12.96 -5.97 -39.00
C ILE E 270 12.83 -6.50 -37.54
N GLU E 271 13.51 -7.61 -37.22
CA GLU E 271 13.41 -8.16 -35.91
C GLU E 271 13.99 -7.12 -34.89
N GLU E 272 15.18 -6.56 -35.17
CA GLU E 272 15.67 -5.47 -34.30
C GLU E 272 14.70 -4.24 -34.21
N MET E 273 14.06 -3.86 -35.33
CA MET E 273 13.08 -2.75 -35.32
C MET E 273 11.93 -3.08 -34.37
N LEU E 274 11.50 -4.32 -34.44
CA LEU E 274 10.41 -4.78 -33.50
C LEU E 274 10.85 -4.73 -32.04
N ARG E 275 12.03 -5.29 -31.74
CA ARG E 275 12.49 -5.27 -30.35
C ARG E 275 12.58 -3.85 -29.81
N TRP E 276 13.18 -2.99 -30.61
CA TRP E 276 13.57 -1.69 -30.23
C TRP E 276 12.32 -0.83 -29.98
N THR E 277 11.35 -0.93 -30.88
CA THR E 277 10.16 -0.08 -30.75
C THR E 277 9.12 -0.57 -29.73
N SER E 278 8.96 -1.88 -29.63
CA SER E 278 8.07 -2.49 -28.61
C SER E 278 6.78 -1.64 -28.48
N PRO E 279 6.05 -1.48 -29.57
CA PRO E 279 4.92 -0.50 -29.65
C PRO E 279 3.81 -0.80 -28.62
N VAL E 280 3.62 -2.09 -28.31
CA VAL E 280 2.72 -2.50 -27.23
C VAL E 280 3.56 -2.47 -25.94
N LYS E 281 3.27 -1.48 -25.16
CA LYS E 281 4.03 -1.20 -23.95
C LYS E 281 3.70 -2.12 -22.80
N ASN E 282 2.45 -2.64 -22.78
CA ASN E 282 2.10 -3.56 -21.73
C ASN E 282 0.76 -4.26 -22.08
N MET E 283 0.61 -5.48 -21.55
CA MET E 283 -0.70 -6.15 -21.48
C MET E 283 -0.89 -6.63 -20.07
N CYS E 284 -2.10 -6.53 -19.57
CA CYS E 284 -2.43 -6.99 -18.21
C CYS E 284 -2.84 -8.48 -18.11
N ARG E 285 -2.63 -9.01 -16.92
CA ARG E 285 -3.15 -10.33 -16.56
C ARG E 285 -3.73 -10.16 -15.20
N THR E 286 -4.74 -10.96 -14.87
CA THR E 286 -5.32 -10.95 -13.54
C THR E 286 -4.88 -12.20 -12.77
N LEU E 287 -4.49 -12.03 -11.52
CA LEU E 287 -4.07 -13.21 -10.66
C LEU E 287 -5.26 -14.05 -10.31
N THR E 288 -5.18 -15.35 -10.55
CA THR E 288 -6.25 -16.22 -10.12
C THR E 288 -6.00 -16.81 -8.72
N ALA E 289 -4.78 -16.62 -8.19
CA ALA E 289 -4.40 -17.09 -6.85
C ALA E 289 -3.36 -16.14 -6.25
N ASP E 290 -3.27 -16.08 -4.92
CA ASP E 290 -2.11 -15.43 -4.29
C ASP E 290 -0.82 -16.12 -4.73
N THR E 291 0.29 -15.41 -4.86
CA THR E 291 1.49 -16.10 -5.19
C THR E 291 2.67 -15.16 -4.91
N VAL E 292 3.83 -15.68 -4.63
CA VAL E 292 4.99 -14.79 -4.60
C VAL E 292 5.75 -14.94 -5.89
N PHE E 293 5.90 -13.83 -6.62
CA PHE E 293 6.34 -13.89 -7.99
C PHE E 293 7.58 -13.04 -8.14
N HIS E 294 8.72 -13.72 -8.37
CA HIS E 294 10.00 -13.04 -8.57
C HIS E 294 10.22 -12.01 -7.47
N GLY E 295 9.94 -12.37 -6.25
CA GLY E 295 10.24 -11.41 -5.22
C GLY E 295 9.04 -10.68 -4.62
N THR E 296 7.89 -10.61 -5.30
CA THR E 296 6.83 -9.74 -4.86
C THR E 296 5.60 -10.51 -4.55
N GLU E 297 4.96 -10.22 -3.43
CA GLU E 297 3.72 -10.91 -3.07
C GLU E 297 2.57 -10.37 -3.92
N LEU E 298 1.87 -11.24 -4.65
CA LEU E 298 0.72 -10.88 -5.43
C LEU E 298 -0.52 -11.54 -4.85
N ARG E 299 -1.66 -10.87 -5.00
CA ARG E 299 -2.88 -11.33 -4.43
C ARG E 299 -3.87 -11.70 -5.54
N ALA E 300 -4.69 -12.71 -5.26
CA ALA E 300 -5.73 -13.15 -6.20
C ALA E 300 -6.54 -11.90 -6.57
N GLY E 301 -6.91 -11.78 -7.84
CA GLY E 301 -7.79 -10.69 -8.33
C GLY E 301 -7.11 -9.36 -8.67
N GLU E 302 -5.81 -9.19 -8.39
CA GLU E 302 -5.16 -7.93 -8.83
C GLU E 302 -4.62 -8.12 -10.22
N LYS E 303 -4.39 -7.02 -10.94
CA LYS E 303 -3.77 -7.13 -12.23
C LYS E 303 -2.30 -6.89 -12.14
N ILE E 304 -1.58 -7.48 -13.07
CA ILE E 304 -0.15 -7.18 -13.20
C ILE E 304 0.06 -6.78 -14.67
N MET E 305 0.93 -5.81 -14.94
CA MET E 305 1.22 -5.41 -16.32
C MET E 305 2.46 -6.13 -16.79
N LEU E 306 2.41 -6.73 -17.96
CA LEU E 306 3.59 -7.34 -18.55
C LEU E 306 4.25 -6.27 -19.40
N MET E 307 5.42 -5.82 -18.99
CA MET E 307 6.03 -4.66 -19.63
C MET E 307 6.98 -5.12 -20.73
N PHE E 308 6.45 -5.22 -21.96
CA PHE E 308 7.18 -5.85 -23.04
C PHE E 308 8.41 -5.06 -23.46
N GLU E 309 8.36 -3.72 -23.38
CA GLU E 309 9.54 -2.99 -23.74
C GLU E 309 10.65 -3.25 -22.70
N SER E 310 10.31 -3.27 -21.43
CA SER E 310 11.29 -3.53 -20.39
C SER E 310 11.92 -4.92 -20.59
N ALA E 311 11.09 -5.91 -20.95
CA ALA E 311 11.55 -7.30 -21.21
C ALA E 311 12.55 -7.28 -22.40
N ASN E 312 12.20 -6.49 -23.44
CA ASN E 312 13.01 -6.38 -24.66
C ASN E 312 14.32 -5.66 -24.47
N PHE E 313 14.47 -4.98 -23.33
CA PHE E 313 15.76 -4.33 -22.98
C PHE E 313 16.47 -5.01 -21.81
N ASP E 314 16.06 -6.26 -21.52
CA ASP E 314 16.68 -7.02 -20.42
C ASP E 314 18.07 -7.45 -20.80
N GLU E 315 19.10 -6.87 -20.21
CA GLU E 315 20.49 -7.22 -20.57
C GLU E 315 20.86 -8.68 -20.26
N SER E 316 20.17 -9.29 -19.30
CA SER E 316 20.56 -10.66 -18.89
C SER E 316 20.19 -11.57 -20.05
N VAL E 317 19.24 -11.15 -20.91
CA VAL E 317 18.86 -11.94 -22.09
C VAL E 317 19.55 -11.48 -23.37
N PHE E 318 19.62 -10.18 -23.65
CA PHE E 318 20.12 -9.65 -24.91
C PHE E 318 21.57 -9.23 -24.89
N GLY E 319 22.16 -9.14 -23.71
CA GLY E 319 23.62 -8.78 -23.69
C GLY E 319 23.73 -7.23 -23.80
N ASP E 320 23.57 -6.70 -25.02
CA ASP E 320 23.71 -5.26 -25.27
C ASP E 320 22.43 -4.65 -25.89
N PRO E 321 21.28 -4.75 -25.18
CA PRO E 321 20.02 -4.32 -25.84
C PRO E 321 20.05 -2.78 -26.13
N ASP E 322 20.85 -2.01 -25.39
CA ASP E 322 20.85 -0.53 -25.62
C ASP E 322 21.58 -0.14 -26.92
N ASN E 323 22.30 -1.08 -27.54
CA ASN E 323 22.88 -0.80 -28.83
C ASN E 323 21.87 -1.29 -29.88
N PHE E 324 21.43 -0.42 -30.78
CA PHE E 324 20.55 -0.88 -31.89
C PHE E 324 21.37 -1.64 -32.96
N ARG E 325 21.05 -2.91 -33.28
CA ARG E 325 21.95 -3.79 -34.11
C ARG E 325 21.05 -4.68 -34.99
N ILE E 326 21.10 -4.41 -36.30
CA ILE E 326 20.31 -5.14 -37.28
C ILE E 326 20.89 -6.56 -37.42
N ASP E 327 22.10 -6.74 -37.00
CA ASP E 327 22.72 -8.07 -37.06
C ASP E 327 22.52 -8.88 -35.72
N ARG E 328 21.65 -8.40 -34.85
CA ARG E 328 21.42 -9.07 -33.60
C ARG E 328 20.90 -10.49 -33.86
N ASN E 329 21.59 -11.47 -33.33
CA ASN E 329 21.20 -12.86 -33.62
C ASN E 329 21.77 -13.73 -32.52
N PRO E 330 20.95 -14.51 -31.81
CA PRO E 330 19.47 -14.58 -31.95
C PRO E 330 18.78 -13.31 -31.49
N ASN E 331 17.47 -13.22 -31.70
CA ASN E 331 16.71 -12.01 -31.32
C ASN E 331 15.32 -12.41 -30.88
N SER E 332 15.24 -13.04 -29.73
CA SER E 332 13.95 -13.62 -29.24
C SER E 332 13.21 -12.56 -28.46
N HIS E 333 12.90 -11.47 -29.11
CA HIS E 333 12.17 -10.37 -28.49
C HIS E 333 10.67 -10.79 -28.22
N VAL E 334 9.99 -10.07 -27.33
CA VAL E 334 8.61 -10.28 -27.03
C VAL E 334 7.78 -9.09 -27.54
N ALA E 335 8.15 -8.46 -28.65
CA ALA E 335 7.31 -7.33 -29.10
C ALA E 335 5.81 -7.76 -29.38
N PHE E 336 5.64 -9.06 -29.75
CA PHE E 336 4.37 -9.71 -30.15
C PHE E 336 3.90 -10.59 -28.96
N GLY E 337 4.50 -10.41 -27.80
CA GLY E 337 4.19 -11.27 -26.67
C GLY E 337 4.81 -12.64 -26.82
N PHE E 338 4.16 -13.63 -26.21
CA PHE E 338 4.68 -14.98 -26.12
C PHE E 338 3.53 -15.90 -25.71
N GLY E 339 3.46 -17.14 -26.20
CA GLY E 339 2.51 -18.05 -25.58
C GLY E 339 1.19 -18.18 -26.36
N THR E 340 0.12 -18.56 -25.65
CA THR E 340 -1.10 -18.85 -26.33
C THR E 340 -1.61 -17.59 -27.03
N HIS E 341 -1.35 -16.38 -26.49
CA HIS E 341 -1.86 -15.14 -27.08
C HIS E 341 -0.91 -14.48 -28.09
N PHE E 342 0.21 -15.12 -28.36
CA PHE E 342 1.24 -14.58 -29.25
C PHE E 342 0.57 -13.94 -30.53
N CYS E 343 0.83 -12.66 -30.77
CA CYS E 343 0.17 -11.87 -31.88
C CYS E 343 -0.28 -12.67 -33.10
N LEU E 344 -1.57 -12.72 -33.32
CA LEU E 344 -2.13 -13.39 -34.45
C LEU E 344 -1.69 -12.77 -35.78
N GLY E 345 -1.46 -11.44 -35.77
CA GLY E 345 -1.12 -10.69 -36.95
C GLY E 345 0.38 -10.61 -37.18
N ASN E 346 1.18 -11.40 -36.46
CA ASN E 346 2.62 -11.14 -36.46
C ASN E 346 3.24 -11.32 -37.85
N GLN E 347 2.76 -12.27 -38.62
CA GLN E 347 3.36 -12.54 -39.91
C GLN E 347 2.95 -11.40 -40.98
N LEU E 348 1.69 -10.99 -40.92
CA LEU E 348 1.22 -9.80 -41.66
C LEU E 348 2.01 -8.55 -41.28
N ALA E 349 2.17 -8.27 -39.98
CA ALA E 349 2.94 -7.10 -39.52
C ALA E 349 4.34 -7.16 -40.16
N ARG E 350 5.00 -8.31 -40.04
CA ARG E 350 6.36 -8.46 -40.58
C ARG E 350 6.40 -8.22 -42.10
N LEU E 351 5.38 -8.70 -42.77
CA LEU E 351 5.30 -8.56 -44.21
C LEU E 351 5.18 -7.08 -44.56
N GLU E 352 4.26 -6.37 -43.92
CA GLU E 352 4.12 -4.93 -44.14
C GLU E 352 5.48 -4.17 -43.89
N LEU E 353 6.12 -4.46 -42.76
CA LEU E 353 7.39 -3.80 -42.44
C LEU E 353 8.40 -4.16 -43.48
N ARG E 354 8.49 -5.42 -43.88
CA ARG E 354 9.49 -5.76 -44.89
C ARG E 354 9.23 -5.08 -46.27
N LEU E 355 8.01 -5.20 -46.78
CA LEU E 355 7.70 -4.66 -48.12
C LEU E 355 7.90 -3.15 -48.15
N MET E 356 7.42 -2.44 -47.16
CA MET E 356 7.58 -0.99 -47.18
C MET E 356 9.08 -0.64 -46.98
N THR E 357 9.73 -1.25 -45.99
CA THR E 357 11.17 -0.93 -45.77
C THR E 357 12.02 -1.21 -47.01
N GLU E 358 11.79 -2.35 -47.67
CA GLU E 358 12.47 -2.66 -48.92
C GLU E 358 12.35 -1.50 -49.96
N ARG E 359 11.14 -0.98 -50.10
CA ARG E 359 10.91 0.11 -51.06
C ARG E 359 11.52 1.46 -50.62
N VAL E 360 11.45 1.73 -49.32
CA VAL E 360 12.05 2.92 -48.75
C VAL E 360 13.57 2.91 -49.05
N LEU E 361 14.20 1.76 -48.83
CA LEU E 361 15.64 1.60 -49.04
C LEU E 361 16.02 1.83 -50.50
N ARG E 362 15.25 1.24 -51.40
N ARG E 362 15.21 1.22 -51.36
CA ARG E 362 15.58 1.34 -52.82
CA ARG E 362 15.37 1.22 -52.81
C ARG E 362 15.20 2.74 -53.38
C ARG E 362 15.11 2.62 -53.43
N ARG E 363 14.03 3.27 -53.00
CA ARG E 363 13.57 4.53 -53.64
C ARG E 363 13.99 5.81 -52.94
N LEU E 364 14.36 5.71 -51.67
CA LEU E 364 14.86 6.88 -50.90
C LEU E 364 16.19 6.52 -50.26
N PRO E 365 17.19 6.13 -51.09
CA PRO E 365 18.42 5.54 -50.56
C PRO E 365 19.24 6.48 -49.70
N ASP E 366 19.03 7.80 -49.84
CA ASP E 366 19.80 8.78 -49.03
C ASP E 366 18.92 9.41 -47.92
N LEU E 367 17.83 8.72 -47.57
CA LEU E 367 16.95 9.18 -46.51
C LEU E 367 17.65 9.52 -45.23
N ARG E 368 17.26 10.65 -44.64
N ARG E 368 17.27 10.69 -44.68
CA ARG E 368 17.83 11.07 -43.38
CA ARG E 368 17.87 11.23 -43.47
C ARG E 368 16.79 11.81 -42.60
C ARG E 368 16.78 11.82 -42.60
N LEU E 369 16.95 11.78 -41.28
CA LEU E 369 16.11 12.60 -40.41
C LEU E 369 16.31 14.08 -40.78
N ALA E 370 15.25 14.88 -40.79
CA ALA E 370 15.46 16.33 -41.11
C ALA E 370 16.41 16.99 -40.11
N ASP E 371 16.33 16.60 -38.84
CA ASP E 371 17.35 17.00 -37.87
C ASP E 371 17.44 15.90 -36.77
N ASP E 372 18.57 15.81 -36.07
N ASP E 372 18.56 15.85 -36.05
CA ASP E 372 18.82 14.65 -35.19
CA ASP E 372 18.86 14.69 -35.18
C ASP E 372 18.18 14.70 -33.78
C ASP E 372 18.21 14.72 -33.77
N ALA E 373 17.48 15.80 -33.45
CA ALA E 373 16.74 15.91 -32.15
C ALA E 373 15.85 14.66 -31.90
N PRO E 374 15.52 14.39 -30.62
CA PRO E 374 14.59 13.33 -30.38
C PRO E 374 13.24 13.52 -31.07
N VAL E 375 12.76 12.46 -31.67
CA VAL E 375 11.45 12.38 -32.33
C VAL E 375 10.35 12.38 -31.21
N PRO E 376 9.29 13.26 -31.27
CA PRO E 376 8.26 13.19 -30.20
C PRO E 376 7.49 11.85 -30.19
N LEU E 377 7.15 11.35 -28.99
CA LEU E 377 6.44 10.11 -28.87
C LEU E 377 5.01 10.39 -28.38
N ARG E 378 4.12 9.49 -28.68
CA ARG E 378 2.71 9.71 -28.33
C ARG E 378 2.49 9.34 -26.87
N PRO E 379 1.99 10.29 -26.08
CA PRO E 379 1.69 9.97 -24.67
C PRO E 379 0.44 9.05 -24.63
N ALA E 380 0.65 7.76 -24.42
CA ALA E 380 -0.44 6.77 -24.41
C ALA E 380 0.08 5.67 -23.48
N ASN E 381 -0.81 5.01 -22.71
CA ASN E 381 -0.29 4.03 -21.71
C ASN E 381 -0.34 2.61 -22.25
N PHE E 382 -0.74 2.47 -23.51
CA PHE E 382 -0.92 1.14 -24.10
C PHE E 382 -0.09 0.87 -25.35
N VAL E 383 -0.39 1.57 -26.43
CA VAL E 383 0.34 1.46 -27.68
C VAL E 383 0.96 2.87 -27.98
N SER E 384 2.27 2.97 -28.23
CA SER E 384 2.89 4.27 -28.37
C SER E 384 4.14 4.19 -29.30
N GLY E 385 4.41 5.27 -30.02
CA GLY E 385 5.61 5.37 -30.89
C GLY E 385 5.55 6.79 -31.39
N PRO E 386 6.37 7.10 -32.41
CA PRO E 386 6.51 8.48 -32.98
C PRO E 386 5.17 9.20 -33.39
N GLU E 387 4.98 10.41 -32.84
CA GLU E 387 3.90 11.31 -33.24
C GLU E 387 4.21 11.95 -34.63
N SER E 388 5.50 12.20 -34.92
CA SER E 388 5.91 12.77 -36.21
C SER E 388 7.39 12.57 -36.45
N MET E 389 7.76 12.55 -37.71
CA MET E 389 9.17 12.35 -38.03
C MET E 389 9.51 12.99 -39.37
N PRO E 390 9.85 14.29 -39.35
CA PRO E 390 10.24 14.95 -40.62
C PRO E 390 11.53 14.30 -41.20
N VAL E 391 11.48 13.92 -42.47
CA VAL E 391 12.64 13.33 -43.13
C VAL E 391 12.97 14.06 -44.43
N VAL E 392 14.19 13.87 -44.91
CA VAL E 392 14.61 14.44 -46.18
C VAL E 392 15.35 13.40 -47.02
N PHE E 393 15.32 13.62 -48.33
CA PHE E 393 15.90 12.74 -49.36
C PHE E 393 16.00 13.45 -50.71
N THR E 394 16.89 12.95 -51.58
CA THR E 394 16.92 13.41 -52.94
C THR E 394 15.59 12.98 -53.58
N PRO E 395 14.89 13.94 -54.24
CA PRO E 395 13.64 13.60 -54.92
C PRO E 395 13.87 12.60 -56.09
N SER E 396 12.85 11.82 -56.45
CA SER E 396 12.90 10.87 -57.57
C SER E 396 11.52 10.83 -58.26
N ALA E 397 11.42 10.14 -59.40
CA ALA E 397 10.20 10.13 -60.21
C ALA E 397 9.22 9.08 -59.68
N PRO E 398 7.93 9.44 -59.60
CA PRO E 398 7.00 8.44 -58.98
C PRO E 398 6.78 7.29 -59.93
N VAL E 399 6.43 6.14 -59.39
CA VAL E 399 6.17 4.92 -60.17
C VAL E 399 4.77 4.95 -60.91
N LEU E 400 3.73 5.48 -60.27
CA LEU E 400 2.40 5.63 -60.95
C LEU E 400 2.08 4.28 -61.69
N ALA E 401 2.28 3.19 -60.94
CA ALA E 401 2.00 1.80 -61.35
C ALA E 401 0.62 1.55 -62.10
N HIS E 402 -0.49 2.04 -61.55
CA HIS E 402 -1.83 1.99 -62.25
C HIS E 402 -1.88 2.67 -63.65
N HIS E 403 -0.82 3.36 -64.14
CA HIS E 403 -0.84 3.92 -65.55
C HIS E 403 -0.41 2.89 -66.61
N THR F 2 6.06 12.14 12.18
CA THR F 2 6.83 12.83 13.26
C THR F 2 6.26 14.23 13.49
N GLN F 3 6.30 15.13 12.47
CA GLN F 3 5.54 16.38 12.58
C GLN F 3 4.04 16.19 12.38
N MET F 4 3.25 17.05 13.01
CA MET F 4 1.83 17.00 12.92
C MET F 4 1.37 17.43 11.53
N LEU F 5 0.28 16.85 11.10
CA LEU F 5 -0.33 17.13 9.82
C LEU F 5 -0.57 18.58 9.65
N THR F 6 -0.98 19.27 10.72
CA THR F 6 -1.36 20.66 10.65
C THR F 6 -0.26 21.63 11.01
N ARG F 7 0.96 21.16 11.33
CA ARG F 7 2.08 22.09 11.55
C ARG F 7 2.33 23.01 10.33
N PRO F 8 2.44 24.34 10.56
CA PRO F 8 2.74 25.18 9.42
C PRO F 8 4.12 24.80 8.86
N ASP F 9 4.21 24.82 7.53
CA ASP F 9 5.45 24.62 6.79
C ASP F 9 5.81 26.00 6.24
N VAL F 10 6.58 26.76 7.02
CA VAL F 10 6.88 28.15 6.72
C VAL F 10 8.38 28.47 6.85
N ASP F 11 8.76 29.55 6.19
CA ASP F 11 10.09 30.18 6.25
C ASP F 11 9.85 31.58 6.77
N LEU F 12 10.28 31.84 8.00
CA LEU F 12 9.94 33.10 8.61
C LEU F 12 10.82 34.24 8.09
N VAL F 13 11.76 33.92 7.20
CA VAL F 13 12.53 35.03 6.58
CA VAL F 13 12.61 34.94 6.55
C VAL F 13 12.05 35.25 5.14
N ASN F 14 10.99 34.56 4.75
CA ASN F 14 10.41 34.77 3.45
C ASN F 14 9.31 35.87 3.58
N GLY F 15 9.48 37.01 2.89
CA GLY F 15 8.59 38.14 3.03
C GLY F 15 7.14 37.81 2.68
N MET F 16 6.92 36.82 1.80
CA MET F 16 5.55 36.43 1.43
C MET F 16 4.75 35.85 2.62
N PHE F 17 5.44 35.31 3.62
CA PHE F 17 4.74 34.79 4.81
C PHE F 17 3.94 35.91 5.50
N TYR F 18 4.51 37.12 5.50
CA TYR F 18 3.93 38.29 6.18
C TYR F 18 2.93 39.09 5.31
N ALA F 19 2.86 38.75 4.02
CA ALA F 19 1.99 39.50 3.12
C ALA F 19 0.83 38.66 2.57
N ASP F 20 0.86 37.33 2.62
CA ASP F 20 -0.14 36.60 1.85
C ASP F 20 -1.44 36.36 2.64
N GLY F 21 -1.45 36.82 3.87
CA GLY F 21 -2.62 36.69 4.74
C GLY F 21 -2.71 35.42 5.59
N GLY F 22 -1.75 34.49 5.41
CA GLY F 22 -1.74 33.24 6.18
C GLY F 22 -1.03 33.32 7.55
N ALA F 23 -0.43 34.48 7.88
CA ALA F 23 0.41 34.59 9.10
C ALA F 23 -0.41 34.33 10.40
N ARG F 24 -1.54 35.01 10.56
CA ARG F 24 -2.27 34.94 11.82
C ARG F 24 -2.76 33.53 12.11
N GLU F 25 -3.18 32.79 11.06
CA GLU F 25 -3.51 31.40 11.20
C GLU F 25 -2.26 30.60 11.65
N ALA F 26 -1.12 30.86 11.03
CA ALA F 26 0.06 30.12 11.40
C ALA F 26 0.42 30.45 12.88
N TYR F 27 0.35 31.73 13.26
CA TYR F 27 0.67 32.13 14.67
C TYR F 27 -0.32 31.42 15.65
N ARG F 28 -1.57 31.27 15.25
CA ARG F 28 -2.49 30.66 16.16
C ARG F 28 -1.98 29.26 16.46
N TRP F 29 -1.50 28.59 15.42
CA TRP F 29 -1.13 27.19 15.61
C TRP F 29 0.14 27.20 16.54
N MET F 30 1.06 28.10 16.23
CA MET F 30 2.31 28.16 17.06
C MET F 30 2.06 28.43 18.56
N ARG F 31 1.28 29.47 18.86
CA ARG F 31 1.04 29.85 20.25
C ARG F 31 0.41 28.65 21.01
N ALA F 32 -0.41 27.87 20.31
CA ALA F 32 -1.19 26.78 20.92
C ALA F 32 -0.37 25.52 21.05
N ASN F 33 0.56 25.29 20.15
CA ASN F 33 1.15 23.96 20.01
C ASN F 33 2.68 23.96 20.19
N GLU F 34 3.33 25.06 19.91
CA GLU F 34 4.81 25.14 19.99
C GLU F 34 5.24 26.60 20.12
N PRO F 35 5.06 27.15 21.34
CA PRO F 35 5.12 28.60 21.57
C PRO F 35 6.47 29.22 21.12
N VAL F 36 7.54 28.45 21.28
CA VAL F 36 8.83 28.84 20.68
C VAL F 36 9.02 27.89 19.53
N PHE F 37 8.62 28.35 18.35
CA PHE F 37 8.40 27.49 17.16
C PHE F 37 9.70 27.52 16.33
N ARG F 38 10.06 26.43 15.71
CA ARG F 38 11.19 26.40 14.74
C ARG F 38 10.60 26.23 13.30
N ASP F 39 10.94 27.16 12.41
CA ASP F 39 10.42 27.11 11.06
C ASP F 39 11.10 25.99 10.28
N ARG F 40 10.83 25.95 8.99
CA ARG F 40 11.32 24.83 8.22
C ARG F 40 12.84 24.81 8.09
N ASN F 41 13.51 25.92 8.33
CA ASN F 41 15.01 25.90 8.37
C ASN F 41 15.62 25.86 9.78
N GLY F 42 14.80 25.57 10.78
CA GLY F 42 15.27 25.52 12.17
C GLY F 42 15.32 26.88 12.89
N LEU F 43 14.84 27.95 12.27
CA LEU F 43 14.96 29.26 12.88
C LEU F 43 13.92 29.35 14.02
N ALA F 44 14.40 29.64 15.23
CA ALA F 44 13.52 29.78 16.40
C ALA F 44 12.74 31.06 16.44
N ALA F 45 11.51 30.98 16.95
CA ALA F 45 10.67 32.18 17.01
C ALA F 45 9.80 32.18 18.30
N ALA F 46 9.86 33.26 19.10
CA ALA F 46 9.02 33.44 20.25
C ALA F 46 7.66 34.00 19.79
N THR F 47 6.59 33.24 19.96
CA THR F 47 5.33 33.60 19.31
C THR F 47 4.25 34.02 20.31
N THR F 48 4.40 33.66 21.59
CA THR F 48 3.43 34.08 22.64
C THR F 48 3.86 35.43 23.24
N TYR F 49 2.86 36.14 23.76
CA TYR F 49 3.19 37.39 24.43
C TYR F 49 4.18 37.14 25.58
N GLN F 50 3.89 36.12 26.39
CA GLN F 50 4.74 35.79 27.49
C GLN F 50 6.21 35.45 27.03
N ALA F 51 6.35 34.66 25.98
CA ALA F 51 7.71 34.31 25.54
C ALA F 51 8.42 35.63 25.05
N VAL F 52 7.67 36.52 24.41
CA VAL F 52 8.28 37.79 23.90
C VAL F 52 8.73 38.72 25.07
N LEU F 53 7.85 38.88 26.06
CA LEU F 53 8.14 39.65 27.24
C LEU F 53 9.31 39.10 28.04
N ASP F 54 9.31 37.76 28.23
CA ASP F 54 10.42 37.10 28.95
C ASP F 54 11.80 37.36 28.25
N ALA F 55 11.85 37.19 26.93
CA ALA F 55 13.06 37.46 26.15
C ALA F 55 13.45 38.95 26.28
N GLU F 56 12.47 39.86 26.14
CA GLU F 56 12.74 41.31 26.27
C GLU F 56 13.29 41.72 27.61
N ARG F 57 12.76 41.13 28.69
CA ARG F 57 13.22 41.44 30.05
C ARG F 57 14.58 40.81 30.41
N ASN F 58 15.09 39.88 29.58
CA ASN F 58 16.33 39.14 29.85
C ASN F 58 17.40 39.31 28.78
N PRO F 59 17.81 40.58 28.48
CA PRO F 59 18.82 40.75 27.42
C PRO F 59 20.20 40.15 27.82
N GLU F 60 20.45 39.87 29.12
CA GLU F 60 21.66 39.11 29.53
C GLU F 60 21.70 37.75 28.73
N LEU F 61 20.54 37.13 28.56
CA LEU F 61 20.40 35.86 27.85
C LEU F 61 20.04 36.05 26.35
N PHE F 62 19.23 37.07 26.07
CA PHE F 62 18.79 37.37 24.71
C PHE F 62 19.40 38.67 24.19
N SER F 63 20.59 38.58 23.63
CA SER F 63 21.43 39.75 23.36
C SER F 63 21.01 40.43 22.04
N SER F 64 21.19 41.74 21.97
CA SER F 64 20.99 42.46 20.69
C SER F 64 22.29 42.64 19.91
N THR F 65 23.44 42.28 20.48
CA THR F 65 24.69 42.64 19.78
C THR F 65 25.07 41.81 18.55
N GLY F 66 24.45 40.66 18.42
CA GLY F 66 24.48 39.87 17.17
C GLY F 66 23.71 40.51 15.95
N GLY F 67 23.01 41.62 16.15
CA GLY F 67 22.15 42.20 15.11
C GLY F 67 20.67 41.75 15.34
N ILE F 68 19.71 42.59 14.99
CA ILE F 68 18.28 42.34 15.19
C ILE F 68 17.60 41.78 13.93
N ARG F 69 18.41 41.47 12.92
CA ARG F 69 17.92 40.70 11.74
C ARG F 69 18.50 39.29 11.73
N PRO F 70 17.80 38.32 11.12
CA PRO F 70 18.12 36.91 11.26
C PRO F 70 19.38 36.53 10.51
N ASP F 71 19.74 37.34 9.58
CA ASP F 71 20.81 36.91 8.71
C ASP F 71 21.86 37.99 8.47
N GLN F 72 22.04 38.91 9.42
CA GLN F 72 23.07 39.95 9.27
C GLN F 72 23.66 40.17 10.64
N PRO F 73 24.95 40.56 10.70
CA PRO F 73 25.58 40.93 12.00
C PRO F 73 25.05 42.31 12.41
N GLY F 74 25.36 42.72 13.64
CA GLY F 74 24.98 44.00 14.15
C GLY F 74 25.69 45.20 13.52
N MET F 75 25.02 46.32 13.55
CA MET F 75 25.59 47.59 13.13
C MET F 75 25.97 48.41 14.36
N PRO F 76 26.78 49.44 14.13
CA PRO F 76 27.19 50.27 15.27
C PRO F 76 26.15 51.38 15.60
N TYR F 77 24.92 51.02 15.89
CA TYR F 77 23.99 51.99 16.43
C TYR F 77 23.15 51.32 17.50
N MET F 78 22.31 52.07 18.18
CA MET F 78 21.89 51.66 19.52
C MET F 78 21.02 50.35 19.52
N ILE F 79 20.31 50.05 18.44
CA ILE F 79 19.42 48.90 18.49
C ILE F 79 20.22 47.60 18.44
N ASP F 80 21.49 47.66 17.98
CA ASP F 80 22.35 46.44 18.03
C ASP F 80 23.34 46.48 19.21
N MET F 81 22.94 47.11 20.30
CA MET F 81 23.87 47.24 21.46
C MET F 81 23.15 46.72 22.67
N ASP F 82 23.92 46.24 23.65
CA ASP F 82 23.35 45.80 24.96
C ASP F 82 23.77 46.85 25.98
N ASP F 83 23.04 46.96 27.07
CA ASP F 83 23.48 47.83 28.18
C ASP F 83 24.75 47.22 28.79
N PRO F 84 25.62 48.06 29.35
CA PRO F 84 25.55 49.53 29.54
C PRO F 84 25.83 50.41 28.30
N GLN F 85 26.43 49.87 27.24
CA GLN F 85 26.77 50.70 26.03
C GLN F 85 25.48 51.31 25.47
N HIS F 86 24.47 50.47 25.40
CA HIS F 86 23.19 50.88 24.83
C HIS F 86 22.57 52.08 25.55
N LEU F 87 22.54 51.99 26.89
CA LEU F 87 21.87 52.95 27.77
C LEU F 87 22.49 54.30 27.58
N LEU F 88 23.82 54.34 27.56
CA LEU F 88 24.54 55.56 27.36
C LEU F 88 24.17 56.15 25.98
N ARG F 89 24.27 55.34 24.93
CA ARG F 89 23.97 55.80 23.55
C ARG F 89 22.52 56.27 23.48
N ARG F 90 21.62 55.47 24.03
CA ARG F 90 20.26 55.88 24.10
C ARG F 90 19.99 57.20 24.79
N LYS F 91 20.57 57.40 25.96
CA LYS F 91 20.41 58.63 26.67
C LYS F 91 20.91 59.85 25.88
N LEU F 92 22.05 59.69 25.18
CA LEU F 92 22.56 60.78 24.30
C LEU F 92 21.53 61.14 23.24
N VAL F 93 21.03 60.11 22.56
CA VAL F 93 20.10 60.34 21.44
C VAL F 93 18.73 60.85 21.93
N ASN F 94 18.36 60.38 23.14
CA ASN F 94 17.11 60.80 23.79
C ASN F 94 16.93 62.34 23.87
N ALA F 95 18.05 63.10 23.90
CA ALA F 95 17.93 64.56 23.85
C ALA F 95 17.02 65.04 22.67
N GLY F 96 16.93 64.23 21.61
CA GLY F 96 16.18 64.62 20.39
C GLY F 96 14.70 64.31 20.51
N PHE F 97 14.36 63.50 21.54
CA PHE F 97 13.02 62.90 21.73
C PHE F 97 12.43 63.16 23.08
N THR F 98 12.77 64.30 23.68
CA THR F 98 12.15 64.63 24.95
C THR F 98 10.66 64.94 24.69
N ARG F 99 9.87 64.90 25.75
CA ARG F 99 8.47 65.27 25.68
CA ARG F 99 8.46 65.26 25.67
C ARG F 99 8.38 66.67 25.08
N LYS F 100 9.27 67.56 25.50
CA LYS F 100 9.28 68.96 25.06
C LYS F 100 9.51 69.10 23.55
N ARG F 101 10.51 68.36 23.04
CA ARG F 101 10.85 68.38 21.62
C ARG F 101 9.77 67.78 20.74
N VAL F 102 9.11 66.74 21.24
CA VAL F 102 8.06 66.09 20.52
C VAL F 102 6.85 67.02 20.49
N MET F 103 6.47 67.58 21.66
CA MET F 103 5.28 68.42 21.71
C MET F 103 5.49 69.73 20.97
N ASP F 104 6.73 70.21 20.85
N ASP F 104 6.75 70.17 20.85
CA ASP F 104 6.89 71.46 20.15
CA ASP F 104 7.08 71.39 20.12
C ASP F 104 6.75 71.29 18.61
C ASP F 104 6.65 71.29 18.65
N LYS F 105 6.56 70.06 18.15
CA LYS F 105 6.30 69.76 16.74
C LYS F 105 4.82 69.66 16.36
N VAL F 106 3.95 69.96 17.31
CA VAL F 106 2.53 69.80 17.06
C VAL F 106 2.08 70.71 15.91
N ASP F 107 2.44 71.99 15.93
CA ASP F 107 2.06 72.88 14.84
C ASP F 107 2.67 72.45 13.50
N SER F 108 3.98 72.14 13.44
CA SER F 108 4.54 71.84 12.15
C SER F 108 3.96 70.54 11.56
N ILE F 109 3.79 69.51 12.40
CA ILE F 109 3.21 68.26 11.89
C ILE F 109 1.75 68.48 11.51
N GLY F 110 1.03 69.27 12.29
CA GLY F 110 -0.37 69.56 11.92
C GLY F 110 -0.39 70.23 10.57
N ARG F 111 0.53 71.16 10.36
CA ARG F 111 0.46 71.93 9.15
C ARG F 111 0.78 71.01 7.98
N LEU F 112 1.74 70.12 8.16
CA LEU F 112 2.06 69.11 7.17
C LEU F 112 0.85 68.28 6.79
N CYS F 113 0.13 67.81 7.81
CA CYS F 113 -1.04 66.95 7.61
C CYS F 113 -2.06 67.66 6.69
N ASP F 114 -2.33 68.94 6.94
CA ASP F 114 -3.33 69.66 6.15
C ASP F 114 -2.86 69.85 4.73
N THR F 115 -1.53 70.05 4.57
CA THR F 115 -1.00 70.17 3.22
C THR F 115 -1.16 68.88 2.45
N LEU F 116 -0.94 67.72 3.08
CA LEU F 116 -1.13 66.47 2.38
C LEU F 116 -2.59 66.20 1.98
N ILE F 117 -3.53 66.55 2.87
CA ILE F 117 -4.97 66.36 2.60
C ILE F 117 -5.43 67.33 1.52
N ASP F 118 -4.80 68.51 1.50
CA ASP F 118 -5.10 69.55 0.52
C ASP F 118 -4.87 69.06 -0.90
N ALA F 119 -3.89 68.19 -1.04
CA ALA F 119 -3.51 67.64 -2.33
C ALA F 119 -4.55 66.63 -2.88
N VAL F 120 -5.41 66.08 -2.01
CA VAL F 120 -6.40 65.14 -2.51
C VAL F 120 -7.84 65.54 -2.29
N CYS F 121 -8.10 66.55 -1.44
CA CYS F 121 -9.47 66.73 -0.96
C CYS F 121 -10.50 67.09 -2.03
N GLU F 122 -10.08 67.74 -3.10
CA GLU F 122 -10.98 68.16 -4.15
C GLU F 122 -11.38 67.04 -5.09
N ARG F 123 -10.61 65.97 -5.05
CA ARG F 123 -10.72 64.92 -6.03
C ARG F 123 -11.75 63.84 -5.66
N GLY F 124 -11.96 63.57 -4.36
CA GLY F 124 -13.00 62.65 -3.97
C GLY F 124 -12.50 61.21 -3.96
N GLU F 125 -11.22 61.03 -4.30
CA GLU F 125 -10.60 59.73 -4.23
C GLU F 125 -9.10 59.97 -4.08
N CYS F 126 -8.42 59.00 -3.48
CA CYS F 126 -6.96 58.97 -3.51
C CYS F 126 -6.48 57.58 -3.18
N ASP F 127 -5.17 57.37 -3.21
CA ASP F 127 -4.61 56.14 -2.68
C ASP F 127 -4.09 56.52 -1.34
N PHE F 128 -4.70 55.99 -0.27
CA PHE F 128 -4.37 56.45 1.03
C PHE F 128 -2.88 56.16 1.42
N VAL F 129 -2.29 55.09 0.88
CA VAL F 129 -0.89 54.78 1.16
C VAL F 129 -0.02 55.80 0.44
N ARG F 130 -0.16 55.85 -0.90
CA ARG F 130 0.69 56.70 -1.75
C ARG F 130 0.54 58.19 -1.37
N ASP F 131 -0.68 58.63 -1.12
CA ASP F 131 -0.95 60.07 -1.04
C ASP F 131 -1.03 60.66 0.38
N ILE F 132 -1.24 59.82 1.42
CA ILE F 132 -1.36 60.32 2.80
C ILE F 132 -0.36 59.63 3.76
N ALA F 133 -0.40 58.31 3.83
CA ALA F 133 0.36 57.56 4.87
C ALA F 133 1.85 57.61 4.54
N ALA F 134 2.18 57.42 3.29
CA ALA F 134 3.62 57.32 2.94
C ALA F 134 4.36 58.68 3.06
N PRO F 135 3.77 59.80 2.57
CA PRO F 135 4.53 61.09 2.62
C PRO F 135 4.75 61.62 4.00
N LEU F 136 3.78 61.46 4.89
CA LEU F 136 3.86 62.09 6.20
C LEU F 136 5.13 61.70 7.05
N PRO F 137 5.39 60.37 7.28
CA PRO F 137 6.50 60.12 8.23
C PRO F 137 7.84 60.55 7.68
N MET F 138 7.99 60.52 6.36
CA MET F 138 9.25 60.96 5.75
C MET F 138 9.42 62.48 5.90
N ALA F 139 8.32 63.21 5.68
CA ALA F 139 8.37 64.69 5.79
C ALA F 139 8.66 65.10 7.25
N VAL F 140 8.08 64.39 8.21
CA VAL F 140 8.35 64.73 9.65
C VAL F 140 9.84 64.55 9.94
N ILE F 141 10.38 63.43 9.48
CA ILE F 141 11.79 63.15 9.61
C ILE F 141 12.70 64.20 8.96
N GLY F 142 12.38 64.60 7.72
CA GLY F 142 13.17 65.64 7.07
C GLY F 142 13.07 66.97 7.81
N ASP F 143 11.86 67.36 8.24
CA ASP F 143 11.72 68.60 9.01
C ASP F 143 12.55 68.45 10.32
N MET F 144 12.46 67.29 10.97
CA MET F 144 13.22 67.06 12.22
C MET F 144 14.71 67.27 12.01
N LEU F 145 15.24 66.77 10.92
CA LEU F 145 16.69 66.91 10.64
C LEU F 145 17.07 68.28 10.17
N GLY F 146 16.04 69.11 9.86
CA GLY F 146 16.32 70.46 9.35
C GLY F 146 16.81 70.55 7.90
N VAL F 147 16.55 69.50 7.08
CA VAL F 147 17.07 69.49 5.70
C VAL F 147 16.00 69.96 4.66
N LEU F 148 16.43 70.19 3.44
CA LEU F 148 15.49 70.52 2.35
C LEU F 148 14.74 69.25 1.94
N PRO F 149 13.50 69.42 1.46
CA PRO F 149 12.78 68.23 0.90
C PRO F 149 13.66 67.37 -0.08
N THR F 150 14.36 68.00 -1.00
CA THR F 150 15.29 67.29 -1.90
C THR F 150 16.35 66.41 -1.12
N GLU F 151 16.91 66.98 -0.06
CA GLU F 151 17.88 66.27 0.76
C GLU F 151 17.22 65.15 1.52
N ARG F 152 16.04 65.40 2.06
CA ARG F 152 15.27 64.41 2.73
C ARG F 152 15.02 63.23 1.77
N ASP F 153 14.56 63.51 0.55
CA ASP F 153 14.39 62.47 -0.47
C ASP F 153 15.70 61.63 -0.76
N MET F 154 16.83 62.27 -0.94
CA MET F 154 18.11 61.57 -1.04
C MET F 154 18.45 60.68 0.22
N LEU F 155 18.26 61.23 1.43
CA LEU F 155 18.59 60.54 2.62
C LEU F 155 17.75 59.28 2.70
N LEU F 156 16.44 59.45 2.48
CA LEU F 156 15.51 58.34 2.72
C LEU F 156 15.81 57.25 1.58
N LYS F 157 16.21 57.65 0.40
CA LYS F 157 16.62 56.67 -0.59
C LYS F 157 17.98 55.91 -0.32
N TRP F 158 18.96 56.63 0.19
CA TRP F 158 20.19 56.04 0.74
C TRP F 158 19.81 55.07 1.83
N SER F 159 18.94 55.46 2.76
CA SER F 159 18.62 54.60 3.85
C SER F 159 17.90 53.33 3.34
N ASP F 160 17.08 53.49 2.32
CA ASP F 160 16.39 52.34 1.75
C ASP F 160 17.37 51.37 1.20
N ASP F 161 18.32 51.83 0.43
CA ASP F 161 19.05 50.82 -0.23
C ASP F 161 20.32 50.44 0.52
N LEU F 162 20.46 50.97 1.76
CA LEU F 162 21.50 50.55 2.66
C LEU F 162 20.86 49.34 3.29
N VAL F 163 19.56 49.46 3.63
CA VAL F 163 18.73 48.37 4.13
C VAL F 163 18.73 47.16 3.13
N CYS F 164 18.39 47.43 1.85
CA CYS F 164 18.40 46.37 0.77
C CYS F 164 19.79 45.68 0.56
N GLY F 165 20.83 46.49 0.39
CA GLY F 165 22.20 45.96 0.24
C GLY F 165 22.77 45.20 1.46
N LEU F 166 22.31 45.54 2.68
CA LEU F 166 22.72 44.79 3.88
C LEU F 166 22.15 43.37 3.76
N SER F 167 20.79 43.29 3.61
CA SER F 167 20.06 42.01 3.41
C SER F 167 20.65 41.12 2.27
N SER F 168 21.21 41.72 1.19
CA SER F 168 21.82 40.94 0.09
C SER F 168 23.15 41.47 -0.49
N HIS F 169 24.27 41.01 0.06
CA HIS F 169 25.60 41.51 -0.38
C HIS F 169 26.69 40.40 -0.55
N VAL F 170 26.22 39.24 -1.06
CA VAL F 170 27.12 38.13 -1.50
C VAL F 170 28.04 38.44 -2.67
N ASP F 171 27.53 38.96 -3.80
CA ASP F 171 28.43 39.12 -4.98
C ASP F 171 29.17 40.49 -5.05
N GLU F 172 30.36 40.51 -5.68
CA GLU F 172 31.20 41.72 -5.69
C GLU F 172 30.51 43.04 -6.14
N ALA F 173 29.72 43.00 -7.23
CA ALA F 173 28.99 44.18 -7.73
C ALA F 173 28.06 44.76 -6.67
N ALA F 174 27.38 43.89 -5.92
CA ALA F 174 26.40 44.32 -4.93
C ALA F 174 27.07 44.83 -3.66
N ILE F 175 28.29 44.36 -3.40
CA ILE F 175 29.07 44.82 -2.26
C ILE F 175 29.52 46.26 -2.58
N GLN F 176 29.96 46.46 -3.81
CA GLN F 176 30.34 47.76 -4.35
C GLN F 176 29.25 48.82 -4.34
N LYS F 177 28.02 48.45 -4.71
CA LYS F 177 26.93 49.43 -4.71
C LYS F 177 26.67 49.84 -3.24
N LEU F 178 26.68 48.86 -2.33
CA LEU F 178 26.46 49.16 -0.93
C LEU F 178 27.58 50.04 -0.36
N MET F 179 28.85 49.75 -0.63
CA MET F 179 29.93 50.65 -0.15
C MET F 179 29.78 52.05 -0.75
N ASP F 180 29.42 52.14 -2.03
CA ASP F 180 29.22 53.46 -2.67
C ASP F 180 28.12 54.27 -1.98
N THR F 181 27.03 53.60 -1.61
CA THR F 181 25.95 54.38 -1.02
C THR F 181 26.28 54.76 0.41
N PHE F 182 26.99 53.88 1.11
CA PHE F 182 27.35 54.21 2.45
C PHE F 182 28.29 55.43 2.49
N ALA F 183 29.25 55.49 1.56
CA ALA F 183 30.14 56.65 1.44
C ALA F 183 29.36 57.94 1.09
N ALA F 184 28.42 57.82 0.15
CA ALA F 184 27.66 59.00 -0.27
C ALA F 184 26.77 59.50 0.91
N TYR F 185 26.13 58.56 1.60
CA TYR F 185 25.37 58.86 2.81
C TYR F 185 26.20 59.55 3.92
N THR F 186 27.39 59.02 4.18
CA THR F 186 28.23 59.51 5.25
C THR F 186 28.78 60.87 4.93
N GLU F 187 29.18 61.04 3.67
CA GLU F 187 29.72 62.32 3.19
CA GLU F 187 29.75 62.32 3.33
C GLU F 187 28.70 63.45 3.36
N PHE F 188 27.51 63.20 2.90
CA PHE F 188 26.43 64.17 3.04
C PHE F 188 26.16 64.48 4.55
N THR F 189 26.05 63.44 5.37
CA THR F 189 25.66 63.64 6.77
C THR F 189 26.77 64.31 7.58
N LYS F 190 28.03 63.95 7.34
CA LYS F 190 29.14 64.61 8.02
C LYS F 190 29.21 66.06 7.65
N ASP F 191 28.99 66.36 6.37
CA ASP F 191 28.97 67.74 5.94
C ASP F 191 27.94 68.54 6.76
N VAL F 192 26.72 68.01 6.89
CA VAL F 192 25.67 68.70 7.64
C VAL F 192 26.11 68.85 9.09
N ILE F 193 26.62 67.76 9.66
CA ILE F 193 27.12 67.82 11.04
C ILE F 193 28.14 68.96 11.24
N THR F 194 29.12 69.07 10.33
CA THR F 194 30.16 70.04 10.46
C THR F 194 29.56 71.45 10.45
N LYS F 195 28.59 71.66 9.61
CA LYS F 195 27.93 72.95 9.55
C LYS F 195 27.23 73.28 10.88
N ARG F 196 26.61 72.26 11.47
CA ARG F 196 25.80 72.43 12.66
C ARG F 196 26.69 72.71 13.84
N ARG F 197 27.88 72.08 13.92
CA ARG F 197 28.84 72.35 14.95
C ARG F 197 29.24 73.83 14.91
N ALA F 198 29.29 74.41 13.71
CA ALA F 198 29.86 75.75 13.53
C ALA F 198 28.76 76.76 13.74
N GLU F 199 27.56 76.43 13.28
CA GLU F 199 26.43 77.33 13.20
C GLU F 199 25.20 76.51 13.59
N PRO F 200 25.02 76.29 14.89
CA PRO F 200 23.93 75.56 15.51
C PRO F 200 22.55 76.00 15.04
N THR F 201 21.65 75.07 14.84
CA THR F 201 20.27 75.46 14.70
C THR F 201 19.54 74.76 15.84
N ASP F 202 18.25 74.54 15.66
CA ASP F 202 17.47 73.87 16.63
C ASP F 202 17.06 72.52 16.12
N ASP F 203 17.70 72.02 15.07
CA ASP F 203 17.30 70.69 14.57
C ASP F 203 17.98 69.51 15.28
N LEU F 204 17.53 68.28 14.96
CA LEU F 204 18.09 67.10 15.50
C LEU F 204 19.59 66.98 15.37
N PHE F 205 20.19 67.38 14.24
CA PHE F 205 21.67 67.30 14.19
C PHE F 205 22.34 68.16 15.26
N SER F 206 21.80 69.38 15.46
CA SER F 206 22.30 70.28 16.49
C SER F 206 22.11 69.75 17.90
N VAL F 207 20.90 69.24 18.17
CA VAL F 207 20.63 68.64 19.43
C VAL F 207 21.59 67.42 19.72
N LEU F 208 21.82 66.53 18.77
CA LEU F 208 22.80 65.45 18.97
C LEU F 208 24.22 65.95 19.20
N VAL F 209 24.60 67.03 18.51
CA VAL F 209 25.96 67.52 18.65
C VAL F 209 26.13 68.02 20.08
N ASN F 210 25.08 68.64 20.61
N ASN F 210 25.08 68.64 20.62
CA ASN F 210 25.16 69.30 21.91
CA ASN F 210 25.15 69.31 21.92
C ASN F 210 24.88 68.34 23.10
C ASN F 210 24.74 68.40 23.13
N SER F 211 24.24 67.21 22.82
CA SER F 211 23.87 66.24 23.87
C SER F 211 25.09 65.80 24.69
N GLU F 212 24.94 65.67 26.02
CA GLU F 212 26.05 65.32 26.92
C GLU F 212 25.42 64.55 28.10
N VAL F 213 25.97 63.37 28.36
CA VAL F 213 25.43 62.45 29.37
C VAL F 213 26.64 61.92 30.11
N GLU F 214 26.74 62.20 31.41
CA GLU F 214 27.77 61.59 32.22
C GLU F 214 29.15 62.01 31.65
N GLY F 215 29.29 63.28 31.31
CA GLY F 215 30.53 63.78 30.76
C GLY F 215 30.92 63.40 29.34
N GLN F 216 30.11 62.63 28.62
CA GLN F 216 30.44 62.21 27.27
C GLN F 216 29.51 62.81 26.20
N ARG F 217 30.03 62.98 25.00
CA ARG F 217 29.27 63.54 23.85
C ARG F 217 29.40 62.58 22.68
N MET F 218 28.51 62.66 21.69
CA MET F 218 28.61 61.79 20.54
C MET F 218 29.67 62.36 19.59
N SER F 219 30.42 61.47 18.95
CA SER F 219 31.33 61.87 17.85
C SER F 219 30.48 61.99 16.57
N ASP F 220 31.09 62.50 15.51
CA ASP F 220 30.41 62.64 14.22
C ASP F 220 29.99 61.28 13.68
N ASP F 221 30.88 60.29 13.74
CA ASP F 221 30.55 58.95 13.19
C ASP F 221 29.35 58.36 13.90
N GLU F 222 29.26 58.55 15.20
CA GLU F 222 28.13 58.07 15.98
C GLU F 222 26.86 58.76 15.57
N ILE F 223 26.91 60.08 15.37
CA ILE F 223 25.70 60.78 14.93
C ILE F 223 25.26 60.26 13.54
N VAL F 224 26.23 60.00 12.67
CA VAL F 224 25.99 59.43 11.36
C VAL F 224 25.22 58.12 11.49
N PHE F 225 25.67 57.22 12.38
CA PHE F 225 24.99 55.93 12.52
C PHE F 225 23.59 56.02 13.19
N GLU F 226 23.48 56.86 14.21
CA GLU F 226 22.22 57.00 14.90
C GLU F 226 21.19 57.69 13.99
N THR F 227 21.67 58.56 13.12
CA THR F 227 20.77 59.25 12.19
C THR F 227 20.31 58.21 11.21
N LEU F 228 21.23 57.39 10.72
CA LEU F 228 20.80 56.27 9.88
C LEU F 228 19.69 55.43 10.53
N LEU F 229 19.87 55.11 11.81
CA LEU F 229 18.88 54.28 12.50
C LEU F 229 17.54 54.94 12.53
N ILE F 230 17.53 56.24 12.81
CA ILE F 230 16.25 56.99 12.84
C ILE F 230 15.58 57.08 11.44
N LEU F 231 16.37 57.28 10.39
CA LEU F 231 15.85 57.33 8.96
C LEU F 231 15.17 56.00 8.62
N ILE F 232 15.75 54.91 9.13
CA ILE F 232 15.19 53.57 8.83
C ILE F 232 13.99 53.33 9.72
N GLY F 233 14.15 53.59 11.00
CA GLY F 233 13.18 53.17 12.02
C GLY F 233 11.89 53.96 12.01
N GLY F 234 11.96 55.21 11.53
CA GLY F 234 10.86 56.16 11.77
C GLY F 234 9.85 56.32 10.63
N ASP F 235 10.12 55.66 9.53
CA ASP F 235 9.50 55.95 8.27
C ASP F 235 8.41 54.95 7.93
N GLU F 236 8.77 53.81 7.34
CA GLU F 236 7.74 52.85 6.90
C GLU F 236 6.87 52.29 8.03
N THR F 237 7.42 52.17 9.27
CA THR F 237 6.61 51.69 10.38
C THR F 237 5.42 52.62 10.57
N THR F 238 5.67 53.94 10.68
CA THR F 238 4.57 54.90 10.95
C THR F 238 3.53 54.87 9.79
N ARG F 239 4.07 54.72 8.57
CA ARG F 239 3.24 54.63 7.38
C ARG F 239 2.25 53.50 7.59
N HIS F 240 2.75 52.29 7.90
CA HIS F 240 1.89 51.09 7.97
C HIS F 240 0.84 51.14 9.07
N THR F 241 1.19 51.73 10.21
CA THR F 241 0.14 51.92 11.22
C THR F 241 -0.95 52.92 10.72
N LEU F 242 -0.54 54.01 10.06
CA LEU F 242 -1.50 54.95 9.55
C LEU F 242 -2.44 54.28 8.53
N SER F 243 -1.88 53.59 7.51
CA SER F 243 -2.70 53.06 6.45
C SER F 243 -3.48 51.81 6.95
N GLY F 244 -2.81 50.88 7.61
CA GLY F 244 -3.47 49.65 8.17
C GLY F 244 -4.40 50.00 9.31
N GLY F 245 -4.02 50.98 10.11
CA GLY F 245 -4.90 51.42 11.19
C GLY F 245 -6.17 52.00 10.63
N THR F 246 -6.02 52.96 9.69
CA THR F 246 -7.18 53.59 9.06
C THR F 246 -8.01 52.54 8.36
N GLU F 247 -7.36 51.61 7.69
CA GLU F 247 -8.12 50.55 6.99
C GLU F 247 -9.16 49.88 7.98
N GLN F 248 -8.72 49.59 9.21
CA GLN F 248 -9.66 48.95 10.15
C GLN F 248 -10.80 49.90 10.59
N LEU F 249 -10.49 51.18 10.77
N LEU F 249 -10.49 51.19 10.79
CA LEU F 249 -11.51 52.15 11.14
CA LEU F 249 -11.52 52.19 11.11
C LEU F 249 -12.56 52.26 10.02
C LEU F 249 -12.56 52.14 10.01
N LEU F 250 -12.09 52.23 8.78
CA LEU F 250 -12.98 52.27 7.60
C LEU F 250 -13.88 51.06 7.49
N ARG F 251 -13.39 49.86 7.89
CA ARG F 251 -14.16 48.63 7.84
C ARG F 251 -15.07 48.47 9.09
N HIS F 252 -14.93 49.30 10.13
CA HIS F 252 -15.86 49.21 11.26
C HIS F 252 -16.61 50.48 11.39
N ARG F 253 -17.76 50.57 10.73
CA ARG F 253 -18.43 51.85 10.56
C ARG F 253 -18.94 52.47 11.85
N ASP F 254 -19.40 51.66 12.80
CA ASP F 254 -19.88 52.25 14.05
C ASP F 254 -18.71 52.89 14.82
N GLN F 255 -17.50 52.34 14.66
CA GLN F 255 -16.33 52.84 15.36
C GLN F 255 -15.84 54.13 14.70
N TRP F 256 -15.82 54.10 13.36
CA TRP F 256 -15.48 55.29 12.56
C TRP F 256 -16.46 56.43 12.95
N ASP F 257 -17.75 56.11 12.97
CA ASP F 257 -18.77 57.10 13.28
C ASP F 257 -18.61 57.67 14.68
N ALA F 258 -18.28 56.80 15.66
CA ALA F 258 -17.95 57.24 17.01
C ALA F 258 -16.79 58.22 17.07
N LEU F 259 -15.72 57.91 16.35
CA LEU F 259 -14.54 58.77 16.29
C LEU F 259 -14.86 60.15 15.63
N VAL F 260 -15.65 60.15 14.55
CA VAL F 260 -16.03 61.38 13.88
C VAL F 260 -16.83 62.22 14.88
N ALA F 261 -17.70 61.62 15.66
CA ALA F 261 -18.47 62.38 16.64
C ALA F 261 -17.64 62.81 17.85
N ASP F 262 -16.59 62.07 18.22
CA ASP F 262 -15.94 62.35 19.49
C ASP F 262 -14.46 62.06 19.47
N VAL F 263 -13.66 63.13 19.45
CA VAL F 263 -12.22 63.02 19.22
C VAL F 263 -11.51 62.48 20.46
N ASP F 264 -12.18 62.53 21.61
CA ASP F 264 -11.59 61.98 22.84
C ASP F 264 -11.45 60.47 22.78
N LEU F 265 -12.14 59.78 21.85
CA LEU F 265 -11.93 58.31 21.64
C LEU F 265 -10.67 57.99 20.81
N LEU F 266 -10.03 59.00 20.26
CA LEU F 266 -8.90 58.80 19.35
C LEU F 266 -7.60 58.21 19.97
N PRO F 267 -7.21 58.63 21.19
CA PRO F 267 -6.02 57.94 21.79
C PRO F 267 -6.18 56.39 21.90
N GLY F 268 -7.34 55.93 22.41
CA GLY F 268 -7.65 54.51 22.41
C GLY F 268 -7.62 53.86 21.02
N ALA F 269 -8.13 54.58 20.00
CA ALA F 269 -8.17 54.07 18.63
C ALA F 269 -6.73 53.86 18.12
N ILE F 270 -5.87 54.82 18.44
CA ILE F 270 -4.46 54.78 17.96
C ILE F 270 -3.80 53.54 18.60
N GLU F 271 -4.06 53.28 19.88
CA GLU F 271 -3.46 52.09 20.51
C GLU F 271 -3.96 50.79 19.81
N GLU F 272 -5.26 50.71 19.55
CA GLU F 272 -5.72 49.53 18.79
C GLU F 272 -5.12 49.45 17.37
N MET F 273 -5.02 50.60 16.68
CA MET F 273 -4.37 50.64 15.36
C MET F 273 -2.94 50.13 15.45
N LEU F 274 -2.22 50.56 16.48
CA LEU F 274 -0.84 50.05 16.68
C LEU F 274 -0.79 48.50 16.86
N ARG F 275 -1.62 48.00 17.78
CA ARG F 275 -1.61 46.57 18.06
C ARG F 275 -1.95 45.79 16.77
N TRP F 276 -2.99 46.24 16.07
CA TRP F 276 -3.56 45.50 14.97
C TRP F 276 -2.55 45.45 13.87
N THR F 277 -1.87 46.56 13.61
CA THR F 277 -1.02 46.58 12.44
C THR F 277 0.38 46.03 12.71
N SER F 278 0.87 46.20 13.94
CA SER F 278 2.21 45.59 14.37
C SER F 278 3.20 45.63 13.18
N PRO F 279 3.53 46.85 12.70
CA PRO F 279 4.34 46.97 11.45
C PRO F 279 5.69 46.30 11.55
N VAL F 280 6.33 46.31 12.74
CA VAL F 280 7.57 45.56 12.89
C VAL F 280 7.18 44.10 13.22
N LYS F 281 7.43 43.21 12.29
CA LYS F 281 6.94 41.83 12.39
C LYS F 281 7.84 41.00 13.29
N ASN F 282 9.10 41.42 13.41
CA ASN F 282 9.99 40.69 14.28
C ASN F 282 11.30 41.46 14.56
N MET F 283 11.91 41.16 15.70
CA MET F 283 13.30 41.61 15.96
C MET F 283 14.04 40.40 16.52
N CYS F 284 15.31 40.19 16.15
CA CYS F 284 16.07 39.02 16.61
C CYS F 284 16.86 39.33 17.89
N ARG F 285 17.13 38.26 18.61
CA ARG F 285 18.08 38.25 19.71
C ARG F 285 18.98 37.05 19.53
N THR F 286 20.19 37.16 20.04
CA THR F 286 21.12 36.07 20.01
C THR F 286 21.27 35.51 21.41
N LEU F 287 21.18 34.18 21.52
CA LEU F 287 21.32 33.48 22.84
C LEU F 287 22.74 33.59 23.29
N THR F 288 22.96 34.01 24.53
CA THR F 288 24.32 34.04 25.09
C THR F 288 24.67 32.76 25.92
N ALA F 289 23.65 31.90 26.13
CA ALA F 289 23.77 30.60 26.82
C ALA F 289 22.73 29.60 26.27
N ASP F 290 22.97 28.29 26.42
CA ASP F 290 21.94 27.28 26.19
C ASP F 290 20.80 27.48 27.20
N THR F 291 19.56 27.31 26.78
CA THR F 291 18.51 27.44 27.75
C THR F 291 17.25 26.70 27.26
N VAL F 292 16.40 26.18 28.13
CA VAL F 292 15.18 25.58 27.59
C VAL F 292 14.17 26.68 27.80
N PHE F 293 13.55 27.16 26.73
CA PHE F 293 12.75 28.37 26.83
C PHE F 293 11.34 28.09 26.33
N HIS F 294 10.35 28.13 27.23
CA HIS F 294 8.91 27.85 26.92
C HIS F 294 8.81 26.56 26.12
N GLY F 295 9.50 25.55 26.56
CA GLY F 295 9.42 24.31 25.88
C GLY F 295 10.46 23.97 24.84
N THR F 296 11.25 24.94 24.36
CA THR F 296 12.18 24.65 23.29
C THR F 296 13.64 24.76 23.72
N GLU F 297 14.44 23.74 23.42
CA GLU F 297 15.91 23.84 23.68
C GLU F 297 16.55 24.80 22.68
N LEU F 298 17.21 25.85 23.18
CA LEU F 298 17.93 26.83 22.44
C LEU F 298 19.41 26.75 22.78
N ARG F 299 20.25 27.00 21.78
CA ARG F 299 21.63 26.85 21.95
C ARG F 299 22.29 28.21 21.92
N ALA F 300 23.35 28.35 22.71
CA ALA F 300 24.14 29.58 22.69
C ALA F 300 24.49 29.94 21.26
N GLY F 301 24.45 31.21 20.91
CA GLY F 301 24.89 31.66 19.59
C GLY F 301 23.80 31.66 18.48
N GLU F 302 22.69 30.95 18.64
CA GLU F 302 21.60 31.01 17.65
C GLU F 302 20.73 32.25 17.89
N LYS F 303 19.99 32.66 16.86
CA LYS F 303 19.15 33.82 16.97
C LYS F 303 17.71 33.34 17.10
N ILE F 304 16.88 34.16 17.72
CA ILE F 304 15.46 33.83 17.90
C ILE F 304 14.73 35.10 17.49
N MET F 305 13.61 34.94 16.83
CA MET F 305 12.84 36.06 16.33
C MET F 305 11.75 36.36 17.35
N LEU F 306 11.58 37.63 17.73
CA LEU F 306 10.49 37.96 18.63
C LEU F 306 9.37 38.38 17.70
N MET F 307 8.29 37.63 17.66
CA MET F 307 7.20 37.83 16.70
C MET F 307 6.15 38.76 17.32
N PHE F 308 6.33 40.07 17.12
CA PHE F 308 5.50 41.04 17.79
C PHE F 308 4.04 40.98 17.43
N GLU F 309 3.75 40.63 16.16
CA GLU F 309 2.36 40.62 15.73
C GLU F 309 1.70 39.39 16.42
N SER F 310 2.43 38.29 16.44
CA SER F 310 1.88 37.10 17.11
C SER F 310 1.55 37.39 18.56
N ALA F 311 2.47 38.10 19.25
CA ALA F 311 2.29 38.43 20.66
C ALA F 311 1.08 39.36 20.79
N ASN F 312 0.91 40.26 19.83
CA ASN F 312 -0.19 41.22 19.85
C ASN F 312 -1.54 40.59 19.57
N PHE F 313 -1.53 39.33 19.14
CA PHE F 313 -2.81 38.55 18.89
C PHE F 313 -2.96 37.36 19.84
N ASP F 314 -2.20 37.43 20.92
CA ASP F 314 -2.20 36.40 21.98
C ASP F 314 -3.49 36.50 22.79
N GLU F 315 -4.42 35.59 22.56
CA GLU F 315 -5.68 35.56 23.30
C GLU F 315 -5.58 35.45 24.81
N SER F 316 -4.52 34.80 25.31
CA SER F 316 -4.38 34.61 26.80
C SER F 316 -4.18 35.97 27.43
N VAL F 317 -3.62 36.92 26.66
CA VAL F 317 -3.43 38.28 27.15
C VAL F 317 -4.55 39.24 26.77
N PHE F 318 -4.98 39.24 25.49
CA PHE F 318 -5.97 40.22 25.01
C PHE F 318 -7.46 39.75 25.11
N GLY F 319 -7.66 38.43 25.24
CA GLY F 319 -9.06 37.97 25.33
C GLY F 319 -9.65 37.77 23.92
N ASP F 320 -9.97 38.90 23.25
CA ASP F 320 -10.55 38.88 21.90
C ASP F 320 -9.73 39.69 20.87
N PRO F 321 -8.44 39.34 20.67
CA PRO F 321 -7.62 40.19 19.78
C PRO F 321 -8.08 40.18 18.32
N ASP F 322 -8.83 39.14 17.89
CA ASP F 322 -9.23 39.12 16.48
C ASP F 322 -10.38 40.11 16.22
N ASN F 323 -11.00 40.67 17.25
CA ASN F 323 -11.99 41.73 17.07
C ASN F 323 -11.24 43.07 17.12
N PHE F 324 -11.28 43.86 16.05
CA PHE F 324 -10.67 45.19 16.12
C PHE F 324 -11.61 46.07 16.98
N ARG F 325 -11.13 46.67 18.06
CA ARG F 325 -11.95 47.48 19.02
C ARG F 325 -11.15 48.73 19.48
N ILE F 326 -11.67 49.91 19.11
CA ILE F 326 -11.01 51.16 19.52
C ILE F 326 -11.17 51.42 21.03
N ASP F 327 -12.12 50.75 21.63
CA ASP F 327 -12.37 50.83 23.04
C ASP F 327 -11.59 49.81 23.90
N ARG F 328 -10.65 49.09 23.30
CA ARG F 328 -9.92 48.08 24.00
C ARG F 328 -9.14 48.72 25.16
N ASN F 329 -9.41 48.24 26.37
CA ASN F 329 -8.79 48.86 27.52
C ASN F 329 -8.76 47.83 28.61
N PRO F 330 -7.56 47.49 29.18
CA PRO F 330 -6.23 48.04 28.76
C PRO F 330 -5.79 47.53 27.41
N ASN F 331 -4.66 48.01 26.92
CA ASN F 331 -4.18 47.55 25.64
C ASN F 331 -2.68 47.54 25.64
N SER F 332 -2.09 46.61 26.36
CA SER F 332 -0.61 46.63 26.53
C SER F 332 0.05 45.90 25.39
N HIS F 333 -0.12 46.44 24.20
CA HIS F 333 0.46 45.80 23.01
C HIS F 333 2.01 46.04 22.95
N VAL F 334 2.69 45.17 22.24
CA VAL F 334 4.11 45.29 22.05
C VAL F 334 4.48 45.74 20.64
N ALA F 335 3.64 46.56 19.99
CA ALA F 335 4.00 47.02 18.66
C ALA F 335 5.37 47.78 18.67
N PHE F 336 5.64 48.49 19.78
CA PHE F 336 6.94 49.21 19.96
C PHE F 336 7.97 48.36 20.75
N GLY F 337 7.67 47.09 20.93
CA GLY F 337 8.56 46.22 21.68
C GLY F 337 8.34 46.46 23.16
N PHE F 338 9.38 46.25 23.95
CA PHE F 338 9.20 46.25 25.44
C PHE F 338 10.60 46.27 26.05
N GLY F 339 10.84 46.99 27.13
CA GLY F 339 12.11 46.84 27.76
C GLY F 339 13.12 47.95 27.40
N THR F 340 14.39 47.64 27.59
CA THR F 340 15.41 48.65 27.40
C THR F 340 15.42 49.23 25.96
N HIS F 341 15.07 48.42 24.93
CA HIS F 341 15.03 48.86 23.55
C HIS F 341 13.68 49.44 23.13
N PHE F 342 12.72 49.56 24.06
CA PHE F 342 11.40 50.08 23.74
C PHE F 342 11.46 51.35 22.82
N CYS F 343 10.78 51.29 21.68
CA CYS F 343 10.95 52.30 20.56
C CYS F 343 11.22 53.69 21.05
N LEU F 344 12.38 54.22 20.70
CA LEU F 344 12.67 55.60 21.01
C LEU F 344 11.69 56.65 20.41
N GLY F 345 11.17 56.33 19.24
CA GLY F 345 10.25 57.29 18.53
C GLY F 345 8.75 57.10 18.89
N ASN F 346 8.45 56.33 19.93
CA ASN F 346 7.06 55.91 20.17
C ASN F 346 6.13 57.11 20.37
N GLN F 347 6.61 58.14 21.06
CA GLN F 347 5.72 59.27 21.28
C GLN F 347 5.57 60.13 19.99
N LEU F 348 6.65 60.32 19.23
CA LEU F 348 6.53 61.04 17.94
C LEU F 348 5.61 60.24 17.02
N ALA F 349 5.80 58.90 16.91
CA ALA F 349 4.92 58.09 16.06
C ALA F 349 3.44 58.28 16.50
N ARG F 350 3.15 58.16 17.80
CA ARG F 350 1.78 58.36 18.28
C ARG F 350 1.28 59.76 17.93
N LEU F 351 2.14 60.75 18.08
CA LEU F 351 1.75 62.12 17.67
C LEU F 351 1.37 62.23 16.17
N GLU F 352 2.22 61.74 15.27
CA GLU F 352 1.93 61.75 13.82
C GLU F 352 0.58 61.03 13.55
N LEU F 353 0.41 59.85 14.14
CA LEU F 353 -0.84 59.07 13.95
C LEU F 353 -2.03 59.87 14.44
N ARG F 354 -1.97 60.49 15.59
CA ARG F 354 -3.12 61.21 16.14
C ARG F 354 -3.42 62.48 15.31
N LEU F 355 -2.39 63.25 14.99
CA LEU F 355 -2.60 64.54 14.27
C LEU F 355 -3.15 64.24 12.92
N MET F 356 -2.63 63.23 12.24
CA MET F 356 -3.15 62.97 10.88
C MET F 356 -4.57 62.39 10.92
N THR F 357 -4.77 61.42 11.80
CA THR F 357 -6.13 60.77 11.93
C THR F 357 -7.20 61.78 12.36
N GLU F 358 -6.85 62.66 13.29
CA GLU F 358 -7.82 63.68 13.65
C GLU F 358 -8.28 64.52 12.38
N ARG F 359 -7.30 64.84 11.52
CA ARG F 359 -7.60 65.66 10.36
C ARG F 359 -8.38 64.87 9.26
N VAL F 360 -8.00 63.61 9.08
CA VAL F 360 -8.71 62.69 8.22
C VAL F 360 -10.21 62.58 8.69
N LEU F 361 -10.42 62.34 10.00
CA LEU F 361 -11.83 62.31 10.58
C LEU F 361 -12.63 63.56 10.34
N ARG F 362 -11.99 64.68 10.62
CA ARG F 362 -12.65 65.98 10.44
C ARG F 362 -12.84 66.36 8.93
N ARG F 363 -11.83 66.16 8.08
CA ARG F 363 -11.90 66.70 6.71
C ARG F 363 -12.49 65.70 5.72
N LEU F 364 -12.39 64.39 6.01
CA LEU F 364 -12.97 63.33 5.15
C LEU F 364 -13.92 62.45 5.96
N PRO F 365 -15.01 63.06 6.49
CA PRO F 365 -15.77 62.32 7.49
C PRO F 365 -16.55 61.15 6.92
N ASP F 366 -16.74 61.10 5.59
CA ASP F 366 -17.46 59.96 4.99
C ASP F 366 -16.48 58.99 4.23
N LEU F 367 -15.19 59.07 4.53
CA LEU F 367 -14.18 58.18 3.92
C LEU F 367 -14.53 56.69 3.91
N ARG F 368 -14.23 56.03 2.80
CA ARG F 368 -14.48 54.62 2.68
C ARG F 368 -13.46 54.00 1.79
N LEU F 369 -13.24 52.71 1.98
CA LEU F 369 -12.45 51.93 1.03
C LEU F 369 -13.15 51.92 -0.31
N ALA F 370 -12.41 52.06 -1.42
CA ALA F 370 -13.05 52.03 -2.79
C ALA F 370 -13.72 50.68 -3.03
N ASP F 371 -13.13 49.57 -2.55
CA ASP F 371 -13.89 48.31 -2.44
C ASP F 371 -13.43 47.44 -1.28
N ASP F 372 -14.27 46.52 -0.86
CA ASP F 372 -14.01 45.80 0.41
C ASP F 372 -12.97 44.67 0.37
N ALA F 373 -12.44 44.37 -0.81
CA ALA F 373 -11.48 43.29 -1.00
C ALA F 373 -10.27 43.57 -0.12
N PRO F 374 -9.51 42.51 0.23
CA PRO F 374 -8.36 42.77 1.03
C PRO F 374 -7.35 43.69 0.36
N VAL F 375 -6.68 44.47 1.19
CA VAL F 375 -5.73 45.47 0.78
C VAL F 375 -4.39 44.68 0.60
N PRO F 376 -3.69 44.82 -0.56
CA PRO F 376 -2.38 44.13 -0.74
C PRO F 376 -1.39 44.59 0.32
N LEU F 377 -0.61 43.64 0.83
CA LEU F 377 0.42 43.91 1.86
C LEU F 377 1.79 43.70 1.23
N ARG F 378 2.76 44.36 1.81
CA ARG F 378 4.11 44.38 1.20
C ARG F 378 4.85 43.12 1.61
N PRO F 379 5.29 42.35 0.62
CA PRO F 379 6.10 41.18 1.06
C PRO F 379 7.50 41.64 1.55
N ALA F 380 7.74 41.48 2.83
CA ALA F 380 9.00 41.89 3.43
C ALA F 380 9.01 41.13 4.75
N ASN F 381 10.20 40.72 5.23
CA ASN F 381 10.28 39.87 6.39
C ASN F 381 10.51 40.67 7.69
N PHE F 382 10.48 41.99 7.55
CA PHE F 382 10.90 42.83 8.69
C PHE F 382 9.87 43.86 9.07
N VAL F 383 9.60 44.82 8.19
CA VAL F 383 8.58 45.84 8.41
C VAL F 383 7.58 45.72 7.25
N SER F 384 6.27 45.58 7.53
CA SER F 384 5.37 45.37 6.42
C SER F 384 3.97 45.91 6.74
N GLY F 385 3.22 46.22 5.69
CA GLY F 385 1.88 46.82 5.86
C GLY F 385 1.36 47.08 4.47
N PRO F 386 0.25 47.82 4.38
CA PRO F 386 -0.39 48.03 3.05
C PRO F 386 0.52 48.60 1.87
N GLU F 387 0.50 47.99 0.70
CA GLU F 387 1.19 48.58 -0.49
C GLU F 387 0.37 49.69 -1.15
N SER F 388 -0.97 49.54 -1.12
CA SER F 388 -1.87 50.58 -1.71
C SER F 388 -3.23 50.47 -1.06
N MET F 389 -3.99 51.54 -1.06
CA MET F 389 -5.33 51.49 -0.44
C MET F 389 -6.19 52.57 -1.04
N PRO F 390 -6.84 52.27 -2.17
CA PRO F 390 -7.78 53.20 -2.83
C PRO F 390 -8.96 53.56 -1.88
N VAL F 391 -9.20 54.84 -1.72
CA VAL F 391 -10.29 55.33 -0.88
C VAL F 391 -11.11 56.36 -1.62
N VAL F 392 -12.33 56.61 -1.11
CA VAL F 392 -13.23 57.58 -1.71
C VAL F 392 -13.91 58.38 -0.62
N PHE F 393 -14.40 59.57 -0.94
CA PHE F 393 -14.98 60.52 0.01
C PHE F 393 -15.65 61.65 -0.76
N THR F 394 -16.58 62.34 -0.11
CA THR F 394 -17.13 63.55 -0.69
C THR F 394 -16.01 64.59 -0.74
N PRO F 395 -15.77 65.17 -1.94
CA PRO F 395 -14.73 66.25 -2.07
C PRO F 395 -15.05 67.48 -1.19
N SER F 396 -14.01 68.19 -0.76
CA SER F 396 -14.12 69.46 -0.03
C SER F 396 -13.01 70.44 -0.51
N ALA F 397 -13.01 71.67 0.03
CA ALA F 397 -12.13 72.74 -0.43
C ALA F 397 -10.84 72.70 0.37
N PRO F 398 -9.71 72.85 -0.32
CA PRO F 398 -8.40 72.72 0.37
C PRO F 398 -8.23 73.83 1.41
N VAL F 399 -7.50 73.61 2.52
CA VAL F 399 -7.27 74.74 3.45
C VAL F 399 -6.24 75.80 2.97
N LEU F 400 -5.13 75.36 2.37
CA LEU F 400 -4.15 76.27 1.67
C LEU F 400 -3.63 77.24 2.74
N ALA F 401 -3.20 76.62 3.85
CA ALA F 401 -2.71 77.31 5.05
C ALA F 401 -1.67 78.48 4.77
N HIS F 402 -0.58 78.18 4.05
CA HIS F 402 0.45 79.19 3.69
C HIS F 402 -0.13 80.43 2.96
N HIS F 403 -1.40 80.42 2.48
CA HIS F 403 -1.97 81.63 1.77
C HIS F 403 -2.41 82.74 2.75
#